data_9G75
#
_entry.id   9G75
#
_cell.length_a   1.00
_cell.length_b   1.00
_cell.length_c   1.00
_cell.angle_alpha   90.00
_cell.angle_beta   90.00
_cell.angle_gamma   90.00
#
_symmetry.space_group_name_H-M   'P 1'
#
loop_
_entity.id
_entity.type
_entity.pdbx_description
1 polymer 'DNA polymerase subunit gamma-1'
2 polymer 'DNA polymerase subunit gamma-2'
3 polymer 'DNA (primer strand)'
4 polymer 'DNA (template strand)'
#
loop_
_entity_poly.entity_id
_entity_poly.type
_entity_poly.pdbx_seq_one_letter_code
_entity_poly.pdbx_strand_id
1 'polypeptide(L)'
;MHHHHHHVSSSVLDPVPSDGRPPSQMPSSENGQLRLNPLLIQMLSRGLHEQIFGCGGEMPDEAAVQRSVEHLQKHGLWGQ
PATPLPDVELRLPRLFGGNLDQHFRLLAQKQSLPYLEAAASLLEAQLPPEPKSWAWAEGWTRYGPEGEAEPVAIPEERAL
VFDVEVCLAEGTCPTLAVAISPSAWYSWCSRRLVEERYSWTSQLSPADLIPLGGSTSASSSTKQDGQEQLVVGHNVSFDR
AHIREQYLIQDSRMRFLDTMSMHMAISGLSSFQRSLWMGAKQGKHKTQQSTKRGQKSPRKANGPAISSWDWMDISSANNL
ADVHNLYVGGPPLEKEPRELFVKGSMRDIRENFQDLMQYCARDVWATFEVFQQQLPLFLERCPHPVTLAGMLEMGVSYLP
VNQNWERYLTEAQNTYEELQREMKKSLMDLANDACQLLSGERYKEDPWLWDLEWDLQEFKQKKAKKVKKPASASKLPIEG
AGPFGDPMDQEDPGPPSEEEELQRSVTAHNRLQQLRSTTDLLPKRPQHLPGHPGWYRKLCPRLDDPAWAPGPSLLSLQMR
VTPKLMALTWDGFPLHYSDSHGWGYLVPGRRDNLTEPPVSPTVESAAVTCPYRAIESLYRKHCLEQGKQQLEPQEVDLAE
EFLLTDSSAMWQTVEELGCLDVEAEAKMENSGLSQPLVLPAACAPKSSQPTYHHGNGPYNDVNIPGCWFFKLPHKDGNNY
NVGSPFAKDFLPKMEDGTLQAGPGGASGPRALEINKMISFWRNAHKRISSQMVVWLPRSALPRVVTRHPSFDEEGHYGAI
LPQVVTAGTITRRAVEPTWLTASNARPDRVGSELKAMVQAPPGYVLVGADVDSQELWIAAVLGDAHFAGMHGCTAFGWMT
LQGRKSRGTDLHSKTAATVGISREHAKIFNYGRIYGAGQSFAERLLMQFNHRLTRQEAAEKAQQMYAVTKGLRRYRLSAD
GEWLVKQLNLPVDRTEDGWVSLQDLRMIRREASRKSRWKKWEVASERAWTGGTESEMFNKLESIAMSDTPRTPVLGCCIS
RALEPSVVQGEFITSRVNWVVQSSAVDYLHLMLVAMKWLFEEFAIDGRFCISIHDEVRYLVREEDRYRAALALQITNLLT
RCMFAYKLGLNDLPQSVAFFSAVDIDQCLRKEVTMDCKTPSNPTGMERRYGIPQGEALDIYQIIELTKGSLEKRSQPGP
;
A
2 'polypeptide(L)'
;MWLSGYAGPADGTQQPDAPEHAVAREALVDLCRRRHFFSGTPQQLSTAALLSGCHARFGPLGVELRKNLASQWWSSMVVF
REQVFAVDSLHQEPGSSQPRDSAFRLVSPESIREILQDREPSKEQLVAFLENLLKTSGKLRATLLHGALEHYVNCLDLVN
RKLPFGLAQIGVCFHPVSNSNQTPSSVTRVGEKTEASLVWFTPTRTSSQWLDFWLRHRLLWWRKFAMSPSNFSSADCQDE
LGRKGSKLYYSFPWGKEPIETLWNLGDQELLHTYPGNVSTIQGRDGRKNVVPCVLSVSGDVDLGTLAYLYDSFQLAENSF
ARKKSLQRKVLKLHPCLAPIKVALDVGKGPTVELRQVCQGLLNELLENGISVWPGYSETVHSSLEQLHSKYDEMSVLFSV
LVTETTLENGLIQLRSRDTTMKEMMHISKLRDFLVKYLASASNVHHHHHH
;
B,C
3 'polydeoxyribonucleotide'
;(DG)(DC)(DA)(DT)(DG)(DC)(DG)(DG)(DT)(DC)(DG)(DA)(DG)(DT)(DC)(DT)(DA)(DG)(DA)(DG)
(DG)(DA)(DG)(DC)(DT)
;
P
4 'polydeoxyribonucleotide'
;(DT)(DT)(DT)(DT)(DT)(DT)(DT)(DT)(DT)(DT)(DA)(DT)(DC)(DC)(DG)(DG)(DG)(DC)(DT)(DC)
(DC)(DT)(DC)(DT)(DA)(DG)(DA)(DC)(DT)(DC)(DG)(DA)(DC)(DC)(DG)(DC)(DA)(DT)(DG)(DC)
;
T
#
# COMPACT_ATOMS: atom_id res chain seq x y z
N LEU A 34 -25.97 -40.92 38.17
CA LEU A 34 -25.27 -40.04 39.10
C LEU A 34 -24.46 -40.83 40.13
N ARG A 35 -23.15 -40.62 40.13
CA ARG A 35 -22.25 -41.26 41.07
C ARG A 35 -21.43 -40.20 41.79
N LEU A 36 -21.29 -40.37 43.10
CA LEU A 36 -20.59 -39.40 43.94
C LEU A 36 -19.55 -40.10 44.79
N ASN A 37 -18.43 -39.43 45.02
CA ASN A 37 -17.42 -39.98 45.92
C ASN A 37 -17.81 -39.60 47.33
N PRO A 38 -17.19 -40.23 48.34
CA PRO A 38 -17.51 -39.87 49.72
C PRO A 38 -17.33 -38.40 50.02
N LEU A 39 -16.45 -37.70 49.29
CA LEU A 39 -16.31 -36.25 49.39
C LEU A 39 -17.33 -35.50 48.54
N LEU A 40 -18.40 -36.18 48.10
CA LEU A 40 -19.49 -35.59 47.32
C LEU A 40 -19.03 -35.06 45.97
N ILE A 41 -17.94 -35.59 45.43
CA ILE A 41 -17.46 -35.17 44.11
C ILE A 41 -18.17 -36.00 43.05
N GLN A 42 -18.77 -35.32 42.08
CA GLN A 42 -19.46 -36.01 40.99
C GLN A 42 -18.46 -36.72 40.10
N MET A 43 -18.81 -37.95 39.71
CA MET A 43 -17.93 -38.81 38.93
C MET A 43 -18.66 -39.28 37.66
N LEU A 44 -18.05 -40.23 36.97
CA LEU A 44 -18.63 -40.76 35.73
C LEU A 44 -19.92 -41.51 36.02
N SER A 45 -20.82 -41.50 35.03
CA SER A 45 -22.07 -42.22 35.13
C SER A 45 -21.82 -43.73 35.03
N ARG A 46 -22.85 -44.50 35.38
CA ARG A 46 -22.72 -45.96 35.38
C ARG A 46 -22.43 -46.49 33.98
N GLY A 47 -23.12 -45.96 32.97
CA GLY A 47 -22.92 -46.46 31.62
C GLY A 47 -21.49 -46.28 31.13
N LEU A 48 -20.89 -45.13 31.42
CA LEU A 48 -19.50 -44.91 31.03
C LEU A 48 -18.55 -45.68 31.94
N HIS A 49 -18.82 -45.71 33.24
CA HIS A 49 -17.90 -46.35 34.18
C HIS A 49 -17.80 -47.85 33.94
N GLU A 50 -18.92 -48.50 33.67
CA GLU A 50 -18.91 -49.94 33.42
C GLU A 50 -18.05 -50.27 32.20
N GLN A 51 -18.23 -49.54 31.11
CA GLN A 51 -17.45 -49.79 29.90
C GLN A 51 -15.96 -49.50 30.13
N ILE A 52 -15.66 -48.41 30.84
CA ILE A 52 -14.27 -48.00 31.00
C ILE A 52 -13.62 -48.79 32.14
N PHE A 53 -14.22 -48.75 33.33
CA PHE A 53 -13.67 -49.46 34.48
C PHE A 53 -14.51 -50.68 34.82
N ALA A 63 -11.29 -45.97 53.90
CA ALA A 63 -10.84 -45.74 55.27
C ALA A 63 -10.07 -44.43 55.38
N ALA A 64 -9.59 -43.93 54.25
CA ALA A 64 -8.83 -42.69 54.21
C ALA A 64 -9.71 -41.46 54.03
N VAL A 65 -11.04 -41.63 54.00
CA VAL A 65 -11.94 -40.49 53.83
C VAL A 65 -11.82 -39.54 55.03
N GLN A 66 -11.71 -40.10 56.24
CA GLN A 66 -11.64 -39.28 57.43
C GLN A 66 -10.42 -38.36 57.42
N ARG A 67 -9.28 -38.87 56.97
CA ARG A 67 -8.08 -38.04 56.87
C ARG A 67 -8.27 -36.92 55.86
N SER A 68 -8.93 -37.22 54.74
CA SER A 68 -9.14 -36.20 53.70
C SER A 68 -10.03 -35.06 54.19
N VAL A 69 -11.06 -35.36 54.96
CA VAL A 69 -11.97 -34.33 55.43
C VAL A 69 -11.26 -33.40 56.42
N GLU A 70 -10.37 -33.96 57.26
CA GLU A 70 -9.68 -33.15 58.26
C GLU A 70 -8.84 -32.06 57.62
N HIS A 71 -8.10 -32.41 56.56
CA HIS A 71 -7.37 -31.39 55.82
C HIS A 71 -8.32 -30.48 55.06
N LEU A 72 -9.42 -31.03 54.55
CA LEU A 72 -10.40 -30.23 53.81
C LEU A 72 -11.06 -29.21 54.71
N GLN A 73 -11.41 -29.59 55.95
CA GLN A 73 -12.09 -28.67 56.84
C GLN A 73 -11.12 -27.64 57.42
N LYS A 74 -9.85 -27.99 57.54
CA LYS A 74 -8.86 -27.06 58.07
C LYS A 74 -8.72 -25.84 57.17
N HIS A 75 -8.68 -26.06 55.85
CA HIS A 75 -8.61 -24.94 54.91
C HIS A 75 -9.95 -24.23 54.81
N GLY A 76 -11.04 -24.95 55.03
CA GLY A 76 -12.37 -24.40 54.93
C GLY A 76 -13.20 -24.86 53.75
N LEU A 77 -12.84 -25.97 53.11
CA LEU A 77 -13.55 -26.49 51.94
C LEU A 77 -14.44 -27.67 52.27
N TRP A 78 -14.63 -27.99 53.54
CA TRP A 78 -15.49 -29.10 53.93
C TRP A 78 -16.95 -28.77 53.60
N GLY A 79 -17.66 -29.74 53.04
CA GLY A 79 -19.04 -29.52 52.66
C GLY A 79 -19.17 -28.68 51.41
N GLN A 80 -20.20 -27.84 51.37
CA GLN A 80 -20.49 -26.97 50.23
C GLN A 80 -20.62 -27.79 48.93
N PRO A 81 -21.65 -28.63 48.80
CA PRO A 81 -21.78 -29.45 47.60
C PRO A 81 -22.16 -28.64 46.38
N ALA A 82 -22.11 -29.27 45.20
CA ALA A 82 -22.44 -28.61 43.95
C ALA A 82 -23.51 -29.43 43.22
N THR A 83 -24.25 -28.75 42.36
CA THR A 83 -25.32 -29.39 41.60
C THR A 83 -24.73 -30.43 40.64
N PRO A 84 -25.43 -31.55 40.45
CA PRO A 84 -24.91 -32.59 39.56
C PRO A 84 -25.11 -32.25 38.09
N LEU A 85 -24.05 -32.37 37.30
CA LEU A 85 -24.15 -32.15 35.87
C LEU A 85 -25.00 -33.26 35.24
N PRO A 86 -25.68 -32.97 34.13
CA PRO A 86 -26.50 -33.99 33.48
C PRO A 86 -25.68 -35.21 33.11
N ASP A 87 -26.25 -36.40 33.33
CA ASP A 87 -25.56 -37.65 33.05
C ASP A 87 -25.32 -37.80 31.55
N VAL A 88 -24.13 -38.26 31.20
CA VAL A 88 -23.72 -38.44 29.82
C VAL A 88 -23.56 -39.93 29.54
N GLU A 89 -24.17 -40.39 28.46
CA GLU A 89 -24.07 -41.79 28.04
C GLU A 89 -23.63 -41.85 26.59
N LEU A 90 -22.71 -42.76 26.28
CA LEU A 90 -22.16 -42.90 24.94
C LEU A 90 -21.99 -44.37 24.61
N ARG A 91 -22.02 -44.67 23.32
CA ARG A 91 -21.75 -46.02 22.83
C ARG A 91 -20.28 -46.11 22.40
N LEU A 92 -19.42 -46.05 23.41
CA LEU A 92 -17.99 -46.08 23.16
C LEU A 92 -17.59 -47.42 22.55
N PRO A 93 -16.62 -47.44 21.63
CA PRO A 93 -16.14 -48.71 21.08
C PRO A 93 -15.45 -49.54 22.16
N ARG A 94 -15.50 -50.85 21.98
CA ARG A 94 -14.91 -51.76 22.96
C ARG A 94 -13.42 -51.49 23.12
N LEU A 95 -13.01 -51.23 24.36
CA LEU A 95 -11.60 -50.92 24.62
C LEU A 95 -10.75 -52.18 24.48
N PHE A 96 -9.68 -52.07 23.70
CA PHE A 96 -8.81 -53.22 23.47
C PHE A 96 -7.96 -53.50 24.69
N GLY A 97 -7.69 -54.79 24.92
CA GLY A 97 -6.80 -55.19 25.99
C GLY A 97 -7.34 -55.02 27.39
N GLY A 98 -8.62 -54.68 27.54
CA GLY A 98 -9.20 -54.48 28.86
C GLY A 98 -9.05 -53.07 29.37
N ASN A 99 -8.04 -52.84 30.20
CA ASN A 99 -7.85 -51.54 30.82
C ASN A 99 -7.42 -50.48 29.79
N LEU A 100 -7.51 -49.22 30.20
CA LEU A 100 -7.20 -48.11 29.29
C LEU A 100 -5.73 -48.11 28.88
N ASP A 101 -4.84 -48.42 29.83
CA ASP A 101 -3.40 -48.39 29.53
C ASP A 101 -3.05 -49.37 28.43
N GLN A 102 -3.54 -50.61 28.55
CA GLN A 102 -3.31 -51.59 27.50
C GLN A 102 -3.96 -51.17 26.19
N HIS A 103 -5.12 -50.52 26.27
CA HIS A 103 -5.78 -50.02 25.07
C HIS A 103 -4.89 -49.03 24.32
N PHE A 104 -4.36 -48.04 25.03
CA PHE A 104 -3.51 -47.04 24.37
C PHE A 104 -2.20 -47.65 23.91
N ARG A 105 -1.66 -48.62 24.66
CA ARG A 105 -0.45 -49.31 24.21
C ARG A 105 -0.70 -50.04 22.91
N LEU A 106 -1.84 -50.72 22.79
CA LEU A 106 -2.18 -51.41 21.55
C LEU A 106 -2.39 -50.43 20.41
N LEU A 107 -3.03 -49.29 20.69
CA LEU A 107 -3.21 -48.27 19.65
C LEU A 107 -1.87 -47.77 19.14
N ALA A 108 -0.95 -47.47 20.04
CA ALA A 108 0.37 -46.99 19.63
C ALA A 108 1.13 -48.06 18.87
N GLN A 109 1.04 -49.32 19.33
CA GLN A 109 1.76 -50.41 18.68
C GLN A 109 1.17 -50.79 17.34
N LYS A 110 -0.10 -50.44 17.08
CA LYS A 110 -0.67 -50.65 15.76
C LYS A 110 -0.51 -49.43 14.86
N GLN A 111 -0.24 -48.26 15.45
CA GLN A 111 -0.06 -47.05 14.66
C GLN A 111 1.38 -46.87 14.20
N SER A 112 2.34 -47.04 15.10
CA SER A 112 3.74 -46.77 14.79
C SER A 112 4.53 -48.03 14.45
N LEU A 113 3.87 -49.18 14.27
CA LEU A 113 4.58 -50.42 13.98
C LEU A 113 5.38 -50.37 12.68
N PRO A 114 4.81 -49.97 11.52
CA PRO A 114 5.64 -49.94 10.31
C PRO A 114 6.80 -48.97 10.38
N TYR A 115 6.64 -47.85 11.08
CA TYR A 115 7.70 -46.85 11.14
C TYR A 115 8.83 -47.27 12.06
N LEU A 116 8.54 -48.06 13.09
CA LEU A 116 9.61 -48.66 13.88
C LEU A 116 10.49 -49.56 13.03
N GLU A 117 9.86 -50.38 12.18
CA GLU A 117 10.63 -51.23 11.27
C GLU A 117 11.39 -50.39 10.25
N ALA A 118 10.78 -49.31 9.77
CA ALA A 118 11.46 -48.43 8.83
C ALA A 118 12.71 -47.81 9.46
N ALA A 119 12.61 -47.38 10.72
CA ALA A 119 13.78 -46.87 11.42
C ALA A 119 14.81 -47.97 11.65
N ALA A 120 14.36 -49.19 11.96
CA ALA A 120 15.28 -50.30 12.17
C ALA A 120 16.01 -50.68 10.89
N SER A 121 15.42 -50.38 9.72
CA SER A 121 16.08 -50.69 8.47
C SER A 121 17.38 -49.93 8.31
N LEU A 122 17.38 -48.65 8.71
CA LEU A 122 18.61 -47.86 8.64
C LEU A 122 19.67 -48.37 9.62
N LEU A 123 19.24 -48.82 10.80
CA LEU A 123 20.18 -49.24 11.84
C LEU A 123 21.03 -50.44 11.42
N GLU A 124 20.56 -51.23 10.47
CA GLU A 124 21.31 -52.38 9.98
C GLU A 124 21.60 -52.28 8.48
N ALA A 125 21.48 -51.09 7.91
CA ALA A 125 21.67 -50.92 6.48
C ALA A 125 23.15 -50.97 6.11
N GLN A 126 23.41 -51.32 4.86
CA GLN A 126 24.77 -51.34 4.37
C GLN A 126 24.74 -50.51 3.10
N LEU A 127 25.86 -49.91 2.74
CA LEU A 127 25.92 -49.03 1.58
C LEU A 127 27.37 -48.65 1.28
N PRO A 128 27.69 -48.29 0.04
CA PRO A 128 29.05 -47.82 -0.27
C PRO A 128 29.31 -46.48 0.39
N PRO A 129 30.59 -46.08 0.53
CA PRO A 129 30.88 -44.78 1.16
C PRO A 129 30.44 -43.61 0.30
N GLU A 130 30.73 -42.39 0.77
CA GLU A 130 30.33 -41.16 0.09
C GLU A 130 30.89 -41.13 -1.32
N PRO A 131 30.04 -41.22 -2.35
CA PRO A 131 30.49 -41.22 -3.75
C PRO A 131 31.10 -39.88 -4.17
N SER A 133 31.17 -39.32 -8.04
CA SER A 133 31.34 -37.89 -8.24
C SER A 133 29.99 -37.16 -8.18
N TRP A 134 30.03 -35.89 -7.78
CA TRP A 134 28.82 -35.10 -7.72
C TRP A 134 28.21 -34.96 -9.10
N ALA A 135 26.88 -35.02 -9.17
CA ALA A 135 26.15 -34.96 -10.42
C ALA A 135 25.52 -33.58 -10.59
N TRP A 136 25.82 -32.94 -11.71
CA TRP A 136 25.30 -31.63 -12.05
C TRP A 136 23.96 -31.70 -12.78
N ALA A 137 23.46 -32.90 -13.06
CA ALA A 137 22.21 -33.07 -13.79
C ALA A 137 21.02 -32.60 -12.96
N GLU A 138 19.82 -32.74 -13.53
CA GLU A 138 18.60 -32.27 -12.90
C GLU A 138 17.80 -33.44 -12.36
N GLY A 139 17.11 -33.21 -11.24
CA GLY A 139 16.29 -34.24 -10.62
C GLY A 139 17.02 -35.04 -9.57
N TRP A 140 16.55 -36.27 -9.33
CA TRP A 140 17.18 -37.16 -8.36
C TRP A 140 18.07 -38.17 -9.08
N THR A 141 19.30 -38.31 -8.59
CA THR A 141 20.28 -39.21 -9.16
C THR A 141 20.64 -40.29 -8.16
N ARG A 142 20.68 -41.53 -8.62
CA ARG A 142 20.98 -42.68 -7.78
C ARG A 142 22.47 -42.99 -7.87
N TYR A 143 23.16 -42.93 -6.72
CA TYR A 143 24.60 -43.20 -6.65
C TYR A 143 24.80 -44.66 -6.25
N GLY A 144 24.89 -45.51 -7.26
CA GLY A 144 25.05 -46.93 -7.05
C GLY A 144 26.42 -47.28 -6.49
N PRO A 145 26.58 -48.54 -6.05
CA PRO A 145 27.81 -49.13 -5.48
C PRO A 145 29.09 -48.68 -6.18
N VAL A 152 16.75 -42.91 -10.05
CA VAL A 152 15.38 -43.13 -10.49
C VAL A 152 14.58 -41.86 -10.29
N ALA A 153 13.63 -41.60 -11.19
CA ALA A 153 12.83 -40.38 -11.10
C ALA A 153 12.65 -39.95 -9.66
N ILE A 154 12.36 -40.91 -8.79
CA ILE A 154 12.23 -40.61 -7.36
C ILE A 154 12.87 -41.74 -6.55
N PRO A 155 13.37 -41.46 -5.35
CA PRO A 155 13.84 -42.55 -4.48
C PRO A 155 12.71 -43.54 -4.19
N GLU A 156 13.06 -44.82 -4.17
CA GLU A 156 12.07 -45.88 -4.00
C GLU A 156 12.04 -46.48 -2.61
N GLU A 157 13.16 -46.47 -1.90
CA GLU A 157 13.23 -47.11 -0.59
C GLU A 157 12.42 -46.32 0.43
N ARG A 158 12.04 -47.02 1.50
CA ARG A 158 11.13 -46.48 2.51
C ARG A 158 11.86 -45.76 3.65
N ALA A 159 13.18 -45.76 3.66
CA ALA A 159 13.96 -45.11 4.71
C ALA A 159 14.93 -44.13 4.08
N LEU A 160 14.97 -42.91 4.58
CA LEU A 160 15.77 -41.85 3.97
C LEU A 160 16.26 -40.90 5.06
N VAL A 161 17.56 -40.87 5.29
CA VAL A 161 18.18 -39.78 6.04
C VAL A 161 18.38 -38.62 5.09
N PHE A 162 17.89 -37.44 5.47
CA PHE A 162 17.71 -36.36 4.52
C PHE A 162 18.32 -35.07 5.06
N ASP A 163 18.75 -34.21 4.14
CA ASP A 163 19.20 -32.87 4.45
C ASP A 163 19.11 -32.03 3.18
N VAL A 164 18.69 -30.77 3.32
CA VAL A 164 18.47 -29.88 2.19
C VAL A 164 19.33 -28.63 2.37
N GLU A 165 19.94 -28.18 1.27
CA GLU A 165 20.66 -26.92 1.23
C GLU A 165 19.92 -25.96 0.32
N VAL A 166 19.77 -24.71 0.77
CA VAL A 166 18.97 -23.72 0.07
C VAL A 166 19.79 -22.45 -0.08
N CYS A 167 19.79 -21.89 -1.30
CA CYS A 167 20.44 -20.61 -1.56
C CYS A 167 19.50 -19.48 -1.18
N LEU A 168 19.95 -18.57 -0.33
CA LEU A 168 19.08 -17.52 0.14
C LEU A 168 18.88 -16.44 -0.91
N ALA A 169 19.70 -16.41 -1.96
CA ALA A 169 19.48 -15.45 -3.03
C ALA A 169 18.14 -15.70 -3.70
N GLU A 170 17.82 -16.96 -3.99
CA GLU A 170 16.49 -17.31 -4.46
C GLU A 170 15.45 -17.28 -3.35
N GLY A 171 15.88 -17.11 -2.11
CA GLY A 171 14.98 -16.98 -0.98
C GLY A 171 14.55 -18.29 -0.35
N THR A 172 13.61 -18.98 -0.99
CA THR A 172 12.96 -20.14 -0.39
C THR A 172 13.04 -21.41 -1.22
N CYS A 173 13.22 -21.32 -2.52
CA CYS A 173 13.27 -22.52 -3.35
C CYS A 173 14.48 -23.36 -2.96
N PRO A 174 14.31 -24.67 -2.76
CA PRO A 174 15.46 -25.52 -2.41
C PRO A 174 16.50 -25.53 -3.53
N THR A 175 17.78 -25.55 -3.13
CA THR A 175 18.89 -25.53 -4.07
C THR A 175 19.44 -26.93 -4.35
N LEU A 176 19.87 -27.63 -3.31
CA LEU A 176 20.31 -29.01 -3.47
C LEU A 176 20.04 -29.77 -2.18
N ALA A 177 19.96 -31.09 -2.30
CA ALA A 177 19.72 -31.95 -1.15
C ALA A 177 20.42 -33.28 -1.38
N VAL A 178 20.74 -33.96 -0.27
CA VAL A 178 21.40 -35.25 -0.28
C VAL A 178 20.59 -36.19 0.59
N ALA A 179 20.36 -37.41 0.11
CA ALA A 179 19.57 -38.40 0.82
C ALA A 179 20.35 -39.69 1.01
N ILE A 180 20.31 -40.20 2.24
CA ILE A 180 20.96 -41.47 2.54
C ILE A 180 19.89 -42.54 2.57
N SER A 181 20.09 -43.61 1.84
CA SER A 181 19.16 -44.73 1.76
C SER A 181 19.96 -46.02 1.72
N PRO A 182 19.38 -47.13 2.19
CA PRO A 182 20.09 -48.41 2.11
C PRO A 182 20.46 -48.75 0.68
N SER A 183 21.69 -49.25 0.50
CA SER A 183 22.26 -49.74 -0.75
C SER A 183 22.53 -48.64 -1.77
N ALA A 184 22.16 -47.38 -1.50
CA ALA A 184 22.39 -46.31 -2.46
C ALA A 184 22.23 -44.92 -1.86
N TRP A 185 23.21 -44.05 -2.08
CA TRP A 185 23.07 -42.63 -1.78
C TRP A 185 22.17 -41.96 -2.81
N TYR A 186 21.70 -40.76 -2.49
CA TYR A 186 20.88 -39.99 -3.41
C TYR A 186 21.27 -38.53 -3.32
N SER A 187 21.23 -37.84 -4.47
CA SER A 187 21.58 -36.43 -4.57
C SER A 187 20.52 -35.70 -5.36
N TRP A 188 20.24 -34.46 -4.97
CA TRP A 188 19.23 -33.63 -5.61
C TRP A 188 19.82 -32.30 -6.02
N CYS A 189 19.50 -31.87 -7.24
CA CYS A 189 19.93 -30.57 -7.76
C CYS A 189 18.73 -29.86 -8.35
N SER A 190 18.56 -28.59 -7.99
CA SER A 190 17.40 -27.83 -8.43
C SER A 190 17.56 -27.39 -9.88
N ARG A 191 16.45 -27.15 -10.56
CA ARG A 191 16.52 -26.72 -11.95
C ARG A 191 16.89 -25.25 -12.06
N ARG A 192 16.80 -24.51 -10.96
CA ARG A 192 17.29 -23.14 -11.00
C ARG A 192 18.81 -23.08 -10.94
N LEU A 193 19.43 -24.08 -10.33
CA LEU A 193 20.90 -24.10 -10.22
C LEU A 193 21.56 -24.50 -11.53
N VAL A 194 20.85 -25.25 -12.38
CA VAL A 194 21.45 -25.83 -13.59
C VAL A 194 21.24 -24.92 -14.79
N GLU A 195 20.00 -24.49 -15.02
CA GLU A 195 19.65 -23.89 -16.30
C GLU A 195 20.11 -22.44 -16.42
N GLU A 196 20.06 -21.67 -15.33
CA GLU A 196 20.48 -20.27 -15.34
C GLU A 196 19.68 -19.44 -16.34
N ARG A 197 18.38 -19.31 -16.09
CA ARG A 197 17.52 -18.52 -16.94
C ARG A 197 17.44 -17.08 -16.42
N TYR A 198 16.86 -16.20 -17.24
CA TYR A 198 16.75 -14.80 -16.86
C TYR A 198 15.85 -14.61 -15.65
N SER A 199 14.74 -15.34 -15.58
CA SER A 199 13.82 -15.18 -14.47
C SER A 199 13.08 -16.49 -14.21
N TRP A 200 12.52 -16.62 -13.02
CA TRP A 200 11.78 -17.83 -12.65
C TRP A 200 10.48 -17.45 -11.97
N THR A 201 9.65 -18.44 -11.65
CA THR A 201 8.40 -18.16 -10.95
C THR A 201 8.66 -17.76 -9.50
N SER A 202 8.19 -16.58 -9.11
CA SER A 202 8.44 -16.08 -7.76
C SER A 202 7.47 -16.70 -6.75
N GLN A 203 6.38 -17.29 -7.23
CA GLN A 203 5.45 -17.96 -6.36
C GLN A 203 5.76 -19.44 -6.45
N LEU A 204 5.83 -20.12 -5.32
CA LEU A 204 6.23 -21.51 -5.34
C LEU A 204 5.04 -22.42 -5.60
N SER A 205 5.35 -23.67 -5.96
CA SER A 205 4.35 -24.64 -6.36
C SER A 205 4.98 -26.02 -6.25
N PRO A 206 4.18 -27.09 -6.29
CA PRO A 206 4.76 -28.44 -6.27
C PRO A 206 5.64 -28.74 -7.48
N ALA A 207 5.52 -27.98 -8.57
CA ALA A 207 6.35 -28.22 -9.74
C ALA A 207 7.82 -28.01 -9.43
N ASP A 208 8.16 -26.90 -8.77
CA ASP A 208 9.55 -26.60 -8.42
C ASP A 208 9.82 -26.93 -6.96
N LEU A 209 9.75 -28.23 -6.65
CA LEU A 209 9.99 -28.73 -5.30
C LEU A 209 10.71 -30.07 -5.40
N ILE A 210 11.17 -30.55 -4.24
CA ILE A 210 11.81 -31.85 -4.14
C ILE A 210 10.73 -32.93 -4.26
N PRO A 211 10.79 -33.78 -5.28
CA PRO A 211 9.76 -34.82 -5.42
C PRO A 211 10.06 -36.05 -4.56
N LEU A 212 9.07 -36.95 -4.45
CA LEU A 212 9.23 -38.19 -3.71
C LEU A 212 8.04 -39.10 -3.98
N GLY A 213 8.01 -40.27 -3.35
CA GLY A 213 6.91 -41.20 -3.53
C GLY A 213 7.27 -42.63 -3.18
N GLU A 228 3.99 -45.06 4.95
CA GLU A 228 4.71 -46.31 5.13
C GLU A 228 6.21 -46.09 5.02
N GLN A 229 6.61 -44.86 4.77
CA GLN A 229 8.01 -44.49 4.62
C GLN A 229 8.41 -43.52 5.73
N LEU A 230 9.59 -43.75 6.31
CA LEU A 230 10.14 -42.87 7.33
C LEU A 230 11.29 -42.08 6.74
N VAL A 231 11.27 -40.77 6.96
CA VAL A 231 12.32 -39.86 6.50
C VAL A 231 12.95 -39.22 7.73
N VAL A 232 14.26 -39.35 7.85
CA VAL A 232 15.01 -38.88 9.01
C VAL A 232 15.91 -37.73 8.60
N GLY A 233 16.23 -36.88 9.56
CA GLY A 233 17.15 -35.79 9.30
C GLY A 233 17.44 -35.03 10.58
N HIS A 234 18.27 -33.99 10.45
CA HIS A 234 18.58 -33.16 11.60
C HIS A 234 17.51 -32.11 11.84
N ASN A 235 16.95 -31.53 10.79
CA ASN A 235 15.81 -30.63 11.00
C ASN A 235 14.82 -31.08 9.97
N VAL A 236 14.31 -32.28 10.10
CA VAL A 236 13.43 -32.82 9.07
C VAL A 236 12.39 -31.80 8.65
N SER A 237 11.94 -30.96 9.58
CA SER A 237 11.02 -29.92 9.21
C SER A 237 11.46 -29.32 7.89
N PHE A 238 12.70 -28.83 7.84
CA PHE A 238 13.24 -28.25 6.62
C PHE A 238 13.16 -29.23 5.47
N ASP A 239 13.42 -30.51 5.73
CA ASP A 239 13.32 -31.52 4.68
C ASP A 239 11.88 -31.68 4.21
N ARG A 240 10.92 -31.70 5.14
CA ARG A 240 9.52 -31.87 4.77
C ARG A 240 8.98 -30.62 4.09
N ALA A 241 9.37 -29.43 4.56
CA ALA A 241 8.87 -28.19 3.97
C ALA A 241 9.30 -28.02 2.52
N HIS A 242 10.30 -28.77 2.06
CA HIS A 242 10.75 -28.70 0.69
C HIS A 242 10.34 -29.91 -0.13
N ILE A 243 9.63 -30.86 0.45
CA ILE A 243 9.16 -32.03 -0.29
C ILE A 243 7.87 -31.67 -1.03
N ARG A 244 7.79 -32.12 -2.29
CA ARG A 244 6.68 -31.72 -3.15
C ARG A 244 5.34 -32.22 -2.64
N GLU A 245 5.28 -33.49 -2.22
CA GLU A 245 4.00 -34.13 -1.96
C GLU A 245 3.44 -33.83 -0.57
N GLN A 246 4.18 -33.10 0.28
CA GLN A 246 3.70 -32.86 1.63
C GLN A 246 2.74 -31.68 1.72
N TYR A 247 2.61 -30.88 0.66
CA TYR A 247 1.66 -29.77 0.66
C TYR A 247 0.28 -30.17 0.18
N LEU A 248 0.13 -31.36 -0.40
CA LEU A 248 -1.17 -31.80 -0.89
C LEU A 248 -2.12 -32.06 0.28
N ILE A 249 -3.40 -31.73 0.06
CA ILE A 249 -4.40 -31.94 1.10
C ILE A 249 -4.57 -33.42 1.39
N GLN A 250 -4.48 -34.26 0.36
CA GLN A 250 -4.44 -35.70 0.56
C GLN A 250 -3.17 -36.08 1.34
N ASP A 251 -3.35 -36.89 2.38
CA ASP A 251 -2.24 -37.25 3.27
C ASP A 251 -1.56 -38.49 2.73
N SER A 252 -0.47 -38.29 2.00
CA SER A 252 0.40 -39.40 1.63
C SER A 252 1.06 -39.95 2.88
N ARG A 253 0.99 -41.28 3.06
CA ARG A 253 1.44 -41.88 4.31
C ARG A 253 2.95 -41.88 4.42
N MET A 254 3.52 -40.73 4.80
CA MET A 254 4.94 -40.62 5.11
C MET A 254 5.09 -39.92 6.44
N ARG A 255 5.95 -40.46 7.30
CA ARG A 255 6.22 -39.90 8.61
C ARG A 255 7.67 -39.47 8.70
N PHE A 256 7.92 -38.34 9.35
CA PHE A 256 9.24 -37.75 9.44
C PHE A 256 9.70 -37.77 10.89
N LEU A 257 10.88 -38.36 11.13
CA LEU A 257 11.44 -38.51 12.46
C LEU A 257 12.71 -37.69 12.56
N ASP A 258 12.84 -36.92 13.64
CA ASP A 258 13.88 -35.91 13.77
C ASP A 258 14.96 -36.40 14.72
N THR A 259 16.23 -36.24 14.32
CA THR A 259 17.33 -36.51 15.22
C THR A 259 17.50 -35.41 16.25
N MET A 260 17.15 -34.17 15.90
CA MET A 260 17.22 -33.07 16.86
C MET A 260 16.21 -33.26 17.97
N SER A 261 14.99 -33.67 17.63
CA SER A 261 13.97 -33.93 18.64
C SER A 261 14.38 -35.07 19.56
N MET A 262 14.93 -36.15 19.00
CA MET A 262 15.37 -37.26 19.83
C MET A 262 16.56 -36.87 20.69
N HIS A 263 17.46 -36.01 20.19
CA HIS A 263 18.54 -35.50 21.02
C HIS A 263 17.99 -34.69 22.20
N MET A 264 17.01 -33.82 21.92
CA MET A 264 16.43 -33.04 23.01
C MET A 264 15.69 -33.92 24.01
N ALA A 265 15.14 -35.04 23.54
CA ALA A 265 14.47 -35.97 24.45
C ALA A 265 15.48 -36.76 25.29
N ILE A 266 16.59 -37.16 24.69
CA ILE A 266 17.54 -38.03 25.38
C ILE A 266 18.45 -37.22 26.29
N SER A 267 19.22 -36.30 25.71
CA SER A 267 20.22 -35.54 26.44
C SER A 267 20.00 -34.04 26.25
N GLY A 268 18.76 -33.59 26.34
CA GLY A 268 18.46 -32.21 26.09
C GLY A 268 19.01 -31.29 27.17
N LEU A 269 19.58 -30.17 26.72
CA LEU A 269 20.08 -29.14 27.62
C LEU A 269 19.03 -28.04 27.77
N SER A 270 18.86 -27.57 29.00
CA SER A 270 17.85 -26.56 29.27
C SER A 270 18.29 -25.22 28.70
N SER A 271 17.45 -24.19 28.92
CA SER A 271 17.78 -22.87 28.43
C SER A 271 19.05 -22.33 29.08
N PHE A 272 19.21 -22.55 30.38
CA PHE A 272 20.42 -22.10 31.07
C PHE A 272 21.61 -22.97 30.73
N GLN A 273 21.40 -24.28 30.61
CA GLN A 273 22.53 -25.20 30.43
C GLN A 273 23.23 -24.98 29.09
N ARG A 274 22.47 -24.72 28.03
CA ARG A 274 23.09 -24.47 26.73
C ARG A 274 23.91 -23.19 26.75
N SER A 275 23.50 -22.20 27.56
CA SER A 275 24.29 -20.96 27.66
C SER A 275 25.65 -21.23 28.26
N LEU A 276 25.71 -22.06 29.31
CA LEU A 276 26.99 -22.43 29.90
C LEU A 276 27.76 -23.42 29.02
N TRP A 277 27.05 -24.33 28.35
CA TRP A 277 27.72 -25.33 27.53
C TRP A 277 28.41 -24.70 26.33
N MET A 278 27.76 -23.73 25.68
CA MET A 278 28.33 -23.08 24.51
C MET A 278 29.47 -22.16 24.89
N ASP A 310 30.97 -33.62 34.36
CA ASP A 310 29.61 -33.25 34.72
C ASP A 310 28.62 -33.60 33.61
N TRP A 311 27.55 -32.82 33.52
CA TRP A 311 26.55 -33.03 32.48
C TRP A 311 27.09 -32.68 31.10
N MET A 312 28.14 -31.87 31.03
CA MET A 312 28.68 -31.44 29.75
C MET A 312 29.20 -32.60 28.92
N ASP A 313 29.65 -33.68 29.57
CA ASP A 313 30.16 -34.84 28.85
C ASP A 313 29.07 -35.79 28.38
N ILE A 314 27.83 -35.60 28.84
CA ILE A 314 26.72 -36.48 28.50
C ILE A 314 25.68 -35.78 27.64
N SER A 315 25.84 -34.48 27.40
CA SER A 315 24.88 -33.71 26.61
C SER A 315 25.65 -32.74 25.72
N SER A 316 24.91 -32.06 24.84
CA SER A 316 25.50 -31.13 23.88
C SER A 316 24.39 -30.26 23.31
N ALA A 317 24.80 -29.26 22.53
CA ALA A 317 23.85 -28.36 21.88
C ALA A 317 23.21 -29.04 20.69
N ASN A 318 22.19 -28.38 20.13
CA ASN A 318 21.42 -28.96 19.02
C ASN A 318 22.16 -28.89 17.69
N ASN A 319 23.29 -28.19 17.62
CA ASN A 319 24.04 -28.11 16.38
C ASN A 319 24.49 -29.51 15.95
N LEU A 320 24.54 -29.72 14.63
CA LEU A 320 24.87 -31.04 14.11
C LEU A 320 26.26 -31.48 14.52
N ALA A 321 27.23 -30.55 14.53
CA ALA A 321 28.57 -30.90 14.97
C ALA A 321 28.58 -31.33 16.42
N ASP A 322 27.86 -30.61 17.29
CA ASP A 322 27.82 -30.97 18.70
C ASP A 322 27.16 -32.33 18.92
N VAL A 323 26.06 -32.59 18.22
CA VAL A 323 25.37 -33.87 18.40
C VAL A 323 26.23 -35.02 17.86
N HIS A 324 26.93 -34.78 16.76
CA HIS A 324 27.82 -35.81 16.22
C HIS A 324 28.98 -36.08 17.16
N ASN A 325 29.55 -35.04 17.77
CA ASN A 325 30.60 -35.23 18.77
C ASN A 325 30.08 -35.98 19.98
N LEU A 326 28.85 -35.69 20.40
CA LEU A 326 28.29 -36.34 21.58
C LEU A 326 28.02 -37.81 21.32
N TYR A 327 27.16 -38.12 20.36
CA TYR A 327 26.73 -39.50 20.15
C TYR A 327 27.81 -40.37 19.49
N VAL A 328 28.56 -39.81 18.54
CA VAL A 328 29.52 -40.58 17.77
C VAL A 328 30.95 -40.15 18.06
N GLY A 329 31.22 -38.85 18.08
CA GLY A 329 32.58 -38.39 18.29
C GLY A 329 33.40 -38.53 17.01
N GLY A 330 34.68 -38.86 17.19
CA GLY A 330 35.59 -38.99 16.07
C GLY A 330 36.01 -37.63 15.53
N PRO A 331 36.38 -37.58 14.26
CA PRO A 331 36.79 -36.30 13.65
C PRO A 331 35.65 -35.30 13.66
N PRO A 332 35.94 -34.03 13.92
CA PRO A 332 34.89 -33.03 13.97
C PRO A 332 34.39 -32.65 12.58
N LEU A 333 33.17 -32.13 12.54
CA LEU A 333 32.59 -31.65 11.30
C LEU A 333 33.03 -30.22 11.02
N GLU A 334 33.20 -29.90 9.73
CA GLU A 334 33.60 -28.57 9.32
C GLU A 334 32.69 -28.10 8.19
N LYS A 335 32.27 -26.83 8.28
CA LYS A 335 31.46 -26.27 7.23
C LYS A 335 32.37 -25.41 6.37
N GLU A 336 31.98 -25.15 5.13
CA GLU A 336 32.79 -24.35 4.22
C GLU A 336 32.78 -22.90 4.69
N PRO A 337 33.96 -22.30 4.92
CA PRO A 337 33.97 -20.92 5.44
C PRO A 337 33.40 -19.90 4.47
N ARG A 338 33.28 -20.23 3.19
CA ARG A 338 32.74 -19.28 2.22
C ARG A 338 31.27 -19.00 2.48
N GLU A 339 30.51 -20.01 2.92
CA GLU A 339 29.07 -19.87 3.18
C GLU A 339 28.34 -19.39 1.93
N LEU A 340 28.47 -20.17 0.86
CA LEU A 340 27.90 -19.78 -0.43
C LEU A 340 26.38 -19.76 -0.37
N PHE A 341 25.77 -20.71 0.32
CA PHE A 341 24.31 -20.77 0.37
C PHE A 341 23.71 -19.58 1.11
N VAL A 342 24.42 -19.06 2.11
CA VAL A 342 23.91 -17.97 2.93
C VAL A 342 24.44 -16.62 2.47
N LYS A 343 25.75 -16.53 2.19
CA LYS A 343 26.36 -15.26 1.84
C LYS A 343 26.74 -15.14 0.37
N GLY A 344 26.87 -16.25 -0.35
CA GLY A 344 27.29 -16.22 -1.73
C GLY A 344 26.12 -16.15 -2.69
N SER A 345 26.41 -15.69 -3.91
CA SER A 345 25.40 -15.61 -4.95
C SER A 345 25.22 -16.98 -5.62
N MET A 346 24.26 -17.04 -6.54
CA MET A 346 24.00 -18.29 -7.24
C MET A 346 25.18 -18.71 -8.11
N ARG A 347 25.89 -17.74 -8.68
CA ARG A 347 27.04 -18.07 -9.54
C ARG A 347 28.12 -18.78 -8.76
N ASP A 348 28.40 -18.32 -7.53
CA ASP A 348 29.39 -18.99 -6.70
C ASP A 348 28.99 -20.43 -6.40
N ILE A 349 27.70 -20.67 -6.18
CA ILE A 349 27.22 -22.02 -5.96
C ILE A 349 27.38 -22.85 -7.22
N ARG A 350 27.19 -22.24 -8.40
CA ARG A 350 27.43 -22.94 -9.65
C ARG A 350 28.89 -23.33 -9.79
N GLU A 351 29.80 -22.45 -9.38
CA GLU A 351 31.23 -22.68 -9.55
C GLU A 351 31.85 -23.56 -8.47
N ASN A 352 31.11 -23.86 -7.39
CA ASN A 352 31.61 -24.70 -6.32
C ASN A 352 30.64 -25.83 -6.00
N PHE A 353 29.94 -26.34 -7.02
CA PHE A 353 28.95 -27.38 -6.79
C PHE A 353 29.57 -28.65 -6.24
N GLN A 354 30.72 -29.05 -6.80
CA GLN A 354 31.36 -30.29 -6.40
C GLN A 354 31.88 -30.25 -4.97
N ASP A 355 31.96 -29.07 -4.35
CA ASP A 355 32.34 -28.94 -2.95
C ASP A 355 31.14 -28.87 -2.03
N LEU A 356 30.07 -28.20 -2.45
CA LEU A 356 28.85 -28.16 -1.67
C LEU A 356 28.20 -29.53 -1.59
N MET A 357 28.29 -30.31 -2.67
CA MET A 357 27.77 -31.67 -2.64
C MET A 357 28.55 -32.58 -1.70
N GLN A 358 29.75 -32.20 -1.29
CA GLN A 358 30.50 -32.94 -0.27
C GLN A 358 30.20 -32.41 1.12
N TYR A 359 30.13 -31.08 1.28
CA TYR A 359 29.76 -30.51 2.56
C TYR A 359 28.35 -30.86 2.99
N CYS A 360 27.48 -31.22 2.06
CA CYS A 360 26.14 -31.70 2.43
C CYS A 360 26.13 -33.21 2.69
N ALA A 361 26.87 -33.97 1.90
CA ALA A 361 26.96 -35.42 2.12
C ALA A 361 27.57 -35.73 3.47
N ARG A 362 28.57 -34.94 3.89
CA ARG A 362 29.16 -35.11 5.21
C ARG A 362 28.11 -34.93 6.31
N ASP A 363 27.28 -33.89 6.18
CA ASP A 363 26.25 -33.66 7.18
C ASP A 363 25.21 -34.78 7.19
N VAL A 364 24.85 -35.28 6.02
CA VAL A 364 23.88 -36.37 5.97
C VAL A 364 24.45 -37.63 6.63
N TRP A 365 25.72 -37.94 6.36
CA TRP A 365 26.33 -39.11 6.99
C TRP A 365 26.45 -38.93 8.50
N ALA A 366 26.76 -37.72 8.96
CA ALA A 366 26.80 -37.45 10.39
C ALA A 366 25.43 -37.63 11.03
N THR A 367 24.38 -37.16 10.35
CA THR A 367 23.02 -37.36 10.85
C THR A 367 22.68 -38.84 10.96
N PHE A 368 23.06 -39.62 9.94
CA PHE A 368 22.83 -41.07 10.01
C PHE A 368 23.57 -41.69 11.19
N GLU A 369 24.83 -41.30 11.40
CA GLU A 369 25.61 -41.85 12.50
C GLU A 369 24.98 -41.48 13.84
N VAL A 370 24.50 -40.25 13.99
CA VAL A 370 23.84 -39.88 15.24
C VAL A 370 22.58 -40.70 15.44
N PHE A 371 21.76 -40.81 14.40
CA PHE A 371 20.51 -41.53 14.55
C PHE A 371 20.76 -42.98 14.95
N GLN A 372 21.85 -43.57 14.45
CA GLN A 372 22.18 -44.95 14.80
C GLN A 372 22.27 -45.14 16.31
N GLN A 373 22.83 -44.18 17.03
CA GLN A 373 22.91 -44.27 18.48
C GLN A 373 21.71 -43.65 19.18
N GLN A 374 20.96 -42.77 18.51
CA GLN A 374 19.81 -42.14 19.13
C GLN A 374 18.61 -43.07 19.21
N LEU A 375 18.38 -43.88 18.17
CA LEU A 375 17.16 -44.68 18.13
C LEU A 375 17.05 -45.66 19.31
N PRO A 376 18.02 -46.54 19.56
CA PRO A 376 17.89 -47.42 20.75
C PRO A 376 17.90 -46.65 22.06
N LEU A 377 18.65 -45.55 22.13
CA LEU A 377 18.71 -44.79 23.37
C LEU A 377 17.38 -44.13 23.66
N PHE A 378 16.72 -43.60 22.63
CA PHE A 378 15.41 -43.00 22.84
C PHE A 378 14.35 -44.04 23.14
N LEU A 379 14.41 -45.19 22.46
CA LEU A 379 13.48 -46.27 22.77
C LEU A 379 13.69 -46.82 24.17
N GLU A 380 14.89 -46.65 24.75
CA GLU A 380 15.13 -47.00 26.14
C GLU A 380 14.59 -45.94 27.10
N ARG A 381 14.92 -44.67 26.86
CA ARG A 381 14.51 -43.60 27.77
C ARG A 381 12.99 -43.46 27.80
N CYS A 382 12.34 -43.55 26.64
CA CYS A 382 10.89 -43.46 26.54
C CYS A 382 10.34 -44.78 26.01
N PRO A 383 10.02 -45.74 26.88
CA PRO A 383 9.61 -47.07 26.40
C PRO A 383 8.17 -47.11 25.91
N HIS A 384 7.33 -46.22 26.40
CA HIS A 384 5.92 -46.26 26.04
C HIS A 384 5.76 -45.88 24.57
N PRO A 385 5.17 -46.73 23.74
CA PRO A 385 5.06 -46.42 22.31
C PRO A 385 4.17 -45.22 22.01
N VAL A 386 3.31 -44.82 22.95
CA VAL A 386 2.47 -43.65 22.74
C VAL A 386 3.30 -42.41 22.59
N THR A 387 4.45 -42.33 23.28
CA THR A 387 5.32 -41.17 23.14
C THR A 387 5.82 -41.02 21.70
N LEU A 388 6.34 -42.11 21.11
CA LEU A 388 6.82 -42.05 19.75
C LEU A 388 5.68 -41.81 18.77
N ALA A 389 4.52 -42.42 19.00
CA ALA A 389 3.40 -42.21 18.09
C ALA A 389 2.93 -40.76 18.12
N GLY A 390 2.83 -40.17 19.32
CA GLY A 390 2.48 -38.76 19.43
C GLY A 390 3.52 -37.85 18.81
N MET A 391 4.80 -38.21 18.92
CA MET A 391 5.85 -37.42 18.26
C MET A 391 5.71 -37.49 16.74
N LEU A 392 5.45 -38.68 16.20
CA LEU A 392 5.24 -38.80 14.76
C LEU A 392 4.00 -38.07 14.30
N GLU A 393 2.97 -37.98 15.16
CA GLU A 393 1.78 -37.21 14.83
C GLU A 393 2.03 -35.71 14.92
N MET A 394 2.92 -35.29 15.83
CA MET A 394 3.31 -33.89 15.90
C MET A 394 4.23 -33.48 14.76
N GLY A 395 4.87 -34.46 14.10
CA GLY A 395 5.71 -34.15 12.98
C GLY A 395 5.02 -33.98 11.64
N VAL A 396 3.69 -34.06 11.60
CA VAL A 396 2.95 -33.97 10.34
C VAL A 396 1.93 -32.82 10.41
N SER A 397 2.28 -31.75 11.12
CA SER A 397 1.41 -30.58 11.16
C SER A 397 1.25 -29.98 9.78
N TYR A 398 0.01 -29.58 9.45
CA TYR A 398 -0.33 -29.14 8.09
C TYR A 398 -1.28 -27.97 8.17
N LEU A 399 -0.87 -26.82 7.64
CA LEU A 399 -1.66 -25.60 7.66
C LEU A 399 -2.10 -25.24 6.25
N PRO A 400 -3.40 -25.29 5.95
CA PRO A 400 -3.87 -24.84 4.64
C PRO A 400 -4.09 -23.33 4.61
N VAL A 401 -3.88 -22.75 3.43
CA VAL A 401 -4.09 -21.34 3.18
C VAL A 401 -4.76 -21.18 1.82
N ASN A 402 -4.98 -19.92 1.43
CA ASN A 402 -5.63 -19.61 0.16
C ASN A 402 -4.99 -18.34 -0.39
N GLN A 403 -5.63 -17.77 -1.44
CA GLN A 403 -5.07 -16.59 -2.07
C GLN A 403 -5.02 -15.39 -1.14
N ASN A 404 -5.75 -15.45 -0.02
CA ASN A 404 -5.74 -14.36 0.95
C ASN A 404 -4.39 -14.21 1.63
N TRP A 405 -3.52 -15.22 1.55
CA TRP A 405 -2.22 -15.12 2.22
C TRP A 405 -1.35 -14.05 1.56
N GLU A 406 -1.29 -14.02 0.23
CA GLU A 406 -0.56 -12.96 -0.44
C GLU A 406 -1.19 -11.60 -0.15
N ARG A 407 -2.52 -11.53 -0.15
CA ARG A 407 -3.19 -10.29 0.22
C ARG A 407 -2.86 -9.90 1.66
N TYR A 408 -2.81 -10.88 2.56
CA TYR A 408 -2.44 -10.59 3.94
C TYR A 408 -1.05 -9.99 4.01
N LEU A 409 -0.09 -10.58 3.32
CA LEU A 409 1.29 -10.08 3.34
C LEU A 409 1.37 -8.67 2.78
N THR A 410 0.74 -8.45 1.61
CA THR A 410 0.79 -7.14 0.97
C THR A 410 0.15 -6.08 1.85
N GLU A 411 -1.05 -6.36 2.37
CA GLU A 411 -1.75 -5.39 3.21
C GLU A 411 -0.97 -5.11 4.49
N ALA A 412 -0.44 -6.13 5.14
CA ALA A 412 0.31 -5.93 6.38
C ALA A 412 1.58 -5.12 6.13
N GLN A 413 2.31 -5.45 5.06
CA GLN A 413 3.53 -4.72 4.76
C GLN A 413 3.24 -3.27 4.40
N ASN A 414 2.20 -3.03 3.59
CA ASN A 414 1.87 -1.67 3.20
C ASN A 414 1.38 -0.85 4.39
N THR A 415 0.58 -1.46 5.27
CA THR A 415 0.13 -0.76 6.47
C THR A 415 1.31 -0.45 7.39
N TYR A 416 2.25 -1.39 7.51
CA TYR A 416 3.46 -1.15 8.28
C TYR A 416 4.26 0.01 7.70
N GLU A 417 4.40 0.05 6.38
CA GLU A 417 5.17 1.12 5.75
C GLU A 417 4.49 2.47 5.92
N GLU A 418 3.21 2.55 5.57
CA GLU A 418 2.48 3.79 5.68
C GLU A 418 2.49 4.30 7.11
N LEU A 419 2.22 3.42 8.06
CA LEU A 419 2.24 3.83 9.46
C LEU A 419 3.64 4.16 9.93
N GLN A 420 4.66 3.54 9.33
CA GLN A 420 6.05 3.91 9.61
C GLN A 420 6.42 5.19 8.88
N ARG A 421 5.93 5.37 7.65
CA ARG A 421 6.18 6.60 6.91
C ARG A 421 5.58 7.80 7.64
N GLU A 422 4.37 7.64 8.18
CA GLU A 422 3.77 8.70 8.97
C GLU A 422 4.63 9.05 10.19
N MET A 423 5.20 8.03 10.84
CA MET A 423 6.09 8.28 11.97
C MET A 423 7.45 8.83 11.50
N LYS A 424 7.99 8.28 10.43
CA LYS A 424 9.27 8.74 9.91
C LYS A 424 9.16 10.19 9.42
N LYS A 425 8.18 10.46 8.56
CA LYS A 425 8.02 11.80 8.02
C LYS A 425 7.72 12.81 9.10
N SER A 426 7.12 12.39 10.21
CA SER A 426 6.88 13.29 11.33
C SER A 426 8.19 13.64 12.04
N LEU A 427 9.12 12.69 12.09
CA LEU A 427 10.41 12.96 12.71
C LEU A 427 11.28 13.86 11.83
N MET A 428 11.27 13.60 10.52
CA MET A 428 12.11 14.36 9.61
C MET A 428 11.79 15.84 9.65
N ASP A 429 10.51 16.19 9.74
CA ASP A 429 10.12 17.60 9.79
C ASP A 429 10.66 18.28 11.04
N LEU A 430 10.82 17.51 12.13
CA LEU A 430 11.39 18.08 13.35
C LEU A 430 12.87 18.38 13.19
N ALA A 431 13.58 17.58 12.38
CA ALA A 431 14.99 17.85 12.12
C ALA A 431 15.16 19.04 11.19
N ASN A 432 14.31 19.13 10.15
CA ASN A 432 14.41 20.24 9.22
C ASN A 432 14.12 21.58 9.90
N ASP A 433 13.15 21.60 10.81
CA ASP A 433 12.79 22.82 11.52
C ASP A 433 13.86 23.27 12.50
N ALA A 434 14.87 22.44 12.76
CA ALA A 434 15.90 22.81 13.73
C ALA A 434 17.15 23.36 13.07
N CYS A 435 17.37 23.06 11.78
CA CYS A 435 18.54 23.59 11.08
C CYS A 435 18.55 25.12 11.03
N GLN A 436 17.38 25.75 11.16
CA GLN A 436 17.29 27.19 11.13
C GLN A 436 17.86 27.86 12.37
N LEU A 437 18.14 27.08 13.43
CA LEU A 437 18.75 27.64 14.64
C LEU A 437 20.23 27.95 14.45
N LEU A 438 20.83 27.52 13.35
CA LEU A 438 22.22 27.84 13.10
C LEU A 438 22.38 29.35 12.91
N SER A 439 21.50 29.96 12.13
CA SER A 439 21.59 31.39 11.87
C SER A 439 21.44 32.18 13.15
N GLY A 440 22.42 33.05 13.43
CA GLY A 440 22.39 33.85 14.64
C GLY A 440 22.90 33.16 15.88
N GLU A 441 23.48 31.97 15.75
CA GLU A 441 24.04 31.23 16.89
C GLU A 441 22.98 31.00 17.97
N ARG A 442 21.76 30.69 17.54
CA ARG A 442 20.66 30.46 18.47
C ARG A 442 20.60 29.04 19.00
N TYR A 443 21.40 28.12 18.44
CA TYR A 443 21.40 26.74 18.92
C TYR A 443 21.90 26.64 20.35
N LYS A 444 22.76 27.55 20.78
CA LYS A 444 23.27 27.53 22.14
C LYS A 444 22.17 27.78 23.16
N GLU A 445 21.03 28.30 22.74
CA GLU A 445 19.90 28.53 23.64
C GLU A 445 18.85 27.43 23.56
N ASP A 446 19.03 26.45 22.69
CA ASP A 446 18.07 25.35 22.61
C ASP A 446 18.30 24.38 23.76
N PRO A 447 17.27 24.09 24.56
CA PRO A 447 17.46 23.18 25.70
C PRO A 447 17.84 21.77 25.32
N TRP A 448 17.60 21.35 24.08
CA TRP A 448 17.84 19.96 23.68
C TRP A 448 18.94 19.81 22.65
N LEU A 449 19.08 20.75 21.72
CA LEU A 449 20.03 20.63 20.63
C LEU A 449 21.31 21.43 20.84
N TRP A 450 21.56 21.90 22.07
CA TRP A 450 22.80 22.62 22.34
C TRP A 450 24.02 21.74 22.14
N ASP A 451 23.93 20.48 22.56
CA ASP A 451 25.08 19.56 22.53
C ASP A 451 25.08 18.75 21.23
N LEU A 452 25.26 19.46 20.12
CA LEU A 452 25.31 18.84 18.81
C LEU A 452 26.42 19.49 17.98
N GLU A 453 26.69 18.90 16.82
CA GLU A 453 27.73 19.38 15.92
C GLU A 453 27.13 20.42 14.99
N TRP A 454 27.41 21.70 15.26
CA TRP A 454 26.96 22.79 14.41
C TRP A 454 28.08 23.37 13.57
N ASP A 455 29.25 22.75 13.55
CA ASP A 455 30.37 23.26 12.78
C ASP A 455 30.11 23.11 11.29
N LEU A 456 30.57 24.10 10.52
CA LEU A 456 30.37 24.14 9.08
C LEU A 456 31.72 24.02 8.37
N GLN A 457 31.76 23.16 7.36
CA GLN A 457 32.95 23.01 6.53
C GLN A 457 32.98 24.12 5.48
N GLU A 458 33.89 24.01 4.52
CA GLU A 458 33.95 24.92 3.38
C GLU A 458 34.09 24.09 2.11
N PHE A 459 33.44 24.54 1.04
CA PHE A 459 33.48 23.85 -0.24
C PHE A 459 34.76 24.28 -0.96
N LYS A 460 35.82 23.51 -0.79
CA LYS A 460 37.12 23.82 -1.36
C LYS A 460 37.37 23.01 -2.62
N GLN A 461 37.99 23.65 -3.61
CA GLN A 461 38.34 23.01 -4.87
C GLN A 461 39.80 22.57 -4.82
N LYS A 462 40.31 22.15 -5.97
CA LYS A 462 41.71 21.76 -6.09
C LYS A 462 42.61 22.99 -6.26
N GLN A 490 14.44 50.41 -19.54
CA GLN A 490 14.71 49.66 -20.77
C GLN A 490 13.43 49.40 -21.54
N GLU A 491 13.31 50.02 -22.70
CA GLU A 491 12.13 49.87 -23.54
C GLU A 491 12.02 48.43 -24.04
N ASP A 492 10.84 48.11 -24.55
CA ASP A 492 10.62 46.79 -25.13
C ASP A 492 11.43 46.67 -26.42
N PRO A 493 12.37 45.74 -26.52
CA PRO A 493 13.09 45.54 -27.78
C PRO A 493 12.19 45.09 -28.92
N GLY A 494 11.01 44.56 -28.61
CA GLY A 494 10.15 44.00 -29.61
C GLY A 494 10.30 42.49 -29.62
N PRO A 495 9.65 41.83 -30.58
CA PRO A 495 9.79 40.38 -30.69
C PRO A 495 11.18 40.02 -31.19
N PRO A 496 11.86 39.09 -30.52
CA PRO A 496 13.13 38.58 -31.06
C PRO A 496 12.93 38.01 -32.45
N SER A 497 13.82 38.37 -33.37
CA SER A 497 13.67 37.95 -34.76
C SER A 497 13.89 36.44 -34.89
N GLU A 498 13.59 35.93 -36.09
CA GLU A 498 13.75 34.50 -36.34
C GLU A 498 15.20 34.06 -36.20
N GLU A 499 16.13 34.87 -36.71
CA GLU A 499 17.55 34.53 -36.57
C GLU A 499 18.01 34.70 -35.12
N GLU A 500 17.45 35.68 -34.41
CA GLU A 500 17.81 35.87 -33.00
C GLU A 500 17.37 34.69 -32.15
N GLU A 501 16.30 33.99 -32.57
CA GLU A 501 15.85 32.81 -31.84
C GLU A 501 16.95 31.75 -31.78
N LEU A 502 17.56 31.45 -32.93
CA LEU A 502 18.63 30.47 -32.95
C LEU A 502 19.92 31.03 -32.36
N GLN A 503 20.21 32.31 -32.61
CA GLN A 503 21.43 32.92 -32.10
C GLN A 503 21.43 32.96 -30.58
N ARG A 504 20.33 33.46 -29.99
CA ARG A 504 20.25 33.53 -28.52
C ARG A 504 20.28 32.15 -27.90
N SER A 505 19.68 31.16 -28.56
CA SER A 505 19.62 29.82 -28.00
C SER A 505 21.01 29.22 -27.86
N VAL A 506 21.81 29.27 -28.92
CA VAL A 506 23.11 28.58 -28.92
C VAL A 506 24.08 29.30 -27.99
N THR A 507 24.09 30.63 -28.00
CA THR A 507 25.06 31.36 -27.19
C THR A 507 24.81 31.12 -25.70
N ALA A 508 23.53 30.98 -25.31
CA ALA A 508 23.23 30.62 -23.93
C ALA A 508 23.52 29.15 -23.68
N HIS A 509 23.22 28.28 -24.64
CA HIS A 509 23.50 26.86 -24.49
C HIS A 509 25.00 26.59 -24.45
N ASN A 510 25.78 27.26 -25.31
CA ASN A 510 27.21 27.04 -25.34
C ASN A 510 27.89 27.60 -24.09
N ARG A 511 27.29 28.64 -23.48
CA ARG A 511 27.89 29.25 -22.31
C ARG A 511 27.80 28.32 -21.10
N LEU A 512 27.01 27.25 -21.22
CA LEU A 512 26.93 26.22 -20.21
C LEU A 512 27.80 25.01 -20.53
N GLN A 513 27.81 24.58 -21.80
CA GLN A 513 28.64 23.44 -22.18
C GLN A 513 30.12 23.75 -22.00
N GLN A 514 30.49 25.03 -22.12
CA GLN A 514 31.87 25.42 -21.81
C GLN A 514 32.18 25.22 -20.33
N LEU A 515 31.23 25.55 -19.45
CA LEU A 515 31.44 25.37 -18.02
C LEU A 515 31.46 23.89 -17.63
N ARG A 516 30.96 23.01 -18.49
CA ARG A 516 31.00 21.58 -18.20
C ARG A 516 32.41 21.03 -18.15
N SER A 517 33.39 21.77 -18.70
CA SER A 517 34.78 21.35 -18.67
C SER A 517 35.44 21.60 -17.33
N THR A 518 34.81 22.36 -16.44
CA THR A 518 35.36 22.62 -15.11
C THR A 518 35.07 21.51 -14.11
N THR A 519 34.67 20.32 -14.59
CA THR A 519 34.43 19.19 -13.70
C THR A 519 35.71 18.75 -13.00
N ASP A 520 36.86 18.90 -13.65
CA ASP A 520 38.12 18.45 -13.07
C ASP A 520 38.77 19.48 -12.16
N LEU A 521 38.14 20.63 -11.94
CA LEU A 521 38.66 21.65 -11.05
C LEU A 521 38.17 21.50 -9.62
N LEU A 522 37.41 20.44 -9.33
CA LEU A 522 36.90 20.17 -8.00
C LEU A 522 37.35 18.78 -7.55
N PRO A 523 37.41 18.54 -6.24
CA PRO A 523 37.95 17.26 -5.76
C PRO A 523 37.15 16.06 -6.27
N LYS A 524 37.85 14.95 -6.45
CA LYS A 524 37.22 13.74 -6.96
C LYS A 524 36.13 13.24 -6.03
N ARG A 525 36.45 13.08 -4.76
CA ARG A 525 35.44 12.68 -3.79
C ARG A 525 34.55 13.86 -3.46
N PRO A 526 33.24 13.77 -3.69
CA PRO A 526 32.36 14.91 -3.45
C PRO A 526 32.20 15.18 -1.96
N GLN A 527 32.61 16.37 -1.53
CA GLN A 527 32.41 16.79 -0.15
C GLN A 527 30.92 16.77 0.17
N HIS A 528 30.59 16.23 1.34
CA HIS A 528 29.21 15.92 1.70
C HIS A 528 28.64 17.03 2.57
N LEU A 529 27.65 17.75 2.03
CA LEU A 529 26.84 18.76 2.69
C LEU A 529 27.64 19.64 3.66
N PRO A 530 28.66 20.35 3.19
CA PRO A 530 29.40 21.23 4.11
C PRO A 530 28.53 22.30 4.75
N GLY A 531 27.53 22.80 4.01
CA GLY A 531 26.67 23.83 4.57
C GLY A 531 25.82 23.33 5.73
N HIS A 532 25.32 22.10 5.63
CA HIS A 532 24.46 21.56 6.68
C HIS A 532 25.27 21.30 7.95
N PRO A 533 24.69 21.51 9.13
CA PRO A 533 25.43 21.26 10.38
C PRO A 533 25.80 19.79 10.56
N GLY A 534 26.76 19.53 11.45
CA GLY A 534 27.32 18.19 11.56
C GLY A 534 26.29 17.14 11.97
N TRP A 535 25.40 17.48 12.90
CA TRP A 535 24.38 16.53 13.30
C TRP A 535 23.39 16.25 12.18
N TYR A 536 23.16 17.24 11.32
CA TYR A 536 22.25 17.04 10.19
C TYR A 536 22.90 16.23 9.08
N ARG A 537 24.22 16.36 8.90
CA ARG A 537 24.91 15.56 7.89
C ARG A 537 24.79 14.08 8.19
N LYS A 538 24.91 13.70 9.48
CA LYS A 538 24.79 12.30 9.87
C LYS A 538 23.39 11.76 9.63
N LEU A 539 22.35 12.59 9.75
CA LEU A 539 20.99 12.16 9.49
C LEU A 539 20.68 12.08 8.01
N CYS A 540 21.47 12.72 7.15
CA CYS A 540 21.25 12.73 5.72
C CYS A 540 22.18 11.75 5.03
N PRO A 541 21.66 10.79 4.28
CA PRO A 541 22.53 9.86 3.56
C PRO A 541 23.31 10.57 2.48
N ARG A 542 24.38 9.92 2.04
CA ARG A 542 25.25 10.50 1.01
C ARG A 542 24.53 10.55 -0.33
N LEU A 543 24.92 11.53 -1.16
CA LEU A 543 24.34 11.65 -2.49
C LEU A 543 24.61 10.42 -3.33
N ASP A 544 25.76 9.76 -3.13
CA ASP A 544 26.10 8.56 -3.87
C ASP A 544 25.47 7.30 -3.30
N ASP A 545 24.81 7.38 -2.15
CA ASP A 545 24.15 6.22 -1.58
C ASP A 545 22.99 5.78 -2.47
N PRO A 546 22.91 4.51 -2.85
CA PRO A 546 21.76 4.06 -3.64
C PRO A 546 20.44 4.22 -2.90
N ALA A 547 20.45 4.21 -1.57
CA ALA A 547 19.25 4.40 -0.77
C ALA A 547 19.10 5.84 -0.30
N TRP A 548 19.60 6.81 -1.06
CA TRP A 548 19.50 8.21 -0.66
C TRP A 548 18.06 8.69 -0.81
N ALA A 549 17.55 9.33 0.23
CA ALA A 549 16.23 9.95 0.23
C ALA A 549 16.36 11.38 0.73
N PRO A 550 15.52 12.28 0.26
CA PRO A 550 15.66 13.69 0.64
C PRO A 550 15.42 13.91 2.12
N GLY A 551 16.14 14.89 2.67
CA GLY A 551 16.02 15.23 4.07
C GLY A 551 16.70 14.23 4.97
N PRO A 552 16.52 14.38 6.27
CA PRO A 552 17.14 13.46 7.25
C PRO A 552 16.49 12.08 7.23
N SER A 553 16.81 11.31 6.20
CA SER A 553 16.19 10.01 5.96
C SER A 553 16.66 8.93 6.94
N LEU A 554 17.68 9.20 7.74
CA LEU A 554 18.20 8.24 8.69
C LEU A 554 17.64 8.44 10.09
N LEU A 555 16.62 9.28 10.24
CA LEU A 555 16.03 9.50 11.55
C LEU A 555 15.21 8.29 11.99
N SER A 556 15.19 8.06 13.29
CA SER A 556 14.37 7.01 13.89
C SER A 556 14.15 7.35 15.36
N LEU A 557 13.14 6.70 15.95
CA LEU A 557 12.84 6.93 17.35
C LEU A 557 13.94 6.41 18.27
N GLN A 558 14.69 5.40 17.82
CA GLN A 558 15.72 4.80 18.67
C GLN A 558 16.98 5.66 18.73
N MET A 559 17.18 6.56 17.78
CA MET A 559 18.37 7.39 17.78
C MET A 559 18.38 8.34 18.97
N ARG A 560 19.59 8.74 19.39
CA ARG A 560 19.73 9.60 20.54
C ARG A 560 19.40 11.06 20.24
N VAL A 561 19.24 11.41 18.96
CA VAL A 561 18.85 12.79 18.64
C VAL A 561 17.33 12.95 18.68
N THR A 562 16.58 11.87 18.44
CA THR A 562 15.12 11.97 18.40
C THR A 562 14.52 12.44 19.72
N PRO A 563 14.91 11.92 20.89
CA PRO A 563 14.42 12.53 22.13
C PRO A 563 14.88 13.97 22.31
N LYS A 564 15.92 14.38 21.60
CA LYS A 564 16.34 15.78 21.61
C LYS A 564 15.64 16.59 20.52
N LEU A 565 15.35 15.98 19.37
CA LEU A 565 14.58 16.67 18.34
C LEU A 565 13.16 16.93 18.79
N MET A 566 12.53 15.95 19.43
CA MET A 566 11.15 16.06 19.88
C MET A 566 10.98 16.97 21.07
N ALA A 567 12.06 17.46 21.65
CA ALA A 567 12.02 18.32 22.83
C ALA A 567 11.27 17.62 23.98
N LEU A 568 11.66 16.37 24.23
CA LEU A 568 11.00 15.59 25.26
C LEU A 568 11.22 16.20 26.64
N THR A 569 10.20 16.09 27.48
CA THR A 569 10.25 16.55 28.86
C THR A 569 9.78 15.43 29.77
N TRP A 570 10.46 15.27 30.90
CA TRP A 570 10.07 14.31 31.93
C TRP A 570 9.67 15.10 33.18
N ASP A 571 8.36 15.23 33.39
CA ASP A 571 7.82 15.97 34.53
C ASP A 571 8.32 17.40 34.57
N GLY A 572 8.44 18.04 33.42
CA GLY A 572 8.87 19.41 33.33
C GLY A 572 10.36 19.64 33.23
N PHE A 573 11.13 18.63 32.83
CA PHE A 573 12.57 18.78 32.70
C PHE A 573 13.04 18.25 31.35
N PRO A 574 13.90 18.98 30.65
CA PRO A 574 14.39 18.50 29.36
C PRO A 574 15.25 17.25 29.50
N LEU A 575 15.20 16.40 28.49
CA LEU A 575 15.98 15.18 28.54
C LEU A 575 17.42 15.43 28.12
N HIS A 576 18.30 14.49 28.49
CA HIS A 576 19.71 14.55 28.16
C HIS A 576 20.25 13.13 28.23
N TYR A 577 21.28 12.86 27.43
CA TYR A 577 21.90 11.54 27.39
C TYR A 577 23.32 11.61 27.93
N SER A 578 23.63 10.72 28.86
CA SER A 578 24.98 10.52 29.36
C SER A 578 25.52 9.21 28.83
N ASP A 579 26.79 9.23 28.40
CA ASP A 579 27.38 8.05 27.77
C ASP A 579 27.50 6.87 28.72
N SER A 580 27.37 7.09 30.02
CA SER A 580 27.42 6.04 31.02
C SER A 580 26.06 5.77 31.66
N HIS A 581 25.36 6.82 32.08
CA HIS A 581 24.11 6.69 32.81
C HIS A 581 22.88 6.60 31.91
N GLY A 582 23.04 6.71 30.59
CA GLY A 582 21.91 6.66 29.70
C GLY A 582 21.09 7.94 29.74
N TRP A 583 19.85 7.83 29.28
CA TRP A 583 18.97 8.99 29.19
C TRP A 583 18.59 9.49 30.58
N GLY A 584 18.67 10.81 30.76
CA GLY A 584 18.25 11.44 32.00
C GLY A 584 17.72 12.83 31.74
N TYR A 585 17.37 13.55 32.79
CA TYR A 585 16.83 14.90 32.65
C TYR A 585 17.64 15.86 33.52
N LEU A 586 17.83 17.07 33.00
CA LEU A 586 18.66 18.09 33.65
C LEU A 586 17.75 18.95 34.52
N VAL A 587 17.77 18.71 35.83
CA VAL A 587 17.06 19.57 36.78
C VAL A 587 17.90 20.82 37.00
N PRO A 588 17.36 22.01 36.73
CA PRO A 588 18.17 23.23 36.86
C PRO A 588 18.59 23.48 38.30
N GLY A 589 19.76 24.10 38.44
CA GLY A 589 20.30 24.43 39.74
C GLY A 589 21.61 25.19 39.68
N VAL A 608 30.33 23.52 23.64
CA VAL A 608 29.15 24.36 23.86
C VAL A 608 28.65 24.20 25.29
N THR A 609 28.40 25.33 25.95
CA THR A 609 27.90 25.32 27.32
C THR A 609 26.39 25.10 27.31
N CYS A 610 25.94 24.22 28.21
CA CYS A 610 24.52 23.90 28.32
C CYS A 610 23.72 25.14 28.70
N PRO A 611 22.60 25.40 28.03
CA PRO A 611 21.79 26.59 28.33
C PRO A 611 20.94 26.42 29.59
N TYR A 612 21.61 26.53 30.75
CA TYR A 612 20.92 26.37 32.03
C TYR A 612 19.77 27.37 32.15
N ARG A 613 19.94 28.56 31.57
CA ARG A 613 18.87 29.56 31.58
C ARG A 613 17.65 29.05 30.82
N ALA A 614 17.88 28.42 29.67
CA ALA A 614 16.78 27.84 28.91
C ALA A 614 16.12 26.70 29.66
N ILE A 615 16.92 25.90 30.38
CA ILE A 615 16.36 24.83 31.20
C ILE A 615 15.45 25.40 32.28
N GLU A 616 15.91 26.46 32.94
CA GLU A 616 15.07 27.13 33.93
C GLU A 616 13.82 27.73 33.29
N SER A 617 13.97 28.31 32.10
CA SER A 617 12.83 28.94 31.44
C SER A 617 11.75 27.92 31.10
N LEU A 618 12.15 26.74 30.61
CA LEU A 618 11.17 25.70 30.30
C LEU A 618 10.45 25.23 31.55
N TYR A 619 11.18 25.05 32.65
CA TYR A 619 10.55 24.60 33.89
C TYR A 619 9.53 25.62 34.39
N ARG A 620 9.86 26.91 34.30
CA ARG A 620 8.90 27.94 34.68
C ARG A 620 7.67 27.91 33.77
N LYS A 621 7.89 27.67 32.47
CA LYS A 621 6.75 27.53 31.56
C LYS A 621 5.89 26.33 31.93
N HIS A 622 6.53 25.21 32.27
CA HIS A 622 5.80 24.02 32.69
C HIS A 622 5.44 24.10 34.17
N THR A 691 17.08 19.13 44.58
CA THR A 691 16.61 19.76 45.80
C THR A 691 15.10 19.65 45.94
N TYR A 692 14.38 20.14 44.94
CA TYR A 692 12.92 20.06 44.91
C TYR A 692 12.42 18.84 44.15
N HIS A 693 13.34 18.00 43.71
CA HIS A 693 12.96 16.77 43.04
C HIS A 693 13.65 15.64 43.77
N HIS A 694 13.00 14.48 43.84
CA HIS A 694 13.58 13.33 44.53
C HIS A 694 13.23 12.05 43.77
N GLY A 695 13.49 12.06 42.46
CA GLY A 695 13.31 10.89 41.64
C GLY A 695 14.46 9.92 41.79
N ASN A 696 14.90 9.33 40.68
CA ASN A 696 16.07 8.47 40.71
C ASN A 696 17.31 9.28 41.09
N GLY A 697 18.26 8.60 41.72
CA GLY A 697 19.40 9.25 42.35
C GLY A 697 20.17 10.16 41.43
N PRO A 698 20.38 11.41 41.87
CA PRO A 698 21.12 12.37 41.04
C PRO A 698 22.60 12.04 40.94
N TYR A 699 23.06 11.68 39.74
CA TYR A 699 24.46 11.38 39.51
C TYR A 699 25.20 12.68 39.22
N ASN A 700 26.00 13.13 40.18
CA ASN A 700 26.78 14.36 40.02
C ASN A 700 28.06 14.14 39.23
N ASP A 701 28.39 12.89 38.87
CA ASP A 701 29.60 12.65 38.10
C ASP A 701 29.48 13.21 36.69
N VAL A 702 28.26 13.34 36.19
CA VAL A 702 28.02 13.90 34.85
C VAL A 702 28.53 15.34 34.81
N ASN A 703 28.23 16.10 35.86
CA ASN A 703 28.76 17.45 36.04
C ASN A 703 28.36 18.38 34.89
N ILE A 704 27.08 18.40 34.57
CA ILE A 704 26.56 19.44 33.68
C ILE A 704 26.45 20.75 34.46
N PRO A 705 27.04 21.84 33.97
CA PRO A 705 27.05 23.08 34.76
C PRO A 705 25.65 23.59 35.04
N GLY A 706 25.43 24.02 36.28
CA GLY A 706 24.17 24.59 36.67
C GLY A 706 22.99 23.64 36.66
N CYS A 707 23.23 22.33 36.68
CA CYS A 707 22.16 21.35 36.62
C CYS A 707 22.51 20.15 37.49
N TRP A 708 21.47 19.46 37.94
CA TRP A 708 21.58 18.18 38.63
C TRP A 708 21.00 17.10 37.72
N PHE A 709 21.83 16.12 37.37
CA PHE A 709 21.43 15.09 36.41
C PHE A 709 20.75 13.95 37.16
N PHE A 710 19.43 13.94 37.12
CA PHE A 710 18.64 12.84 37.68
C PHE A 710 18.33 11.84 36.57
N LYS A 711 18.66 10.58 36.80
CA LYS A 711 18.39 9.55 35.81
C LYS A 711 16.89 9.26 35.76
N LEU A 712 16.44 8.77 34.61
CA LEU A 712 15.06 8.35 34.46
C LEU A 712 14.83 7.00 35.13
N PRO A 713 13.63 6.77 35.66
CA PRO A 713 13.32 5.45 36.21
C PRO A 713 13.32 4.37 35.13
N HIS A 714 13.69 3.16 35.53
CA HIS A 714 13.77 2.03 34.61
C HIS A 714 12.95 0.87 35.18
N LYS A 715 12.49 0.00 34.27
CA LYS A 715 11.65 -1.11 34.66
C LYS A 715 12.40 -2.14 35.50
N ASP A 716 13.70 -2.28 35.30
CA ASP A 716 14.50 -3.27 36.01
C ASP A 716 15.22 -2.69 37.22
N GLY A 717 14.89 -1.47 37.62
CA GLY A 717 15.48 -0.86 38.79
C GLY A 717 16.54 0.17 38.45
N ASN A 718 17.03 0.83 39.50
CA ASN A 718 18.04 1.87 39.34
C ASN A 718 19.41 1.32 38.96
N ASN A 719 19.62 0.01 39.03
CA ASN A 719 20.89 -0.58 38.64
C ASN A 719 21.14 -0.53 37.15
N TYR A 720 20.13 -0.19 36.35
CA TYR A 720 20.24 -0.13 34.91
C TYR A 720 20.01 1.30 34.43
N ASN A 721 20.17 1.51 33.12
CA ASN A 721 20.06 2.83 32.52
C ASN A 721 18.98 2.82 31.45
N VAL A 722 18.39 3.99 31.22
CA VAL A 722 17.35 4.14 30.21
C VAL A 722 18.02 4.38 28.85
N GLY A 723 17.66 3.57 27.87
CA GLY A 723 18.26 3.67 26.56
C GLY A 723 17.42 4.46 25.57
N SER A 724 16.11 4.44 25.74
CA SER A 724 15.21 5.20 24.88
C SER A 724 13.92 5.52 25.62
N PRO A 725 13.59 6.79 25.83
CA PRO A 725 12.36 7.14 26.55
C PRO A 725 11.09 6.84 25.77
N PHE A 726 11.19 6.32 24.55
CA PHE A 726 10.01 5.93 23.78
C PHE A 726 9.61 4.48 24.05
N ALA A 727 10.24 3.81 25.01
CA ALA A 727 9.90 2.43 25.33
C ALA A 727 8.47 2.36 25.85
N LYS A 728 7.78 1.27 25.53
CA LYS A 728 6.38 1.12 25.93
C LYS A 728 6.23 1.10 27.45
N ASP A 729 7.32 0.90 28.17
CA ASP A 729 7.27 0.91 29.62
C ASP A 729 6.86 2.30 30.09
N PHE A 730 7.26 3.33 29.35
CA PHE A 730 6.96 4.71 29.71
C PHE A 730 5.61 5.18 29.17
N LEU A 731 4.91 4.34 28.41
CA LEU A 731 3.60 4.69 27.86
C LEU A 731 2.60 5.06 28.96
N PRO A 732 2.51 4.30 30.07
CA PRO A 732 1.69 4.78 31.20
C PRO A 732 2.12 6.14 31.72
N LYS A 733 3.43 6.42 31.73
CA LYS A 733 3.91 7.72 32.18
C LYS A 733 3.55 8.82 31.19
N MET A 734 3.46 8.48 29.90
CA MET A 734 3.06 9.47 28.90
C MET A 734 1.64 9.98 29.14
N GLU A 735 0.72 9.07 29.44
CA GLU A 735 -0.67 9.47 29.66
C GLU A 735 -0.86 10.19 30.98
N ASP A 736 -0.03 9.90 31.98
CA ASP A 736 -0.13 10.55 33.27
C ASP A 736 0.30 12.01 33.24
N GLY A 737 0.89 12.47 32.14
CA GLY A 737 1.37 13.83 32.04
C GLY A 737 2.78 14.05 32.53
N THR A 738 3.51 12.99 32.86
CA THR A 738 4.90 13.14 33.27
C THR A 738 5.83 13.28 32.06
N LEU A 739 5.84 12.26 31.20
CA LEU A 739 6.67 12.28 30.00
C LEU A 739 5.88 12.90 28.85
N GLN A 740 5.76 14.23 28.90
CA GLN A 740 5.03 14.97 27.87
C GLN A 740 5.99 15.36 26.76
N ALA A 741 5.71 14.88 25.55
CA ALA A 741 6.52 15.24 24.40
C ALA A 741 6.25 16.67 23.97
N GLY A 742 7.15 17.20 23.15
CA GLY A 742 6.98 18.50 22.57
C GLY A 742 6.40 18.40 21.18
N PRO A 743 7.11 18.97 20.18
CA PRO A 743 6.72 18.83 18.78
C PRO A 743 6.77 17.38 18.29
N SER A 747 1.89 14.30 16.45
CA SER A 747 2.74 13.23 16.97
C SER A 747 2.67 13.17 18.50
N GLY A 748 3.75 12.71 19.12
CA GLY A 748 3.81 12.58 20.55
C GLY A 748 3.41 11.18 20.99
N PRO A 749 2.24 11.07 21.64
CA PRO A 749 1.71 9.73 21.93
C PRO A 749 1.46 8.91 20.68
N ARG A 750 1.13 9.55 19.56
CA ARG A 750 0.90 8.83 18.32
C ARG A 750 2.15 8.09 17.87
N ALA A 751 3.34 8.64 18.16
CA ALA A 751 4.57 7.93 17.86
C ALA A 751 4.66 6.64 18.67
N LEU A 752 4.33 6.71 19.96
CA LEU A 752 4.32 5.52 20.80
C LEU A 752 3.26 4.53 20.34
N GLU A 753 2.08 5.02 19.95
CA GLU A 753 1.04 4.14 19.46
C GLU A 753 1.46 3.45 18.17
N ILE A 754 2.10 4.18 17.25
CA ILE A 754 2.57 3.56 16.02
C ILE A 754 3.62 2.51 16.33
N ASN A 755 4.55 2.83 17.24
CA ASN A 755 5.58 1.86 17.61
C ASN A 755 4.96 0.61 18.21
N LYS A 756 3.96 0.78 19.07
CA LYS A 756 3.27 -0.36 19.68
C LYS A 756 2.54 -1.18 18.62
N MET A 757 1.92 -0.52 17.64
CA MET A 757 1.18 -1.24 16.62
C MET A 757 2.10 -2.00 15.67
N ILE A 758 3.27 -1.44 15.37
CA ILE A 758 4.17 -2.06 14.39
C ILE A 758 5.30 -2.84 15.04
N SER A 759 5.32 -2.95 16.38
CA SER A 759 6.39 -3.68 17.04
C SER A 759 6.39 -5.16 16.68
N PHE A 760 5.20 -5.78 16.63
CA PHE A 760 5.12 -7.18 16.25
C PHE A 760 5.58 -7.39 14.83
N TRP A 761 5.07 -6.59 13.89
CA TRP A 761 5.43 -6.79 12.49
C TRP A 761 6.88 -6.44 12.23
N ARG A 762 7.42 -5.44 12.92
CA ARG A 762 8.83 -5.09 12.73
C ARG A 762 9.73 -6.28 13.02
N ASN A 763 9.46 -7.00 14.11
CA ASN A 763 10.26 -8.17 14.45
C ASN A 763 9.92 -9.38 13.59
N ALA A 764 8.65 -9.56 13.22
CA ALA A 764 8.18 -10.82 12.66
C ALA A 764 7.89 -10.79 11.17
N HIS A 765 8.17 -9.69 10.46
CA HIS A 765 7.85 -9.67 9.04
C HIS A 765 8.82 -10.49 8.22
N LYS A 766 10.09 -10.51 8.62
CA LYS A 766 11.09 -11.34 7.95
C LYS A 766 10.84 -12.82 8.16
N ARG A 767 10.02 -13.20 9.15
CA ARG A 767 9.58 -14.58 9.32
C ARG A 767 8.27 -14.87 8.59
N ILE A 768 7.26 -14.01 8.79
CA ILE A 768 5.94 -14.27 8.22
C ILE A 768 5.98 -14.18 6.70
N SER A 769 6.61 -13.12 6.17
CA SER A 769 6.68 -12.96 4.72
C SER A 769 7.54 -14.05 4.09
N SER A 770 8.49 -14.60 4.84
CA SER A 770 9.41 -15.60 4.31
C SER A 770 8.92 -17.03 4.49
N GLN A 771 7.73 -17.22 5.05
CA GLN A 771 7.20 -18.57 5.19
C GLN A 771 7.04 -19.20 3.82
N MET A 772 7.45 -20.47 3.70
CA MET A 772 7.45 -21.15 2.41
C MET A 772 6.04 -21.63 2.11
N VAL A 773 5.32 -20.84 1.33
CA VAL A 773 3.95 -21.18 0.92
C VAL A 773 4.00 -21.80 -0.46
N VAL A 774 3.39 -22.98 -0.60
CA VAL A 774 3.30 -23.68 -1.87
C VAL A 774 1.84 -23.71 -2.28
N TRP A 775 1.53 -23.03 -3.38
CA TRP A 775 0.15 -22.92 -3.88
C TRP A 775 -0.15 -24.13 -4.74
N LEU A 776 -1.17 -24.89 -4.36
CA LEU A 776 -1.55 -26.04 -5.16
C LEU A 776 -2.20 -25.59 -6.46
N PRO A 777 -1.90 -26.24 -7.58
CA PRO A 777 -2.63 -25.97 -8.82
C PRO A 777 -4.03 -26.57 -8.75
N ARG A 778 -4.86 -26.16 -9.71
CA ARG A 778 -6.23 -26.66 -9.76
C ARG A 778 -6.25 -28.17 -9.98
N SER A 779 -5.35 -28.68 -10.80
CA SER A 779 -5.30 -30.12 -11.07
C SER A 779 -4.96 -30.94 -9.82
N ALA A 780 -4.19 -30.37 -8.89
CA ALA A 780 -3.78 -31.10 -7.70
C ALA A 780 -4.76 -31.00 -6.55
N LEU A 781 -5.76 -30.13 -6.66
CA LEU A 781 -6.76 -30.03 -5.60
C LEU A 781 -7.69 -31.24 -5.63
N PRO A 782 -8.23 -31.64 -4.48
CA PRO A 782 -9.18 -32.74 -4.45
C PRO A 782 -10.49 -32.36 -5.12
N ARG A 783 -11.26 -33.39 -5.50
CA ARG A 783 -12.51 -33.15 -6.20
C ARG A 783 -13.51 -32.39 -5.35
N VAL A 784 -13.41 -32.50 -4.03
CA VAL A 784 -14.33 -31.80 -3.13
C VAL A 784 -14.17 -30.30 -3.28
N VAL A 785 -12.94 -29.81 -3.32
CA VAL A 785 -12.70 -28.37 -3.44
C VAL A 785 -13.14 -27.87 -4.80
N THR A 786 -12.91 -28.67 -5.85
CA THR A 786 -13.30 -28.29 -7.21
C THR A 786 -14.80 -28.40 -7.45
N ARG A 787 -15.59 -28.69 -6.42
CA ARG A 787 -17.04 -28.78 -6.55
C ARG A 787 -17.82 -28.02 -5.48
N HIS A 788 -17.17 -27.53 -4.43
CA HIS A 788 -17.88 -26.81 -3.38
C HIS A 788 -18.38 -25.47 -3.92
N PRO A 789 -19.55 -25.01 -3.47
CA PRO A 789 -20.07 -23.72 -3.95
C PRO A 789 -19.18 -22.53 -3.63
N SER A 790 -18.30 -22.64 -2.65
CA SER A 790 -17.42 -21.53 -2.29
C SER A 790 -16.17 -21.46 -3.16
N PHE A 791 -16.00 -22.39 -4.10
CA PHE A 791 -14.84 -22.40 -4.97
C PHE A 791 -14.90 -21.26 -5.97
N ASP A 792 -13.73 -20.73 -6.31
CA ASP A 792 -13.61 -19.65 -7.30
C ASP A 792 -12.40 -19.93 -8.18
N GLU A 793 -12.61 -19.89 -9.50
CA GLU A 793 -11.54 -20.20 -10.44
C GLU A 793 -10.46 -19.14 -10.46
N GLU A 794 -10.78 -17.90 -10.06
CA GLU A 794 -9.81 -16.82 -10.14
C GLU A 794 -8.83 -16.80 -8.97
N GLY A 795 -9.05 -17.62 -7.94
CA GLY A 795 -8.14 -17.70 -6.83
C GLY A 795 -7.25 -18.93 -6.89
N HIS A 796 -6.29 -18.96 -5.96
CA HIS A 796 -5.36 -20.07 -5.86
C HIS A 796 -5.25 -20.48 -4.39
N TYR A 797 -5.12 -21.78 -4.17
CA TYR A 797 -5.13 -22.34 -2.83
C TYR A 797 -3.84 -23.11 -2.58
N GLY A 798 -3.33 -22.98 -1.36
CA GLY A 798 -2.07 -23.62 -1.01
C GLY A 798 -1.98 -24.03 0.45
N ALA A 799 -0.77 -24.23 0.94
CA ALA A 799 -0.57 -24.63 2.32
C ALA A 799 0.77 -24.10 2.80
N ILE A 800 0.92 -24.04 4.12
CA ILE A 800 2.20 -23.74 4.77
C ILE A 800 2.54 -24.92 5.66
N LEU A 801 3.71 -25.52 5.45
CA LEU A 801 4.18 -26.59 6.31
C LEU A 801 4.98 -25.97 7.44
N PRO A 802 4.43 -25.89 8.66
CA PRO A 802 5.19 -25.29 9.77
C PRO A 802 6.42 -26.12 10.07
N GLN A 803 7.59 -25.48 10.03
CA GLN A 803 8.84 -26.17 10.30
C GLN A 803 8.95 -26.38 11.81
N VAL A 804 8.09 -27.26 12.32
CA VAL A 804 7.96 -27.51 13.74
C VAL A 804 8.88 -28.65 14.13
N VAL A 805 9.76 -28.39 15.10
CA VAL A 805 10.56 -29.44 15.70
C VAL A 805 9.71 -30.10 16.79
N THR A 806 9.58 -31.42 16.74
CA THR A 806 8.70 -32.14 17.64
C THR A 806 9.10 -31.88 19.09
N ALA A 807 10.38 -31.99 19.39
CA ALA A 807 10.89 -31.57 20.69
C ALA A 807 11.50 -30.18 20.55
N GLY A 808 12.39 -29.81 21.46
CA GLY A 808 13.03 -28.51 21.37
C GLY A 808 13.25 -27.90 22.73
N THR A 809 12.64 -28.51 23.75
CA THR A 809 12.86 -28.13 25.13
C THR A 809 13.10 -29.40 25.96
N ILE A 810 13.68 -29.19 27.16
CA ILE A 810 13.86 -30.30 28.09
C ILE A 810 12.51 -30.92 28.44
N THR A 811 11.45 -30.12 28.41
CA THR A 811 10.09 -30.59 28.64
C THR A 811 9.47 -31.21 27.39
N ARG A 812 10.29 -31.43 26.37
CA ARG A 812 9.82 -32.11 25.16
C ARG A 812 8.66 -31.41 24.49
N ARG A 813 8.61 -30.09 24.60
CA ARG A 813 7.58 -29.33 23.94
C ARG A 813 8.00 -29.03 22.52
N ALA A 814 7.04 -28.95 21.61
CA ALA A 814 7.36 -28.56 20.25
C ALA A 814 7.49 -27.05 20.17
N VAL A 815 8.51 -26.62 19.44
CA VAL A 815 8.80 -25.21 19.34
C VAL A 815 8.86 -24.72 17.90
N GLU A 816 8.36 -23.52 17.67
CA GLU A 816 8.39 -22.89 16.36
C GLU A 816 8.20 -21.39 16.57
N PRO A 817 9.09 -20.55 16.05
CA PRO A 817 9.02 -19.11 16.36
C PRO A 817 7.76 -18.43 15.83
N THR A 818 7.10 -18.98 14.83
CA THR A 818 5.97 -18.32 14.18
C THR A 818 4.63 -18.91 14.59
N TRP A 819 4.44 -20.22 14.40
CA TRP A 819 3.12 -20.84 14.52
C TRP A 819 2.79 -21.29 15.94
N LEU A 820 3.75 -21.88 16.65
CA LEU A 820 3.50 -22.41 17.98
C LEU A 820 3.62 -21.35 19.06
N THR A 821 3.52 -20.07 18.69
CA THR A 821 3.46 -18.97 19.63
C THR A 821 2.04 -18.41 19.65
N ALA A 822 1.58 -18.01 20.84
CA ALA A 822 0.21 -17.56 21.00
C ALA A 822 0.00 -16.19 20.37
N SER A 823 0.03 -16.14 19.04
CA SER A 823 -0.11 -14.88 18.30
C SER A 823 -1.57 -14.65 17.89
N ASN A 824 -2.43 -14.53 18.90
CA ASN A 824 -3.83 -14.25 18.66
C ASN A 824 -4.02 -12.83 18.15
N ALA A 825 -5.12 -12.62 17.44
CA ALA A 825 -5.39 -11.33 16.83
C ALA A 825 -5.60 -10.25 17.88
N ARG A 826 -5.08 -9.06 17.60
CA ARG A 826 -5.18 -7.92 18.50
C ARG A 826 -5.77 -6.74 17.75
N PRO A 827 -6.63 -5.95 18.41
CA PRO A 827 -7.20 -4.77 17.74
C PRO A 827 -6.20 -3.66 17.49
N ASP A 828 -5.00 -3.73 18.07
CA ASP A 828 -4.00 -2.68 17.97
C ASP A 828 -2.65 -3.25 17.58
N ARG A 829 -2.62 -4.10 16.57
CA ARG A 829 -1.37 -4.74 16.15
C ARG A 829 -1.43 -5.03 14.65
N VAL A 830 -0.38 -4.66 13.94
CA VAL A 830 -0.31 -4.90 12.50
C VAL A 830 0.18 -6.33 12.27
N GLY A 831 -0.57 -7.08 11.48
CA GLY A 831 -0.20 -8.44 11.13
C GLY A 831 -0.56 -9.49 12.15
N SER A 832 -1.25 -9.14 13.24
CA SER A 832 -1.56 -10.11 14.28
C SER A 832 -2.68 -11.06 13.87
N GLU A 833 -3.30 -10.86 12.71
CA GLU A 833 -4.27 -11.82 12.18
C GLU A 833 -3.62 -13.00 11.50
N LEU A 834 -2.33 -13.25 11.81
CA LEU A 834 -1.56 -14.31 11.17
C LEU A 834 -2.26 -15.66 11.27
N LYS A 835 -2.72 -16.02 12.47
CA LYS A 835 -3.42 -17.29 12.62
C LYS A 835 -4.77 -17.29 11.91
N ALA A 836 -5.46 -16.15 11.88
CA ALA A 836 -6.73 -16.05 11.18
C ALA A 836 -6.58 -16.27 9.68
N MET A 837 -5.35 -16.19 9.15
CA MET A 837 -5.14 -16.45 7.74
C MET A 837 -5.00 -17.92 7.42
N VAL A 838 -5.06 -18.79 8.42
CA VAL A 838 -5.08 -20.23 8.18
C VAL A 838 -6.52 -20.64 7.94
N GLN A 839 -6.98 -20.50 6.70
CA GLN A 839 -8.38 -20.71 6.34
C GLN A 839 -8.49 -22.01 5.57
N ALA A 840 -9.38 -22.89 6.04
CA ALA A 840 -9.57 -24.17 5.36
C ALA A 840 -10.11 -23.94 3.96
N PRO A 841 -9.67 -24.69 2.96
CA PRO A 841 -10.21 -24.55 1.61
C PRO A 841 -11.67 -24.92 1.57
N PRO A 842 -12.41 -24.47 0.56
CA PRO A 842 -13.85 -24.78 0.50
C PRO A 842 -14.11 -26.28 0.53
N GLY A 843 -15.04 -26.69 1.40
CA GLY A 843 -15.34 -28.08 1.63
C GLY A 843 -14.76 -28.63 2.91
N TYR A 844 -13.79 -27.95 3.52
CA TYR A 844 -13.14 -28.41 4.73
C TYR A 844 -13.39 -27.43 5.87
N VAL A 845 -13.26 -27.94 7.10
CA VAL A 845 -13.43 -27.14 8.31
C VAL A 845 -12.37 -27.56 9.33
N LEU A 846 -12.19 -26.72 10.34
CA LEU A 846 -11.15 -26.92 11.35
C LEU A 846 -11.81 -27.25 12.69
N VAL A 847 -12.04 -28.54 12.94
CA VAL A 847 -12.52 -28.98 14.23
C VAL A 847 -11.37 -28.96 15.23
N GLY A 848 -11.61 -28.38 16.40
CA GLY A 848 -10.57 -28.30 17.40
C GLY A 848 -11.15 -28.10 18.79
N ALA A 849 -10.27 -28.20 19.78
CA ALA A 849 -10.66 -28.01 21.17
C ALA A 849 -9.47 -27.49 21.97
N ASP A 850 -9.79 -26.85 23.08
CA ASP A 850 -8.78 -26.35 24.02
C ASP A 850 -8.92 -27.13 25.32
N VAL A 851 -7.81 -27.72 25.77
CA VAL A 851 -7.83 -28.53 26.99
C VAL A 851 -7.97 -27.60 28.18
N ASP A 852 -9.05 -27.77 28.94
CA ASP A 852 -9.37 -26.87 30.05
C ASP A 852 -8.42 -27.15 31.22
N SER A 853 -7.50 -26.22 31.47
CA SER A 853 -6.54 -26.31 32.57
C SER A 853 -5.77 -27.64 32.52
N GLN A 854 -5.02 -27.81 31.44
CA GLN A 854 -4.29 -29.06 31.22
C GLN A 854 -3.25 -29.29 32.31
N GLU A 855 -2.25 -28.40 32.39
CA GLU A 855 -1.21 -28.56 33.40
C GLU A 855 -1.77 -28.40 34.81
N LEU A 856 -2.75 -27.50 34.98
CA LEU A 856 -3.34 -27.29 36.30
C LEU A 856 -4.03 -28.56 36.79
N TRP A 857 -4.83 -29.20 35.92
CA TRP A 857 -5.48 -30.44 36.33
C TRP A 857 -4.48 -31.57 36.49
N ILE A 858 -3.41 -31.60 35.70
CA ILE A 858 -2.38 -32.62 35.89
C ILE A 858 -1.74 -32.48 37.26
N ALA A 859 -1.40 -31.25 37.66
CA ALA A 859 -0.84 -31.03 38.98
C ALA A 859 -1.84 -31.39 40.07
N ALA A 860 -3.11 -31.04 39.88
CA ALA A 860 -4.12 -31.37 40.88
C ALA A 860 -4.28 -32.88 41.04
N VAL A 861 -4.35 -33.61 39.93
CA VAL A 861 -4.56 -35.06 40.02
C VAL A 861 -3.31 -35.75 40.56
N LEU A 862 -2.12 -35.20 40.29
CA LEU A 862 -0.93 -35.72 40.95
C LEU A 862 -0.99 -35.48 42.45
N GLY A 863 -1.45 -34.31 42.87
CA GLY A 863 -1.64 -34.08 44.29
C GLY A 863 -2.72 -34.97 44.89
N ASP A 864 -3.80 -35.19 44.15
CA ASP A 864 -4.90 -36.02 44.64
C ASP A 864 -4.47 -37.48 44.79
N ALA A 865 -3.67 -37.99 43.85
CA ALA A 865 -3.27 -39.39 43.88
C ALA A 865 -2.28 -39.71 44.99
N HIS A 866 -1.73 -38.70 45.67
CA HIS A 866 -0.72 -38.91 46.70
C HIS A 866 -1.26 -38.75 48.11
N PHE A 867 -2.06 -37.71 48.37
CA PHE A 867 -2.52 -37.41 49.72
C PHE A 867 -3.38 -38.52 50.30
N ALA A 868 -4.56 -38.74 49.72
CA ALA A 868 -5.48 -39.76 50.19
C ALA A 868 -5.88 -40.75 49.11
N GLY A 869 -5.31 -40.63 47.91
CA GLY A 869 -5.61 -41.54 46.83
C GLY A 869 -7.02 -41.46 46.31
N MET A 870 -7.56 -40.25 46.17
CA MET A 870 -8.86 -40.07 45.54
C MET A 870 -8.97 -38.62 45.05
N HIS A 871 -9.86 -38.41 44.09
CA HIS A 871 -10.03 -37.08 43.51
C HIS A 871 -10.64 -36.13 44.52
N GLY A 872 -10.09 -34.93 44.59
CA GLY A 872 -10.58 -33.90 45.48
C GLY A 872 -10.12 -34.01 46.91
N CYS A 873 -9.27 -34.99 47.23
CA CYS A 873 -8.81 -35.14 48.60
C CYS A 873 -7.93 -33.97 49.04
N THR A 874 -7.30 -33.30 48.08
CA THR A 874 -6.48 -32.13 48.35
C THR A 874 -7.30 -30.87 48.16
N ALA A 875 -6.95 -29.82 48.92
CA ALA A 875 -7.62 -28.54 48.76
C ALA A 875 -7.41 -27.99 47.34
N PHE A 876 -6.19 -28.11 46.83
CA PHE A 876 -5.91 -27.69 45.46
C PHE A 876 -6.72 -28.50 44.46
N GLY A 877 -6.77 -29.82 44.63
CA GLY A 877 -7.58 -30.64 43.74
C GLY A 877 -9.06 -30.37 43.88
N TRP A 878 -9.51 -30.14 45.11
CA TRP A 878 -10.92 -29.80 45.34
C TRP A 878 -11.29 -28.50 44.65
N MET A 879 -10.41 -27.50 44.70
CA MET A 879 -10.68 -26.24 44.02
C MET A 879 -10.57 -26.38 42.51
N THR A 880 -9.72 -27.29 42.04
CA THR A 880 -9.54 -27.46 40.59
C THR A 880 -10.74 -28.18 39.97
N LEU A 881 -11.23 -29.23 40.64
CA LEU A 881 -12.26 -30.06 40.04
C LEU A 881 -13.60 -29.34 39.88
N GLN A 882 -13.83 -28.26 40.62
CA GLN A 882 -15.12 -27.59 40.59
C GLN A 882 -14.94 -26.12 40.90
N GLY A 883 -15.91 -25.32 40.49
CA GLY A 883 -15.89 -23.89 40.74
C GLY A 883 -15.86 -23.05 39.47
N SER A 1015 -0.22 -28.61 49.04
CA SER A 1015 1.22 -28.77 48.85
C SER A 1015 1.58 -30.22 48.55
N GLU A 1016 0.55 -31.08 48.57
CA GLU A 1016 0.78 -32.48 48.23
C GLU A 1016 1.26 -32.62 46.79
N MET A 1017 0.74 -31.78 45.89
CA MET A 1017 1.22 -31.78 44.52
C MET A 1017 2.71 -31.47 44.47
N PHE A 1018 3.15 -30.44 45.20
CA PHE A 1018 4.57 -30.10 45.23
C PHE A 1018 5.40 -31.23 45.83
N ASN A 1019 4.86 -31.89 46.87
CA ASN A 1019 5.57 -33.01 47.47
C ASN A 1019 5.79 -34.14 46.46
N LYS A 1020 4.74 -34.49 45.73
CA LYS A 1020 4.87 -35.57 44.75
C LYS A 1020 5.81 -35.17 43.60
N LEU A 1021 5.71 -33.91 43.17
CA LEU A 1021 6.61 -33.43 42.11
C LEU A 1021 8.06 -33.50 42.56
N GLU A 1022 8.35 -33.09 43.79
CA GLU A 1022 9.71 -33.15 44.31
C GLU A 1022 10.17 -34.59 44.47
N SER A 1023 9.27 -35.48 44.90
CA SER A 1023 9.62 -36.89 45.02
C SER A 1023 9.99 -37.48 43.66
N ILE A 1024 9.23 -37.14 42.62
CA ILE A 1024 9.53 -37.64 41.28
C ILE A 1024 10.83 -37.04 40.76
N ALA A 1025 11.04 -35.74 40.99
CA ALA A 1025 12.22 -35.07 40.46
C ALA A 1025 13.51 -35.51 41.14
N MET A 1026 13.46 -35.75 42.46
CA MET A 1026 14.66 -36.08 43.22
C MET A 1026 14.96 -37.57 43.24
N SER A 1027 14.19 -38.40 42.54
CA SER A 1027 14.46 -39.82 42.48
C SER A 1027 15.72 -40.08 41.67
N ASP A 1028 16.11 -41.36 41.60
CA ASP A 1028 17.33 -41.72 40.87
C ASP A 1028 17.23 -41.35 39.40
N THR A 1029 16.07 -41.58 38.79
CA THR A 1029 15.83 -41.21 37.40
C THR A 1029 14.39 -40.75 37.30
N PRO A 1030 14.14 -39.44 37.24
CA PRO A 1030 12.76 -38.94 37.14
C PRO A 1030 12.07 -39.50 35.92
N ARG A 1031 10.80 -39.88 36.09
CA ARG A 1031 9.99 -40.45 35.03
C ARG A 1031 8.62 -39.81 35.03
N THR A 1032 8.01 -39.77 33.85
CA THR A 1032 6.66 -39.25 33.75
C THR A 1032 5.69 -40.19 34.45
N PRO A 1033 4.78 -39.69 35.27
CA PRO A 1033 3.90 -40.58 36.05
C PRO A 1033 2.85 -41.31 35.22
N VAL A 1034 2.84 -41.15 33.90
CA VAL A 1034 1.83 -41.82 33.08
C VAL A 1034 2.50 -42.76 32.09
N LEU A 1035 3.31 -42.21 31.18
CA LEU A 1035 3.97 -43.00 30.16
C LEU A 1035 5.40 -43.39 30.53
N GLY A 1036 5.86 -43.02 31.72
CA GLY A 1036 7.17 -43.44 32.18
C GLY A 1036 8.33 -42.89 31.38
N CYS A 1037 8.15 -41.75 30.72
CA CYS A 1037 9.25 -41.15 29.97
C CYS A 1037 10.29 -40.58 30.93
N CYS A 1038 11.53 -40.98 30.75
CA CYS A 1038 12.61 -40.54 31.63
C CYS A 1038 13.03 -39.11 31.29
N ILE A 1039 13.65 -38.45 32.26
CA ILE A 1039 14.17 -37.11 32.05
C ILE A 1039 15.46 -37.17 31.25
N SER A 1040 15.87 -36.03 30.71
CA SER A 1040 17.09 -35.96 29.94
C SER A 1040 18.31 -36.27 30.81
N ARG A 1041 19.34 -36.82 30.17
CA ARG A 1041 20.57 -37.17 30.90
C ARG A 1041 21.26 -35.94 31.47
N ALA A 1042 20.90 -34.74 31.00
CA ALA A 1042 21.49 -33.53 31.55
C ALA A 1042 20.86 -33.10 32.86
N LEU A 1043 19.76 -33.74 33.29
CA LEU A 1043 19.09 -33.38 34.53
C LEU A 1043 18.98 -34.54 35.51
N GLU A 1044 19.56 -35.69 35.20
CA GLU A 1044 19.57 -36.79 36.16
C GLU A 1044 20.41 -36.38 37.38
N PRO A 1045 20.01 -36.77 38.59
CA PRO A 1045 20.71 -36.30 39.79
C PRO A 1045 22.17 -36.73 39.86
N SER A 1046 22.54 -37.73 39.07
CA SER A 1046 23.93 -38.18 39.01
C SER A 1046 24.85 -37.07 38.51
N VAL A 1047 24.60 -36.56 37.30
CA VAL A 1047 25.47 -35.54 36.72
C VAL A 1047 25.32 -34.22 37.46
N VAL A 1048 24.08 -33.85 37.76
CA VAL A 1048 23.81 -32.62 38.50
C VAL A 1048 23.50 -32.98 39.94
N GLN A 1049 24.44 -32.74 40.84
CA GLN A 1049 24.27 -33.10 42.25
C GLN A 1049 23.42 -32.04 42.92
N GLY A 1050 22.10 -32.26 42.94
CA GLY A 1050 21.18 -31.31 43.52
C GLY A 1050 21.16 -29.99 42.79
N GLU A 1051 21.32 -30.03 41.48
CA GLU A 1051 21.34 -28.83 40.65
C GLU A 1051 20.14 -28.82 39.70
N PHE A 1052 19.70 -27.60 39.37
CA PHE A 1052 18.58 -27.36 38.47
C PHE A 1052 17.32 -28.10 38.95
N ILE A 1053 16.94 -27.79 40.19
CA ILE A 1053 15.72 -28.35 40.77
C ILE A 1053 14.48 -27.77 40.10
N THR A 1054 14.50 -26.45 39.82
CA THR A 1054 13.35 -25.81 39.19
C THR A 1054 13.08 -26.42 37.82
N SER A 1055 14.13 -26.65 37.04
CA SER A 1055 13.96 -27.24 35.72
C SER A 1055 13.32 -28.62 35.81
N ARG A 1056 13.75 -29.44 36.77
CA ARG A 1056 13.20 -30.78 36.91
C ARG A 1056 11.73 -30.74 37.35
N VAL A 1057 11.41 -29.90 38.34
CA VAL A 1057 10.03 -29.86 38.83
C VAL A 1057 9.10 -29.30 37.76
N ASN A 1058 9.56 -28.32 36.98
CA ASN A 1058 8.77 -27.85 35.85
C ASN A 1058 8.63 -28.95 34.80
N TRP A 1059 9.71 -29.69 34.56
CA TRP A 1059 9.69 -30.75 33.56
C TRP A 1059 8.68 -31.82 33.89
N VAL A 1060 8.51 -32.15 35.17
CA VAL A 1060 7.55 -33.19 35.52
C VAL A 1060 6.17 -32.85 34.96
N VAL A 1061 5.65 -31.68 35.31
CA VAL A 1061 4.30 -31.29 34.88
C VAL A 1061 4.26 -31.10 33.37
N GLN A 1062 5.26 -30.45 32.79
CA GLN A 1062 5.20 -30.15 31.37
C GLN A 1062 5.31 -31.41 30.52
N SER A 1063 6.15 -32.36 30.94
CA SER A 1063 6.24 -33.63 30.24
C SER A 1063 4.99 -34.47 30.44
N SER A 1064 4.33 -34.34 31.58
CA SER A 1064 3.01 -34.98 31.73
C SER A 1064 2.02 -34.37 30.74
N ALA A 1065 2.08 -33.06 30.53
CA ALA A 1065 1.24 -32.43 29.52
C ALA A 1065 1.57 -32.94 28.12
N VAL A 1066 2.85 -33.14 27.83
CA VAL A 1066 3.24 -33.67 26.52
C VAL A 1066 2.74 -35.10 26.35
N ASP A 1067 2.74 -35.87 27.44
CA ASP A 1067 2.16 -37.21 27.40
C ASP A 1067 0.66 -37.14 27.13
N TYR A 1068 -0.01 -36.17 27.75
CA TYR A 1068 -1.44 -35.97 27.48
C TYR A 1068 -1.68 -35.67 26.00
N LEU A 1069 -0.84 -34.82 25.42
CA LEU A 1069 -0.96 -34.52 23.99
C LEU A 1069 -0.70 -35.76 23.15
N HIS A 1070 0.28 -36.58 23.54
CA HIS A 1070 0.55 -37.82 22.82
C HIS A 1070 -0.66 -38.74 22.85
N LEU A 1071 -1.28 -38.89 24.03
CA LEU A 1071 -2.47 -39.73 24.14
C LEU A 1071 -3.61 -39.20 23.27
N MET A 1072 -3.83 -37.88 23.30
CA MET A 1072 -4.89 -37.30 22.50
C MET A 1072 -4.67 -37.54 21.01
N LEU A 1073 -3.43 -37.31 20.54
CA LEU A 1073 -3.15 -37.48 19.12
C LEU A 1073 -3.26 -38.93 18.70
N VAL A 1074 -2.78 -39.86 19.53
CA VAL A 1074 -2.87 -41.28 19.19
C VAL A 1074 -4.32 -41.72 19.10
N ALA A 1075 -5.13 -41.34 20.11
CA ALA A 1075 -6.53 -41.74 20.10
C ALA A 1075 -7.29 -41.11 18.95
N MET A 1076 -6.99 -39.85 18.63
CA MET A 1076 -7.64 -39.19 17.49
C MET A 1076 -7.29 -39.88 16.18
N LYS A 1077 -6.02 -40.22 15.98
CA LYS A 1077 -5.65 -40.92 14.76
C LYS A 1077 -6.32 -42.29 14.68
N TRP A 1078 -6.39 -42.99 15.81
CA TRP A 1078 -7.04 -44.30 15.83
C TRP A 1078 -8.52 -44.18 15.45
N LEU A 1079 -9.23 -43.23 16.05
CA LEU A 1079 -10.64 -43.04 15.73
C LEU A 1079 -10.84 -42.60 14.28
N PHE A 1080 -9.94 -41.76 13.76
CA PHE A 1080 -10.05 -41.34 12.37
C PHE A 1080 -9.86 -42.51 11.42
N GLU A 1081 -8.86 -43.36 11.68
CA GLU A 1081 -8.55 -44.42 10.74
C GLU A 1081 -9.54 -45.58 10.82
N GLU A 1082 -9.99 -45.93 12.03
CA GLU A 1082 -10.86 -47.09 12.16
C GLU A 1082 -12.26 -46.81 11.62
N PHE A 1083 -12.80 -45.63 11.91
CA PHE A 1083 -14.16 -45.29 11.50
C PHE A 1083 -14.20 -44.58 10.15
N ALA A 1084 -13.06 -44.44 9.48
CA ALA A 1084 -12.98 -43.86 8.14
C ALA A 1084 -13.57 -42.45 8.08
N ILE A 1085 -12.94 -41.56 8.83
CA ILE A 1085 -13.27 -40.13 8.80
C ILE A 1085 -12.23 -39.43 7.95
N ASP A 1086 -12.68 -38.66 6.97
CA ASP A 1086 -11.77 -37.95 6.06
C ASP A 1086 -11.24 -36.72 6.77
N GLY A 1087 -10.05 -36.85 7.35
CA GLY A 1087 -9.44 -35.74 8.05
C GLY A 1087 -8.01 -36.04 8.38
N ARG A 1088 -7.32 -35.01 8.89
CA ARG A 1088 -5.92 -35.13 9.25
C ARG A 1088 -5.59 -34.11 10.33
N PHE A 1089 -4.48 -34.37 11.02
CA PHE A 1089 -4.02 -33.46 12.07
C PHE A 1089 -3.56 -32.15 11.45
N CYS A 1090 -4.03 -31.04 12.00
CA CYS A 1090 -3.67 -29.73 11.45
C CYS A 1090 -2.48 -29.11 12.17
N ILE A 1091 -2.63 -28.85 13.47
CA ILE A 1091 -1.57 -28.26 14.28
C ILE A 1091 -1.96 -28.39 15.74
N SER A 1092 -0.98 -28.44 16.64
CA SER A 1092 -1.22 -28.49 18.07
C SER A 1092 -0.28 -27.51 18.76
N ILE A 1093 -0.79 -26.32 19.10
CA ILE A 1093 -0.08 -25.39 19.95
C ILE A 1093 -0.10 -25.95 21.36
N HIS A 1094 0.71 -25.37 22.24
CA HIS A 1094 0.87 -25.89 23.60
C HIS A 1094 -0.34 -26.52 24.22
N ASP A 1095 -1.50 -25.93 24.01
CA ASP A 1095 -2.69 -26.42 24.70
C ASP A 1095 -3.89 -26.59 23.78
N GLU A 1096 -3.69 -26.63 22.46
CA GLU A 1096 -4.78 -26.76 21.52
C GLU A 1096 -4.55 -27.94 20.59
N VAL A 1097 -5.64 -28.49 20.08
CA VAL A 1097 -5.60 -29.61 19.13
C VAL A 1097 -6.59 -29.29 18.01
N ARG A 1098 -6.07 -29.05 16.82
CA ARG A 1098 -6.88 -28.66 15.66
C ARG A 1098 -6.80 -29.73 14.59
N TYR A 1099 -7.94 -29.99 13.94
CA TYR A 1099 -8.03 -31.03 12.91
C TYR A 1099 -8.72 -30.50 11.67
N LEU A 1100 -8.15 -30.78 10.51
CA LEU A 1100 -8.72 -30.38 9.22
C LEU A 1100 -9.65 -31.49 8.74
N VAL A 1101 -10.96 -31.26 8.87
CA VAL A 1101 -11.93 -32.26 8.49
C VAL A 1101 -13.03 -31.67 7.61
N ARG A 1102 -13.65 -32.49 6.79
CA ARG A 1102 -14.71 -32.05 5.90
C ARG A 1102 -15.95 -31.69 6.71
N GLU A 1103 -16.72 -30.71 6.20
CA GLU A 1103 -17.93 -30.30 6.89
C GLU A 1103 -18.96 -31.44 6.94
N GLU A 1104 -18.87 -32.35 5.99
CA GLU A 1104 -19.76 -33.51 6.00
C GLU A 1104 -19.52 -34.26 7.29
N ASP A 1105 -18.31 -34.76 7.47
CA ASP A 1105 -17.95 -35.47 8.70
C ASP A 1105 -17.30 -34.53 9.69
N ARG A 1106 -18.11 -33.70 10.36
CA ARG A 1106 -17.56 -32.77 11.31
C ARG A 1106 -18.06 -33.10 12.69
N TYR A 1107 -19.35 -33.37 12.82
CA TYR A 1107 -19.89 -33.81 14.11
C TYR A 1107 -19.34 -35.17 14.50
N ARG A 1108 -19.07 -36.03 13.51
CA ARG A 1108 -18.35 -37.27 13.81
C ARG A 1108 -16.98 -36.98 14.40
N ALA A 1109 -16.26 -36.01 13.81
CA ALA A 1109 -14.96 -35.63 14.34
C ALA A 1109 -15.08 -35.03 15.73
N ALA A 1110 -16.12 -34.23 15.97
CA ALA A 1110 -16.33 -33.67 17.30
C ALA A 1110 -16.58 -34.75 18.34
N LEU A 1111 -17.41 -35.74 18.00
CA LEU A 1111 -17.64 -36.85 18.91
C LEU A 1111 -16.36 -37.65 19.14
N ALA A 1112 -15.57 -37.85 18.08
CA ALA A 1112 -14.29 -38.53 18.24
C ALA A 1112 -13.38 -37.77 19.19
N LEU A 1113 -13.34 -36.45 19.06
CA LEU A 1113 -12.52 -35.63 19.93
C LEU A 1113 -12.98 -35.72 21.38
N GLN A 1114 -14.29 -35.67 21.60
CA GLN A 1114 -14.82 -35.80 22.97
C GLN A 1114 -14.46 -37.16 23.56
N ILE A 1115 -14.58 -38.23 22.77
CA ILE A 1115 -14.26 -39.56 23.26
C ILE A 1115 -12.77 -39.68 23.56
N THR A 1116 -11.92 -39.09 22.71
CA THR A 1116 -10.48 -39.12 22.97
C THR A 1116 -10.15 -38.37 24.26
N ASN A 1117 -10.80 -37.24 24.49
CA ASN A 1117 -10.59 -36.49 25.72
C ASN A 1117 -10.98 -37.36 26.91
N LEU A 1118 -12.16 -37.95 26.85
CA LEU A 1118 -12.64 -38.76 27.98
C LEU A 1118 -11.70 -39.92 28.25
N LEU A 1119 -11.26 -40.62 27.21
CA LEU A 1119 -10.37 -41.76 27.39
C LEU A 1119 -9.02 -41.32 27.94
N THR A 1120 -8.50 -40.18 27.47
CA THR A 1120 -7.23 -39.68 27.99
C THR A 1120 -7.33 -39.31 29.46
N ARG A 1121 -8.43 -38.64 29.85
CA ARG A 1121 -8.62 -38.33 31.27
C ARG A 1121 -8.73 -39.60 32.10
N CYS A 1122 -9.46 -40.59 31.59
CA CYS A 1122 -9.61 -41.85 32.30
C CYS A 1122 -8.27 -42.55 32.49
N MET A 1123 -7.45 -42.59 31.44
CA MET A 1123 -6.14 -43.22 31.54
C MET A 1123 -5.23 -42.45 32.49
N PHE A 1124 -5.30 -41.12 32.46
CA PHE A 1124 -4.49 -40.31 33.36
C PHE A 1124 -4.85 -40.58 34.81
N ALA A 1125 -6.15 -40.69 35.10
CA ALA A 1125 -6.57 -41.05 36.46
C ALA A 1125 -6.16 -42.47 36.83
N TYR A 1126 -6.28 -43.39 35.86
CA TYR A 1126 -6.01 -44.80 36.13
C TYR A 1126 -4.53 -45.04 36.43
N LYS A 1127 -3.63 -44.41 35.68
CA LYS A 1127 -2.20 -44.65 35.87
C LYS A 1127 -1.69 -44.10 37.20
N LEU A 1128 -2.46 -43.24 37.87
CA LEU A 1128 -2.05 -42.66 39.14
C LEU A 1128 -2.61 -43.40 40.34
N GLY A 1129 -3.27 -44.54 40.13
CA GLY A 1129 -3.83 -45.29 41.24
C GLY A 1129 -5.23 -44.88 41.65
N LEU A 1130 -5.97 -44.20 40.78
CA LEU A 1130 -7.34 -43.78 41.06
C LEU A 1130 -8.28 -44.58 40.19
N ASN A 1131 -9.31 -45.18 40.81
CA ASN A 1131 -10.22 -46.08 40.14
C ASN A 1131 -11.49 -45.38 39.64
N ASP A 1132 -11.45 -44.06 39.47
CA ASP A 1132 -12.62 -43.32 39.02
C ASP A 1132 -12.16 -42.01 38.41
N LEU A 1133 -13.06 -41.39 37.64
CA LEU A 1133 -12.78 -40.11 36.99
C LEU A 1133 -13.96 -39.17 37.24
N PRO A 1134 -13.70 -37.95 37.68
CA PRO A 1134 -14.81 -37.00 37.92
C PRO A 1134 -15.53 -36.62 36.64
N GLN A 1135 -16.82 -36.31 36.78
CA GLN A 1135 -17.63 -35.89 35.64
C GLN A 1135 -17.25 -34.51 35.16
N SER A 1136 -16.85 -33.62 36.09
CA SER A 1136 -16.64 -32.22 35.76
C SER A 1136 -15.53 -32.02 34.73
N VAL A 1137 -14.53 -32.90 34.68
CA VAL A 1137 -13.44 -32.80 33.73
C VAL A 1137 -13.47 -33.93 32.71
N ALA A 1138 -14.58 -34.67 32.64
CA ALA A 1138 -14.64 -35.82 31.73
C ALA A 1138 -14.62 -35.36 30.27
N PHE A 1139 -15.37 -34.31 29.93
CA PHE A 1139 -15.49 -33.85 28.56
C PHE A 1139 -15.08 -32.40 28.44
N PHE A 1140 -14.81 -31.99 27.21
CA PHE A 1140 -14.45 -30.60 26.93
C PHE A 1140 -15.60 -29.66 27.28
N SER A 1141 -15.26 -28.40 27.51
CA SER A 1141 -16.29 -27.37 27.60
C SER A 1141 -17.01 -27.21 26.26
N ALA A 1142 -16.25 -27.23 25.16
CA ALA A 1142 -16.82 -27.15 23.83
C ALA A 1142 -15.78 -27.64 22.83
N VAL A 1143 -16.23 -27.95 21.62
CA VAL A 1143 -15.36 -28.31 20.52
C VAL A 1143 -15.68 -27.37 19.36
N ASP A 1144 -14.70 -26.53 19.00
CA ASP A 1144 -14.91 -25.51 18.00
C ASP A 1144 -14.95 -26.10 16.60
N ILE A 1145 -15.85 -25.59 15.78
CA ILE A 1145 -15.91 -25.91 14.35
C ILE A 1145 -15.93 -24.57 13.62
N ASP A 1146 -14.78 -24.18 13.08
CA ASP A 1146 -14.60 -22.86 12.50
C ASP A 1146 -13.86 -22.97 11.18
N GLN A 1147 -14.08 -21.99 10.30
CA GLN A 1147 -13.49 -21.99 8.98
C GLN A 1147 -12.01 -21.62 9.01
N CYS A 1148 -11.55 -20.93 10.05
CA CYS A 1148 -10.16 -20.50 10.14
C CYS A 1148 -9.64 -20.76 11.54
N LEU A 1149 -8.33 -20.54 11.73
CA LEU A 1149 -7.70 -20.75 13.02
C LEU A 1149 -7.77 -19.46 13.83
N ARG A 1150 -8.40 -19.53 14.99
CA ARG A 1150 -8.46 -18.41 15.92
C ARG A 1150 -8.78 -18.93 17.31
N LYS A 1151 -8.54 -18.08 18.32
CA LYS A 1151 -8.71 -18.51 19.69
C LYS A 1151 -10.14 -18.89 19.99
N GLU A 1152 -11.10 -18.11 19.50
CA GLU A 1152 -12.52 -18.39 19.69
C GLU A 1152 -13.24 -18.19 18.37
N VAL A 1153 -14.38 -18.87 18.22
CA VAL A 1153 -15.14 -18.82 16.99
C VAL A 1153 -15.92 -17.52 16.83
N THR A 1154 -16.05 -16.73 17.90
CA THR A 1154 -16.81 -15.48 17.87
C THR A 1154 -15.93 -14.26 17.61
N MET A 1155 -14.63 -14.44 17.43
CA MET A 1155 -13.72 -13.33 17.20
C MET A 1155 -13.60 -13.06 15.70
N ASP A 1156 -13.80 -11.80 15.33
CA ASP A 1156 -13.69 -11.39 13.94
C ASP A 1156 -12.26 -11.06 13.52
N CYS A 1157 -11.33 -11.04 14.47
CA CYS A 1157 -9.91 -10.79 14.20
C CYS A 1157 -9.70 -9.43 13.55
N LYS A 1158 -10.11 -8.38 14.25
CA LYS A 1158 -9.93 -7.02 13.77
C LYS A 1158 -8.55 -6.51 14.18
N THR A 1159 -7.79 -6.04 13.21
CA THR A 1159 -6.46 -5.48 13.42
C THR A 1159 -6.35 -4.22 12.57
N PRO A 1160 -5.35 -3.36 12.84
CA PRO A 1160 -5.15 -2.20 11.96
C PRO A 1160 -4.96 -2.58 10.50
N SER A 1161 -4.35 -3.74 10.22
CA SER A 1161 -4.24 -4.22 8.85
C SER A 1161 -5.46 -5.01 8.41
N ASN A 1162 -6.37 -5.35 9.32
CA ASN A 1162 -7.58 -6.09 9.00
C ASN A 1162 -8.77 -5.46 9.74
N PRO A 1163 -9.13 -4.22 9.38
CA PRO A 1163 -10.15 -3.52 10.16
C PRO A 1163 -11.56 -4.01 9.88
N THR A 1164 -11.83 -4.47 8.67
CA THR A 1164 -13.16 -5.00 8.34
C THR A 1164 -13.41 -6.38 8.92
N GLY A 1165 -12.38 -7.04 9.44
CA GLY A 1165 -12.54 -8.37 9.98
C GLY A 1165 -12.56 -9.45 8.92
N MET A 1166 -12.75 -10.69 9.37
CA MET A 1166 -12.81 -11.83 8.47
C MET A 1166 -14.19 -12.02 7.87
N GLU A 1167 -15.25 -11.61 8.55
CA GLU A 1167 -16.60 -11.77 8.01
C GLU A 1167 -16.84 -10.86 6.81
N ARG A 1168 -16.30 -9.64 6.83
CA ARG A 1168 -16.55 -8.69 5.75
C ARG A 1168 -15.55 -8.85 4.61
N ARG A 1169 -14.25 -8.83 4.92
CA ARG A 1169 -13.24 -8.85 3.87
C ARG A 1169 -13.14 -10.20 3.19
N TYR A 1170 -13.37 -11.28 3.93
CA TYR A 1170 -13.18 -12.62 3.39
C TYR A 1170 -14.43 -13.49 3.44
N GLY A 1171 -15.46 -13.10 4.16
CA GLY A 1171 -16.70 -13.86 4.20
C GLY A 1171 -16.68 -15.09 5.09
N ILE A 1172 -15.75 -15.17 6.03
CA ILE A 1172 -15.67 -16.30 6.94
C ILE A 1172 -16.73 -16.15 8.02
N PRO A 1173 -17.68 -17.07 8.11
CA PRO A 1173 -18.74 -16.94 9.13
C PRO A 1173 -18.25 -17.35 10.50
N GLN A 1174 -19.00 -16.91 11.51
CA GLN A 1174 -18.71 -17.29 12.89
C GLN A 1174 -18.93 -18.78 13.07
N GLY A 1175 -17.99 -19.44 13.74
CA GLY A 1175 -18.03 -20.88 13.86
C GLY A 1175 -18.99 -21.36 14.94
N GLU A 1176 -19.10 -22.69 15.02
CA GLU A 1176 -20.00 -23.33 15.97
C GLU A 1176 -19.22 -23.86 17.17
N ALA A 1177 -19.77 -23.65 18.35
CA ALA A 1177 -19.25 -24.23 19.59
C ALA A 1177 -20.29 -25.21 20.11
N LEU A 1178 -19.90 -26.47 20.28
CA LEU A 1178 -20.83 -27.53 20.64
C LEU A 1178 -20.37 -28.20 21.93
N ASP A 1179 -21.28 -28.33 22.89
CA ASP A 1179 -21.01 -29.07 24.11
C ASP A 1179 -21.16 -30.56 23.83
N ILE A 1180 -20.95 -31.38 24.85
CA ILE A 1180 -21.02 -32.84 24.68
C ILE A 1180 -22.44 -33.26 24.32
N TYR A 1181 -23.44 -32.67 24.98
CA TYR A 1181 -24.82 -33.08 24.75
C TYR A 1181 -25.27 -32.76 23.33
N GLN A 1182 -24.88 -31.60 22.81
CA GLN A 1182 -25.24 -31.23 21.44
C GLN A 1182 -24.61 -32.18 20.43
N ILE A 1183 -23.35 -32.56 20.67
CA ILE A 1183 -22.66 -33.51 19.79
C ILE A 1183 -23.34 -34.87 19.85
N ILE A 1184 -23.78 -35.29 21.03
CA ILE A 1184 -24.50 -36.55 21.16
C ILE A 1184 -25.80 -36.50 20.38
N GLU A 1185 -26.54 -35.39 20.51
CA GLU A 1185 -27.80 -35.25 19.80
C GLU A 1185 -27.60 -35.31 18.29
N LEU A 1186 -26.58 -34.59 17.80
CA LEU A 1186 -26.36 -34.55 16.36
C LEU A 1186 -25.80 -35.86 15.82
N THR A 1187 -25.04 -36.59 16.64
CA THR A 1187 -24.44 -37.85 16.21
C THR A 1187 -25.23 -39.07 16.64
N LYS A 1188 -26.33 -38.88 17.38
CA LYS A 1188 -27.19 -39.98 17.84
C LYS A 1188 -26.41 -40.97 18.72
N GLY A 1189 -25.39 -40.47 19.40
CA GLY A 1189 -24.68 -41.25 20.39
C GLY A 1189 -23.62 -42.19 19.85
N SER A 1190 -23.39 -42.23 18.54
CA SER A 1190 -22.40 -43.14 17.98
C SER A 1190 -22.03 -42.74 16.55
N LEU A 1191 -21.11 -43.48 15.94
CA LEU A 1191 -20.68 -43.19 14.57
C LEU A 1191 -20.91 -44.37 13.65
N GLU B 26 -0.29 35.97 10.28
CA GLU B 26 -1.14 36.34 9.15
C GLU B 26 -2.01 35.15 8.74
N ALA B 27 -3.22 35.44 8.25
CA ALA B 27 -4.12 34.38 7.82
C ALA B 27 -3.60 33.71 6.55
N LEU B 28 -4.06 32.48 6.33
CA LEU B 28 -3.62 31.73 5.16
C LEU B 28 -4.21 32.30 3.88
N VAL B 29 -5.49 32.69 3.92
CA VAL B 29 -6.14 33.24 2.74
C VAL B 29 -5.46 34.53 2.31
N ASP B 30 -5.13 35.39 3.27
CA ASP B 30 -4.43 36.62 2.95
C ASP B 30 -3.04 36.35 2.37
N LEU B 31 -2.35 35.35 2.92
CA LEU B 31 -1.04 34.98 2.37
C LEU B 31 -1.16 34.45 0.95
N CYS B 32 -2.14 33.56 0.71
CA CYS B 32 -2.31 33.00 -0.62
C CYS B 32 -2.84 34.02 -1.61
N ARG B 33 -3.63 34.99 -1.14
CA ARG B 33 -4.04 36.08 -2.01
C ARG B 33 -2.85 36.90 -2.47
N ARG B 34 -1.93 37.21 -1.54
CA ARG B 34 -0.77 38.03 -1.88
C ARG B 34 0.18 37.29 -2.83
N ARG B 35 0.39 36.00 -2.60
CA ARG B 35 1.30 35.21 -3.41
C ARG B 35 0.59 34.52 -4.57
N HIS B 36 -0.62 34.97 -4.92
CA HIS B 36 -1.32 34.56 -6.13
C HIS B 36 -1.68 33.07 -6.13
N PHE B 37 -1.88 32.50 -4.94
CA PHE B 37 -2.54 31.21 -4.87
C PHE B 37 -4.06 31.37 -4.92
N PHE B 38 -4.57 32.46 -4.36
CA PHE B 38 -5.98 32.81 -4.42
C PHE B 38 -6.18 34.04 -5.29
N SER B 39 -7.41 34.17 -5.78
CA SER B 39 -7.78 35.34 -6.55
C SER B 39 -9.17 35.67 -6.13
N GLY B 40 -9.47 36.95 -6.02
CA GLY B 40 -10.80 37.40 -5.66
C GLY B 40 -10.75 38.58 -4.72
N THR B 41 -11.88 39.26 -4.62
CA THR B 41 -12.03 40.38 -3.71
C THR B 41 -12.10 39.88 -2.27
N PRO B 42 -11.84 40.76 -1.29
CA PRO B 42 -11.95 40.33 0.11
C PRO B 42 -13.32 39.79 0.48
N GLN B 43 -14.37 40.21 -0.23
CA GLN B 43 -15.69 39.64 0.03
C GLN B 43 -15.83 38.24 -0.55
N GLN B 44 -15.09 37.93 -1.61
CA GLN B 44 -15.13 36.60 -2.22
C GLN B 44 -14.23 35.61 -1.53
N LEU B 45 -13.40 36.04 -0.57
CA LEU B 45 -12.45 35.17 0.11
C LEU B 45 -12.96 34.69 1.46
N SER B 46 -14.25 34.87 1.75
CA SER B 46 -14.81 34.38 3.00
C SER B 46 -14.82 32.86 3.00
N THR B 47 -15.09 32.29 4.18
CA THR B 47 -15.15 30.84 4.31
C THR B 47 -16.25 30.26 3.44
N ALA B 48 -17.44 30.85 3.48
CA ALA B 48 -18.56 30.33 2.69
C ALA B 48 -18.36 30.56 1.21
N ALA B 49 -17.82 31.71 0.83
CA ALA B 49 -17.62 32.02 -0.59
C ALA B 49 -16.61 31.07 -1.22
N LEU B 50 -15.56 30.71 -0.48
CA LEU B 50 -14.58 29.76 -1.00
C LEU B 50 -15.18 28.37 -1.13
N LEU B 51 -16.15 28.02 -0.29
CA LEU B 51 -16.79 26.72 -0.36
C LEU B 51 -17.79 26.62 -1.52
N SER B 52 -18.47 27.73 -1.83
CA SER B 52 -19.54 27.68 -2.82
C SER B 52 -18.99 27.39 -4.22
N GLY B 53 -17.95 28.12 -4.62
CA GLY B 53 -17.41 27.97 -5.96
C GLY B 53 -18.02 28.87 -7.00
N CYS B 54 -18.79 29.88 -6.59
CA CYS B 54 -19.41 30.81 -7.53
C CYS B 54 -18.43 31.79 -8.14
N HIS B 55 -17.12 31.60 -7.90
CA HIS B 55 -16.09 32.55 -8.37
C HIS B 55 -14.73 31.90 -8.57
N ALA B 56 -14.02 32.25 -9.64
CA ALA B 56 -12.68 31.71 -9.87
C ALA B 56 -11.81 32.11 -8.69
N ARG B 57 -11.49 31.15 -7.83
CA ARG B 57 -10.86 31.41 -6.54
C ARG B 57 -9.35 31.20 -6.55
N PHE B 58 -8.77 30.84 -7.69
CA PHE B 58 -7.36 30.47 -7.77
C PHE B 58 -6.62 31.40 -8.71
N GLY B 59 -5.53 31.99 -8.21
CA GLY B 59 -4.68 32.85 -9.01
C GLY B 59 -3.70 32.08 -9.86
N PRO B 60 -2.69 32.76 -10.39
CA PRO B 60 -1.72 32.07 -11.27
C PRO B 60 -1.02 30.90 -10.61
N LEU B 61 -0.74 30.99 -9.31
CA LEU B 61 -0.07 29.89 -8.62
C LEU B 61 -1.06 28.82 -8.17
N GLY B 62 -2.21 29.23 -7.64
CA GLY B 62 -3.20 28.27 -7.21
C GLY B 62 -3.72 27.40 -8.33
N VAL B 63 -3.78 27.94 -9.55
CA VAL B 63 -4.14 27.13 -10.72
C VAL B 63 -3.08 26.07 -10.96
N GLU B 64 -1.80 26.41 -10.74
CA GLU B 64 -0.74 25.44 -10.92
C GLU B 64 -0.72 24.41 -9.80
N LEU B 65 -1.07 24.83 -8.57
CA LEU B 65 -1.22 23.87 -7.48
C LEU B 65 -2.34 22.88 -7.76
N ARG B 66 -3.49 23.38 -8.23
CA ARG B 66 -4.57 22.48 -8.61
C ARG B 66 -4.19 21.62 -9.81
N LYS B 67 -3.50 22.22 -10.80
CA LYS B 67 -3.07 21.46 -11.95
C LYS B 67 -2.13 20.33 -11.56
N ASN B 68 -1.34 20.52 -10.50
CA ASN B 68 -0.54 19.44 -9.96
C ASN B 68 -1.41 18.43 -9.21
N LEU B 69 -2.35 18.92 -8.40
CA LEU B 69 -3.23 18.03 -7.65
C LEU B 69 -4.10 17.19 -8.58
N ALA B 70 -4.63 17.81 -9.64
CA ALA B 70 -5.42 17.06 -10.61
C ALA B 70 -4.55 16.04 -11.36
N SER B 71 -3.27 16.33 -11.51
CA SER B 71 -2.38 15.37 -12.15
C SER B 71 -2.00 14.25 -11.20
N GLN B 72 -1.87 14.55 -9.92
CA GLN B 72 -1.59 13.51 -8.95
C GLN B 72 -2.77 12.57 -8.83
N TRP B 73 -3.99 13.12 -8.79
CA TRP B 73 -5.17 12.26 -8.80
C TRP B 73 -5.23 11.42 -10.06
N TRP B 74 -4.91 12.02 -11.21
CA TRP B 74 -4.99 11.30 -12.47
C TRP B 74 -4.00 10.14 -12.52
N SER B 75 -2.78 10.35 -12.04
CA SER B 75 -1.79 9.28 -12.05
C SER B 75 -2.19 8.14 -11.11
N SER B 76 -2.69 8.48 -9.92
CA SER B 76 -3.00 7.46 -8.92
C SER B 76 -4.25 6.69 -9.28
N MET B 77 -5.26 7.36 -9.83
CA MET B 77 -6.56 6.75 -10.06
C MET B 77 -6.78 6.27 -11.48
N VAL B 78 -6.09 6.86 -12.46
CA VAL B 78 -6.36 6.52 -13.86
C VAL B 78 -5.15 5.88 -14.51
N VAL B 79 -3.96 6.24 -14.06
CA VAL B 79 -2.74 5.75 -14.71
C VAL B 79 -2.24 4.49 -14.02
N PHE B 80 -2.03 4.56 -12.71
CA PHE B 80 -1.53 3.40 -11.97
C PHE B 80 -2.60 2.34 -11.75
N ARG B 81 -3.85 2.74 -11.57
CA ARG B 81 -4.93 1.79 -11.40
C ARG B 81 -5.31 1.16 -12.73
N GLU B 82 -5.73 -0.11 -12.67
CA GLU B 82 -6.13 -0.85 -13.85
C GLU B 82 -7.62 -0.69 -14.11
N GLN B 83 -8.00 -0.82 -15.38
CA GLN B 83 -9.40 -0.77 -15.81
C GLN B 83 -10.04 0.57 -15.48
N VAL B 84 -9.28 1.65 -15.64
CA VAL B 84 -9.79 3.01 -15.44
C VAL B 84 -9.46 3.82 -16.69
N PHE B 85 -10.45 4.59 -17.16
CA PHE B 85 -10.32 5.34 -18.39
C PHE B 85 -10.90 6.74 -18.22
N ALA B 86 -10.47 7.65 -19.08
CA ALA B 86 -11.04 8.99 -19.11
C ALA B 86 -12.37 8.99 -19.84
N VAL B 87 -13.16 10.02 -19.59
CA VAL B 87 -14.47 10.14 -20.22
C VAL B 87 -14.75 11.62 -20.48
N ASP B 88 -15.36 11.91 -21.63
CA ASP B 88 -15.71 13.26 -22.03
C ASP B 88 -17.20 13.46 -21.79
N SER B 89 -17.53 14.38 -20.89
CA SER B 89 -18.92 14.66 -20.54
C SER B 89 -19.19 16.15 -20.68
N LEU B 90 -20.28 16.48 -21.37
CA LEU B 90 -20.66 17.87 -21.53
C LEU B 90 -21.11 18.47 -20.20
N HIS B 91 -21.24 19.79 -20.19
CA HIS B 91 -21.77 20.48 -19.03
C HIS B 91 -23.29 20.54 -19.02
N GLN B 92 -23.94 20.02 -20.05
CA GLN B 92 -25.38 20.14 -20.23
C GLN B 92 -26.02 18.76 -20.26
N GLU B 93 -27.02 18.56 -19.42
CA GLU B 93 -27.81 17.34 -19.40
C GLU B 93 -29.17 17.58 -20.05
N PRO B 94 -29.73 16.56 -20.70
CA PRO B 94 -31.04 16.73 -21.34
C PRO B 94 -32.12 17.05 -20.32
N GLY B 95 -33.12 17.79 -20.77
CA GLY B 95 -34.17 18.26 -19.88
C GLY B 95 -34.98 17.12 -19.30
N SER B 96 -35.14 17.10 -17.98
CA SER B 96 -35.96 16.12 -17.28
C SER B 96 -37.14 16.83 -16.65
N SER B 97 -38.33 16.23 -16.78
CA SER B 97 -39.54 16.84 -16.26
C SER B 97 -39.74 16.63 -14.77
N GLN B 98 -38.80 15.95 -14.09
CA GLN B 98 -38.94 15.65 -12.68
C GLN B 98 -39.01 16.93 -11.87
N PRO B 99 -40.07 17.14 -11.07
CA PRO B 99 -40.16 18.37 -10.27
C PRO B 99 -39.11 18.46 -9.17
N ARG B 100 -38.58 17.33 -8.71
CA ARG B 100 -37.59 17.36 -7.64
C ARG B 100 -36.26 17.92 -8.12
N ASP B 101 -36.04 17.96 -9.43
CA ASP B 101 -34.79 18.46 -9.97
C ASP B 101 -34.63 19.96 -9.70
N SER B 102 -33.41 20.37 -9.37
CA SER B 102 -33.10 21.77 -9.11
C SER B 102 -31.98 22.30 -10.01
N ALA B 103 -31.59 21.55 -11.03
CA ALA B 103 -30.51 21.99 -11.91
C ALA B 103 -30.93 23.18 -12.75
N PHE B 104 -30.01 24.12 -12.94
CA PHE B 104 -30.28 25.30 -13.75
C PHE B 104 -30.53 24.91 -15.20
N ARG B 105 -31.48 25.59 -15.84
CA ARG B 105 -31.87 25.31 -17.21
C ARG B 105 -31.27 26.34 -18.16
N LEU B 106 -31.01 25.88 -19.39
CA LEU B 106 -30.48 26.75 -20.44
C LEU B 106 -31.64 27.26 -21.29
N VAL B 107 -31.76 28.58 -21.40
CA VAL B 107 -32.83 29.22 -22.16
C VAL B 107 -32.21 30.15 -23.19
N SER B 108 -32.73 30.08 -24.41
CA SER B 108 -32.22 30.92 -25.49
C SER B 108 -32.69 32.36 -25.28
N PRO B 109 -31.78 33.34 -25.21
CA PRO B 109 -32.23 34.73 -25.04
C PRO B 109 -33.06 35.24 -26.21
N GLU B 110 -32.79 34.78 -27.43
CA GLU B 110 -33.58 35.20 -28.57
C GLU B 110 -35.01 34.68 -28.46
N SER B 111 -35.19 33.45 -27.98
CA SER B 111 -36.52 32.89 -27.86
C SER B 111 -37.38 33.69 -26.89
N ILE B 112 -36.79 34.16 -25.79
CA ILE B 112 -37.52 34.99 -24.84
C ILE B 112 -37.95 36.30 -25.50
N ARG B 113 -37.02 36.93 -26.22
CA ARG B 113 -37.34 38.20 -26.88
C ARG B 113 -38.36 38.01 -28.00
N GLU B 114 -38.26 36.91 -28.75
CA GLU B 114 -39.15 36.69 -29.88
C GLU B 114 -40.61 36.59 -29.43
N ILE B 115 -40.87 35.80 -28.39
CA ILE B 115 -42.24 35.64 -27.90
C ILE B 115 -42.71 36.91 -27.21
N LEU B 116 -41.86 37.51 -26.38
CA LEU B 116 -42.28 38.61 -25.52
C LEU B 116 -42.46 39.92 -26.28
N GLN B 117 -41.63 40.20 -27.27
CA GLN B 117 -41.61 41.51 -27.91
C GLN B 117 -42.29 41.56 -29.27
N ASP B 118 -42.25 40.47 -30.05
CA ASP B 118 -42.80 40.48 -31.40
C ASP B 118 -44.32 40.38 -31.42
N ARG B 119 -44.96 40.13 -30.28
CA ARG B 119 -46.41 40.03 -30.21
C ARG B 119 -46.86 40.48 -28.83
N GLU B 120 -48.15 40.72 -28.69
CA GLU B 120 -48.71 41.11 -27.41
C GLU B 120 -48.82 39.90 -26.49
N PRO B 121 -48.16 39.90 -25.34
CA PRO B 121 -48.24 38.75 -24.43
C PRO B 121 -49.60 38.67 -23.75
N SER B 122 -49.83 37.53 -23.11
CA SER B 122 -51.06 37.32 -22.37
C SER B 122 -50.81 36.27 -21.28
N LYS B 123 -51.65 36.30 -20.25
CA LYS B 123 -51.53 35.33 -19.18
C LYS B 123 -51.75 33.91 -19.67
N GLU B 124 -52.62 33.73 -20.67
CA GLU B 124 -52.91 32.39 -21.16
C GLU B 124 -51.77 31.83 -22.00
N GLN B 125 -51.17 32.66 -22.86
CA GLN B 125 -50.18 32.19 -23.81
C GLN B 125 -48.78 32.07 -23.20
N LEU B 126 -48.41 32.97 -22.29
CA LEU B 126 -47.06 32.97 -21.75
C LEU B 126 -46.77 31.71 -20.93
N VAL B 127 -47.78 31.15 -20.26
CA VAL B 127 -47.57 29.96 -19.45
C VAL B 127 -47.12 28.79 -20.32
N ALA B 128 -47.56 28.75 -21.57
CA ALA B 128 -47.12 27.69 -22.47
C ALA B 128 -45.62 27.74 -22.70
N PHE B 129 -45.03 28.94 -22.72
CA PHE B 129 -43.58 29.06 -22.88
C PHE B 129 -42.85 28.67 -21.61
N LEU B 130 -43.37 29.07 -20.45
CA LEU B 130 -42.70 28.72 -19.20
C LEU B 130 -42.80 27.23 -18.91
N GLU B 131 -43.93 26.60 -19.25
CA GLU B 131 -44.06 25.17 -19.08
C GLU B 131 -43.10 24.42 -19.98
N ASN B 132 -42.87 24.92 -21.20
CA ASN B 132 -41.95 24.27 -22.12
C ASN B 132 -40.51 24.37 -21.64
N LEU B 133 -40.19 25.39 -20.84
CA LEU B 133 -38.83 25.52 -20.33
C LEU B 133 -38.46 24.36 -19.42
N LEU B 134 -39.31 24.06 -18.44
CA LEU B 134 -39.04 22.98 -17.51
C LEU B 134 -39.16 21.61 -18.15
N LYS B 135 -39.69 21.54 -19.38
CA LYS B 135 -39.99 20.26 -20.02
C LYS B 135 -38.92 19.83 -21.01
N THR B 136 -38.38 20.76 -21.80
CA THR B 136 -37.48 20.40 -22.90
C THR B 136 -36.10 21.02 -22.80
N SER B 137 -35.93 22.16 -22.14
CA SER B 137 -34.65 22.85 -22.14
C SER B 137 -33.61 22.03 -21.38
N GLY B 138 -32.37 22.07 -21.88
CA GLY B 138 -31.30 21.36 -21.23
C GLY B 138 -30.94 21.97 -19.88
N LYS B 139 -30.16 21.21 -19.11
CA LYS B 139 -29.81 21.62 -17.76
C LYS B 139 -28.32 21.42 -17.51
N LEU B 140 -27.78 22.26 -16.64
CA LEU B 140 -26.38 22.11 -16.23
C LEU B 140 -26.22 20.88 -15.35
N ARG B 141 -25.19 20.09 -15.63
CA ARG B 141 -24.97 18.87 -14.88
C ARG B 141 -24.61 19.18 -13.42
N ALA B 142 -25.03 18.29 -12.53
CA ALA B 142 -24.70 18.41 -11.11
C ALA B 142 -23.64 17.42 -10.66
N THR B 143 -23.50 16.29 -11.35
CA THR B 143 -22.49 15.30 -11.04
C THR B 143 -21.97 14.71 -12.34
N LEU B 144 -20.78 14.11 -12.26
CA LEU B 144 -20.21 13.43 -13.42
C LEU B 144 -20.73 12.02 -13.59
N LEU B 145 -21.60 11.55 -12.69
CA LEU B 145 -22.09 10.17 -12.77
C LEU B 145 -22.89 9.93 -14.03
N HIS B 146 -23.86 10.82 -14.32
CA HIS B 146 -24.73 10.61 -15.46
C HIS B 146 -23.97 10.66 -16.78
N GLY B 147 -22.87 11.40 -16.83
CA GLY B 147 -22.01 11.35 -17.99
C GLY B 147 -21.32 10.00 -18.13
N ALA B 148 -20.90 9.41 -17.00
CA ALA B 148 -20.25 8.11 -17.05
C ALA B 148 -21.23 7.01 -17.46
N LEU B 149 -22.48 7.10 -16.99
CA LEU B 149 -23.48 6.10 -17.35
C LEU B 149 -23.80 6.13 -18.84
N GLU B 150 -23.84 7.33 -19.43
CA GLU B 150 -24.01 7.43 -20.88
C GLU B 150 -22.82 6.86 -21.64
N HIS B 151 -21.64 6.80 -21.02
CA HIS B 151 -20.47 6.18 -21.59
C HIS B 151 -20.23 4.77 -21.06
N TYR B 152 -21.10 4.29 -20.21
CA TYR B 152 -20.92 2.96 -19.68
C TYR B 152 -20.93 1.96 -20.82
N VAL B 153 -21.95 2.02 -21.66
CA VAL B 153 -22.02 1.10 -22.80
C VAL B 153 -20.81 1.27 -23.69
N ASN B 154 -20.31 2.51 -23.82
CA ASN B 154 -19.16 2.77 -24.67
C ASN B 154 -17.93 2.01 -24.23
N CYS B 155 -17.70 1.94 -22.92
CA CYS B 155 -16.53 1.22 -22.41
C CYS B 155 -16.70 -0.28 -22.44
N LEU B 156 -17.94 -0.78 -22.50
CA LEU B 156 -18.14 -2.24 -22.55
C LEU B 156 -17.53 -2.84 -23.80
N ASP B 157 -17.62 -2.13 -24.93
CA ASP B 157 -16.88 -2.54 -26.12
C ASP B 157 -15.39 -2.40 -25.89
N LEU B 158 -14.97 -1.33 -25.21
CA LEU B 158 -13.54 -1.09 -24.99
C LEU B 158 -12.90 -2.21 -24.18
N VAL B 159 -13.53 -2.59 -23.07
CA VAL B 159 -12.97 -3.61 -22.19
C VAL B 159 -13.48 -5.01 -22.51
N ASN B 160 -14.26 -5.17 -23.58
CA ASN B 160 -14.88 -6.44 -23.95
C ASN B 160 -15.66 -7.03 -22.78
N ARG B 161 -16.43 -6.16 -22.12
CA ARG B 161 -17.37 -6.50 -21.05
C ARG B 161 -16.68 -7.03 -19.79
N LYS B 162 -15.36 -7.01 -19.72
CA LYS B 162 -14.64 -7.67 -18.64
C LYS B 162 -14.81 -6.87 -17.36
N LEU B 163 -15.83 -7.24 -16.58
CA LEU B 163 -16.02 -6.63 -15.26
C LEU B 163 -14.88 -7.03 -14.33
N PRO B 164 -14.48 -6.14 -13.41
CA PRO B 164 -14.97 -4.78 -13.23
C PRO B 164 -14.19 -3.76 -14.05
N PHE B 165 -14.68 -2.52 -14.13
CA PHE B 165 -13.97 -1.44 -14.81
C PHE B 165 -14.52 -0.13 -14.26
N GLY B 166 -13.99 0.98 -14.77
CA GLY B 166 -14.44 2.28 -14.31
C GLY B 166 -14.14 3.37 -15.32
N LEU B 167 -14.82 4.49 -15.14
CA LEU B 167 -14.58 5.70 -15.91
C LEU B 167 -14.34 6.85 -14.95
N ALA B 168 -13.29 7.63 -15.22
CA ALA B 168 -12.88 8.72 -14.34
C ALA B 168 -12.82 10.01 -15.13
N GLN B 169 -13.09 11.12 -14.43
CA GLN B 169 -13.17 12.41 -15.09
C GLN B 169 -12.91 13.51 -14.07
N ILE B 170 -12.24 14.57 -14.53
CA ILE B 170 -12.12 15.80 -13.76
C ILE B 170 -12.77 16.90 -14.59
N GLY B 171 -13.80 17.53 -14.02
CA GLY B 171 -14.56 18.52 -14.75
C GLY B 171 -15.36 19.37 -13.79
N VAL B 172 -16.06 20.35 -14.36
CA VAL B 172 -16.81 21.30 -13.54
C VAL B 172 -18.24 20.82 -13.39
N CYS B 173 -18.69 20.72 -12.14
CA CYS B 173 -20.05 20.34 -11.81
C CYS B 173 -20.77 21.53 -11.19
N PHE B 174 -22.01 21.76 -11.61
CA PHE B 174 -22.76 22.93 -11.20
C PHE B 174 -23.81 22.54 -10.16
N HIS B 175 -23.80 23.24 -9.03
CA HIS B 175 -24.76 22.99 -7.97
C HIS B 175 -25.37 24.31 -7.51
N PRO B 176 -26.70 24.36 -7.38
CA PRO B 176 -27.34 25.62 -6.99
C PRO B 176 -26.95 26.04 -5.58
N VAL B 177 -26.91 27.35 -5.37
CA VAL B 177 -26.55 27.90 -4.07
C VAL B 177 -27.72 28.71 -3.50
N THR B 188 -30.95 32.81 -6.55
CA THR B 188 -29.94 31.78 -6.31
C THR B 188 -28.75 31.96 -7.23
N ARG B 189 -27.63 31.34 -6.87
CA ARG B 189 -26.39 31.45 -7.62
C ARG B 189 -25.92 30.07 -8.06
N VAL B 190 -25.24 30.04 -9.20
CA VAL B 190 -24.73 28.79 -9.76
C VAL B 190 -23.30 28.60 -9.28
N GLY B 191 -23.11 27.72 -8.29
CA GLY B 191 -21.78 27.41 -7.82
C GLY B 191 -21.14 26.35 -8.69
N GLU B 192 -19.85 26.53 -8.97
CA GLU B 192 -19.08 25.60 -9.78
C GLU B 192 -17.91 25.06 -8.96
N LYS B 193 -17.82 23.74 -8.88
CA LYS B 193 -16.70 23.09 -8.22
C LYS B 193 -16.19 21.96 -9.11
N THR B 194 -14.87 21.80 -9.14
CA THR B 194 -14.22 20.80 -9.98
C THR B 194 -14.21 19.48 -9.23
N GLU B 195 -14.97 18.51 -9.73
CA GLU B 195 -15.09 17.20 -9.10
C GLU B 195 -14.31 16.17 -9.89
N ALA B 196 -13.53 15.35 -9.18
CA ALA B 196 -12.81 14.23 -9.76
C ALA B 196 -13.57 12.96 -9.39
N SER B 197 -14.39 12.48 -10.31
CA SER B 197 -15.27 11.35 -10.05
C SER B 197 -14.68 10.06 -10.59
N LEU B 198 -15.01 8.96 -9.93
CA LEU B 198 -14.69 7.62 -10.42
C LEU B 198 -15.92 6.76 -10.26
N VAL B 199 -16.51 6.36 -11.38
CA VAL B 199 -17.71 5.53 -11.39
C VAL B 199 -17.26 4.09 -11.65
N TRP B 200 -17.39 3.25 -10.64
CA TRP B 200 -16.86 1.88 -10.68
C TRP B 200 -17.99 0.90 -10.90
N PHE B 201 -17.85 0.06 -11.93
CA PHE B 201 -18.84 -0.94 -12.28
C PHE B 201 -18.32 -2.32 -11.91
N THR B 202 -18.83 -2.87 -10.82
CA THR B 202 -18.40 -4.15 -10.28
C THR B 202 -19.63 -5.01 -10.01
N PRO B 203 -19.51 -6.34 -10.09
CA PRO B 203 -20.65 -7.20 -9.75
C PRO B 203 -21.04 -7.04 -8.29
N THR B 204 -22.28 -7.44 -8.00
CA THR B 204 -22.85 -7.18 -6.69
C THR B 204 -22.11 -7.93 -5.58
N ARG B 205 -21.46 -9.04 -5.91
CA ARG B 205 -20.75 -9.81 -4.88
C ARG B 205 -19.58 -9.02 -4.29
N THR B 206 -18.83 -8.31 -5.14
CA THR B 206 -17.64 -7.59 -4.73
C THR B 206 -17.91 -6.11 -4.48
N SER B 207 -19.18 -5.68 -4.57
CA SER B 207 -19.49 -4.27 -4.37
C SER B 207 -19.12 -3.82 -2.96
N SER B 208 -19.41 -4.63 -1.95
CA SER B 208 -19.03 -4.29 -0.60
C SER B 208 -17.51 -4.33 -0.42
N GLN B 209 -16.80 -5.02 -1.31
CA GLN B 209 -15.35 -5.11 -1.20
C GLN B 209 -14.67 -3.93 -1.89
N TRP B 210 -15.09 -3.61 -3.12
CA TRP B 210 -14.50 -2.49 -3.84
C TRP B 210 -14.88 -1.16 -3.20
N LEU B 211 -16.06 -1.07 -2.60
CA LEU B 211 -16.43 0.14 -1.87
C LEU B 211 -15.48 0.36 -0.70
N ASP B 212 -15.09 -0.72 -0.02
CA ASP B 212 -14.10 -0.62 1.04
C ASP B 212 -12.69 -0.47 0.47
N PHE B 213 -12.44 -1.06 -0.70
CA PHE B 213 -11.11 -0.94 -1.31
C PHE B 213 -10.81 0.49 -1.72
N TRP B 214 -11.74 1.13 -2.44
CA TRP B 214 -11.53 2.51 -2.86
C TRP B 214 -11.47 3.44 -1.66
N LEU B 215 -12.31 3.19 -0.65
CA LEU B 215 -12.26 4.01 0.56
C LEU B 215 -10.88 3.96 1.20
N ARG B 216 -10.25 2.79 1.19
CA ARG B 216 -8.87 2.69 1.67
C ARG B 216 -7.90 3.31 0.68
N HIS B 217 -8.10 3.06 -0.62
CA HIS B 217 -7.20 3.61 -1.64
C HIS B 217 -7.28 5.13 -1.68
N ARG B 218 -8.47 5.68 -1.50
CA ARG B 218 -8.62 7.14 -1.50
C ARG B 218 -7.94 7.75 -0.28
N LEU B 219 -8.15 7.18 0.89
CA LEU B 219 -7.65 7.79 2.11
C LEU B 219 -6.13 7.78 2.16
N LEU B 220 -5.49 6.83 1.47
CA LEU B 220 -4.04 6.84 1.37
C LEU B 220 -3.55 7.93 0.44
N TRP B 221 -4.23 8.13 -0.69
CA TRP B 221 -3.81 9.16 -1.63
C TRP B 221 -3.92 10.56 -1.02
N TRP B 222 -5.02 10.84 -0.34
CA TRP B 222 -5.17 12.14 0.29
C TRP B 222 -4.12 12.36 1.38
N ARG B 223 -3.80 11.31 2.13
CA ARG B 223 -2.81 11.40 3.19
C ARG B 223 -1.37 11.36 2.68
N LYS B 224 -1.16 10.99 1.41
CA LYS B 224 0.20 10.89 0.90
C LYS B 224 0.91 12.24 0.91
N PHE B 225 0.22 13.30 0.49
CA PHE B 225 0.81 14.63 0.40
C PHE B 225 0.63 15.46 1.66
N ALA B 226 -0.21 15.02 2.58
CA ALA B 226 -0.56 15.84 3.75
C ALA B 226 0.60 15.88 4.73
N MET B 227 0.86 17.08 5.27
CA MET B 227 1.79 17.21 6.38
C MET B 227 1.23 16.58 7.65
N SER B 228 -0.09 16.53 7.79
CA SER B 228 -0.76 15.95 8.95
C SER B 228 -1.81 14.98 8.43
N PRO B 229 -1.43 13.72 8.18
CA PRO B 229 -2.40 12.76 7.62
C PRO B 229 -3.59 12.51 8.52
N SER B 230 -3.49 12.80 9.82
CA SER B 230 -4.60 12.58 10.74
C SER B 230 -5.80 13.45 10.43
N ASN B 231 -5.62 14.55 9.68
CA ASN B 231 -6.73 15.44 9.38
C ASN B 231 -7.72 14.83 8.40
N PHE B 232 -7.29 13.87 7.59
CA PHE B 232 -8.17 13.18 6.66
C PHE B 232 -8.81 11.99 7.36
N SER B 233 -10.13 11.98 7.39
CA SER B 233 -10.89 10.97 8.12
C SER B 233 -12.05 10.47 7.27
N SER B 234 -12.63 9.35 7.68
CA SER B 234 -13.75 8.75 6.99
C SER B 234 -14.84 8.39 7.99
N ALA B 235 -16.10 8.63 7.62
CA ALA B 235 -17.24 8.28 8.44
C ALA B 235 -18.35 7.73 7.55
N ASP B 236 -18.93 6.62 7.96
CA ASP B 236 -19.99 5.97 7.19
C ASP B 236 -21.27 6.79 7.24
N CYS B 237 -22.00 6.77 6.14
CA CYS B 237 -23.25 7.51 6.03
C CYS B 237 -24.24 6.70 5.19
N GLN B 238 -25.51 7.01 5.35
CA GLN B 238 -26.59 6.40 4.58
C GLN B 238 -27.41 7.49 3.92
N ASP B 239 -27.78 7.26 2.66
CA ASP B 239 -28.57 8.23 1.91
C ASP B 239 -30.06 8.01 2.18
N GLU B 240 -30.91 8.66 1.39
CA GLU B 240 -32.35 8.58 1.61
C GLU B 240 -32.92 7.22 1.25
N LEU B 241 -32.20 6.43 0.45
CA LEU B 241 -32.66 5.10 0.06
C LEU B 241 -32.08 4.01 0.92
N GLY B 242 -31.30 4.36 1.94
CA GLY B 242 -30.72 3.37 2.83
C GLY B 242 -29.47 2.69 2.30
N ARG B 243 -28.98 3.09 1.13
CA ARG B 243 -27.78 2.48 0.57
C ARG B 243 -26.55 2.89 1.38
N LYS B 244 -25.64 1.93 1.53
CA LYS B 244 -24.42 2.17 2.31
C LYS B 244 -23.53 3.19 1.62
N GLY B 245 -22.79 3.95 2.44
CA GLY B 245 -21.92 4.98 1.92
C GLY B 245 -20.78 5.27 2.87
N SER B 246 -19.84 6.08 2.38
CA SER B 246 -18.68 6.49 3.16
C SER B 246 -18.21 7.85 2.64
N LYS B 247 -18.01 8.80 3.55
CA LYS B 247 -17.62 10.16 3.17
C LYS B 247 -16.29 10.51 3.82
N LEU B 248 -15.30 10.84 3.01
CA LEU B 248 -14.04 11.38 3.50
C LEU B 248 -14.26 12.80 4.01
N TYR B 249 -13.40 13.22 4.92
CA TYR B 249 -13.43 14.57 5.44
C TYR B 249 -12.01 15.10 5.53
N TYR B 250 -11.88 16.42 5.48
CA TYR B 250 -10.66 17.10 5.88
C TYR B 250 -11.03 18.07 7.01
N SER B 251 -10.29 18.01 8.10
CA SER B 251 -10.58 18.84 9.27
C SER B 251 -10.10 20.27 8.99
N PHE B 252 -10.91 20.99 8.21
CA PHE B 252 -10.67 22.41 8.02
C PHE B 252 -10.79 23.12 9.37
N PRO B 253 -10.13 24.28 9.52
CA PRO B 253 -10.17 24.95 10.83
C PRO B 253 -11.56 25.22 11.36
N TRP B 254 -12.52 25.51 10.48
CA TRP B 254 -13.90 25.68 10.93
C TRP B 254 -14.58 24.34 11.21
N GLY B 255 -14.20 23.30 10.49
CA GLY B 255 -14.81 21.99 10.69
C GLY B 255 -14.58 21.10 9.50
N LYS B 256 -14.93 19.84 9.68
CA LYS B 256 -14.72 18.84 8.63
C LYS B 256 -15.63 19.11 7.44
N GLU B 257 -15.10 18.86 6.24
CA GLU B 257 -15.82 19.05 5.00
C GLU B 257 -15.74 17.78 4.16
N PRO B 258 -16.87 17.31 3.63
CA PRO B 258 -16.88 16.05 2.88
C PRO B 258 -16.25 16.17 1.50
N ILE B 259 -14.91 16.07 1.42
CA ILE B 259 -14.23 16.25 0.15
C ILE B 259 -14.41 15.06 -0.77
N GLU B 260 -14.89 13.92 -0.27
CA GLU B 260 -15.08 12.76 -1.12
C GLU B 260 -16.11 11.81 -0.50
N THR B 261 -17.17 11.52 -1.24
CA THR B 261 -18.22 10.62 -0.79
C THR B 261 -18.28 9.41 -1.69
N LEU B 262 -18.38 8.22 -1.09
CA LEU B 262 -18.49 6.97 -1.82
C LEU B 262 -19.87 6.38 -1.57
N TRP B 263 -20.51 5.89 -2.61
CA TRP B 263 -21.87 5.37 -2.54
C TRP B 263 -21.94 3.99 -3.17
N ASN B 264 -22.77 3.12 -2.60
CA ASN B 264 -23.09 1.82 -3.19
C ASN B 264 -24.44 1.96 -3.89
N LEU B 265 -24.41 2.57 -5.07
CA LEU B 265 -25.64 2.99 -5.75
C LEU B 265 -26.49 1.82 -6.19
N GLY B 266 -25.88 0.74 -6.67
CA GLY B 266 -26.66 -0.40 -7.12
C GLY B 266 -27.05 -0.35 -8.58
N ASP B 267 -28.20 -0.94 -8.91
CA ASP B 267 -28.62 -1.09 -10.30
C ASP B 267 -29.60 -0.02 -10.76
N GLN B 268 -30.22 0.73 -9.84
CA GLN B 268 -31.30 1.64 -10.22
C GLN B 268 -30.81 2.75 -11.14
N GLU B 269 -29.59 3.25 -10.92
CA GLU B 269 -29.06 4.29 -11.81
C GLU B 269 -28.89 3.78 -13.22
N LEU B 270 -28.43 2.53 -13.38
CA LEU B 270 -28.36 1.93 -14.71
C LEU B 270 -29.75 1.59 -15.23
N LEU B 271 -30.66 1.16 -14.35
CA LEU B 271 -32.01 0.86 -14.80
C LEU B 271 -32.79 2.10 -15.19
N HIS B 272 -32.37 3.28 -14.71
CA HIS B 272 -33.05 4.53 -15.06
C HIS B 272 -32.57 5.07 -16.41
N THR B 273 -31.25 5.08 -16.63
CA THR B 273 -30.72 5.62 -17.88
C THR B 273 -30.98 4.68 -19.04
N TYR B 274 -31.07 3.38 -18.79
CA TYR B 274 -31.29 2.42 -19.86
C TYR B 274 -32.64 1.73 -19.68
N PRO B 275 -33.45 1.65 -20.74
CA PRO B 275 -34.86 1.24 -20.61
C PRO B 275 -35.04 -0.26 -20.41
N GLY B 276 -34.35 -0.82 -19.42
CA GLY B 276 -34.59 -2.18 -18.99
C GLY B 276 -34.14 -3.26 -19.93
N ASN B 277 -33.49 -2.93 -21.04
CA ASN B 277 -32.98 -3.93 -21.96
C ASN B 277 -31.71 -4.52 -21.34
N VAL B 278 -31.84 -5.68 -20.70
CA VAL B 278 -30.70 -6.23 -19.97
C VAL B 278 -29.51 -6.62 -20.83
N SER B 279 -29.74 -6.84 -22.12
CA SER B 279 -28.64 -7.30 -22.96
C SER B 279 -27.48 -6.32 -22.92
N THR B 280 -27.77 -5.02 -22.94
CA THR B 280 -26.74 -4.00 -23.03
C THR B 280 -26.20 -3.56 -21.67
N ILE B 281 -26.70 -4.12 -20.58
CA ILE B 281 -26.26 -3.71 -19.25
C ILE B 281 -25.34 -4.76 -18.61
N GLN B 282 -25.50 -6.02 -18.98
CA GLN B 282 -24.74 -7.09 -18.35
C GLN B 282 -23.32 -7.17 -18.87
N GLY B 283 -22.36 -7.39 -17.96
CA GLY B 283 -20.98 -7.62 -18.30
C GLY B 283 -20.46 -8.95 -17.77
N ARG B 284 -19.20 -9.22 -18.08
CA ARG B 284 -18.56 -10.49 -17.75
C ARG B 284 -17.95 -10.39 -16.36
N ASP B 285 -18.64 -10.95 -15.37
CA ASP B 285 -18.17 -10.98 -13.98
C ASP B 285 -17.54 -12.33 -13.64
N GLY B 286 -16.88 -12.95 -14.60
CA GLY B 286 -16.34 -14.29 -14.43
C GLY B 286 -16.82 -15.21 -15.55
N ARG B 287 -17.59 -16.23 -15.19
CA ARG B 287 -18.18 -17.09 -16.21
C ARG B 287 -19.57 -16.59 -16.63
N LYS B 288 -20.36 -16.11 -15.68
CA LYS B 288 -21.70 -15.64 -15.96
C LYS B 288 -21.69 -14.16 -16.33
N ASN B 289 -22.88 -13.59 -16.47
CA ASN B 289 -23.05 -12.17 -16.74
C ASN B 289 -23.93 -11.55 -15.66
N VAL B 290 -23.45 -10.45 -15.09
CA VAL B 290 -24.24 -9.77 -14.10
C VAL B 290 -24.21 -8.27 -14.29
N VAL B 291 -25.33 -7.63 -14.03
CA VAL B 291 -25.42 -6.18 -14.10
C VAL B 291 -24.55 -5.59 -13.00
N PRO B 292 -23.56 -4.77 -13.34
CA PRO B 292 -22.59 -4.33 -12.33
C PRO B 292 -23.16 -3.29 -11.39
N CYS B 293 -22.81 -3.44 -10.11
CA CYS B 293 -23.21 -2.46 -9.11
C CYS B 293 -22.39 -1.19 -9.30
N VAL B 294 -23.06 -0.04 -9.24
CA VAL B 294 -22.42 1.24 -9.49
C VAL B 294 -21.91 1.80 -8.17
N LEU B 295 -20.62 2.12 -8.12
CA LEU B 295 -20.01 2.80 -6.97
C LEU B 295 -19.48 4.14 -7.46
N SER B 296 -19.82 5.21 -6.76
CA SER B 296 -19.42 6.55 -7.14
C SER B 296 -18.44 7.09 -6.10
N VAL B 297 -17.23 7.43 -6.50
CA VAL B 297 -16.28 8.06 -5.57
C VAL B 297 -16.17 9.44 -6.13
N SER B 298 -16.45 10.46 -5.35
CA SER B 298 -16.48 11.81 -5.92
C SER B 298 -15.66 12.86 -5.22
N GLY B 299 -14.36 12.82 -5.42
CA GLY B 299 -13.49 13.79 -4.78
C GLY B 299 -13.74 15.20 -5.19
N ASP B 300 -13.32 16.14 -4.36
CA ASP B 300 -13.49 17.55 -4.67
C ASP B 300 -12.11 18.16 -4.89
N VAL B 301 -11.75 18.38 -6.15
CA VAL B 301 -10.43 18.91 -6.47
C VAL B 301 -10.30 20.36 -6.02
N ASP B 302 -11.31 21.18 -6.29
CA ASP B 302 -11.26 22.58 -5.86
C ASP B 302 -11.17 22.69 -4.34
N LEU B 303 -11.92 21.84 -3.63
CA LEU B 303 -11.79 21.80 -2.18
C LEU B 303 -10.53 21.05 -1.75
N GLY B 304 -9.99 20.21 -2.64
CA GLY B 304 -8.77 19.50 -2.31
C GLY B 304 -7.57 20.43 -2.16
N THR B 305 -7.39 21.34 -3.12
CA THR B 305 -6.30 22.30 -3.05
C THR B 305 -6.45 23.18 -1.83
N LEU B 306 -7.68 23.53 -1.51
CA LEU B 306 -7.93 24.33 -0.31
C LEU B 306 -7.45 23.59 0.95
N ALA B 307 -7.68 22.28 1.00
CA ALA B 307 -7.19 21.50 2.12
C ALA B 307 -5.67 21.48 2.18
N TYR B 308 -5.02 21.25 1.03
CA TYR B 308 -3.57 21.17 1.00
C TYR B 308 -2.92 22.53 1.24
N LEU B 309 -3.64 23.62 0.97
CA LEU B 309 -3.15 24.93 1.39
C LEU B 309 -3.27 25.10 2.89
N TYR B 310 -4.38 24.63 3.48
CA TYR B 310 -4.50 24.65 4.94
C TYR B 310 -3.57 23.65 5.58
N ASP B 311 -3.37 22.50 4.93
CA ASP B 311 -2.54 21.46 5.51
C ASP B 311 -1.08 21.88 5.62
N SER B 312 -0.57 22.58 4.61
CA SER B 312 0.84 22.94 4.55
C SER B 312 1.20 24.14 5.40
N PHE B 313 0.22 24.88 5.90
CA PHE B 313 0.51 26.09 6.66
C PHE B 313 0.32 25.85 8.15
N ARG B 328 8.75 30.97 10.97
CA ARG B 328 8.66 31.61 9.67
C ARG B 328 7.37 31.23 8.96
N LYS B 329 7.00 32.00 7.94
CA LYS B 329 5.80 31.74 7.15
C LYS B 329 6.20 31.01 5.88
N VAL B 330 5.90 29.71 5.81
CA VAL B 330 6.24 28.88 4.68
C VAL B 330 5.04 27.99 4.34
N LEU B 331 4.73 27.88 3.05
CA LEU B 331 3.78 26.89 2.57
C LEU B 331 4.55 25.62 2.28
N LYS B 332 4.54 24.69 3.25
CA LYS B 332 5.27 23.43 3.12
C LYS B 332 4.51 22.45 2.25
N LEU B 333 4.21 22.89 1.03
CA LEU B 333 3.52 22.04 0.07
C LEU B 333 4.41 20.87 -0.33
N HIS B 334 3.77 19.75 -0.65
CA HIS B 334 4.52 18.58 -1.10
C HIS B 334 5.27 18.91 -2.38
N PRO B 335 6.49 18.41 -2.55
CA PRO B 335 7.24 18.69 -3.78
C PRO B 335 6.51 18.31 -5.05
N CYS B 336 5.68 17.26 -5.01
CA CYS B 336 4.88 16.90 -6.17
C CYS B 336 3.70 17.84 -6.38
N LEU B 337 3.41 18.72 -5.41
CA LEU B 337 2.29 19.65 -5.52
C LEU B 337 2.71 21.11 -5.69
N ALA B 338 3.90 21.47 -5.24
CA ALA B 338 4.32 22.87 -5.26
C ALA B 338 4.36 23.38 -6.69
N PRO B 339 3.86 24.59 -6.96
CA PRO B 339 3.87 25.08 -8.34
C PRO B 339 5.25 25.48 -8.84
N ILE B 340 6.05 26.13 -8.00
CA ILE B 340 7.38 26.62 -8.36
C ILE B 340 8.41 25.82 -7.61
N LYS B 341 9.39 25.28 -8.34
CA LYS B 341 10.39 24.40 -7.77
C LYS B 341 11.80 24.96 -7.80
N VAL B 342 12.14 25.76 -8.81
CA VAL B 342 13.46 26.39 -8.92
C VAL B 342 13.27 27.89 -9.05
N ALA B 343 14.22 28.66 -8.52
CA ALA B 343 14.18 30.12 -8.58
C ALA B 343 15.57 30.63 -8.94
N LEU B 344 15.79 30.88 -10.23
CA LEU B 344 17.07 31.37 -10.71
C LEU B 344 17.25 32.83 -10.30
N ASP B 345 18.49 33.32 -10.48
CA ASP B 345 18.85 34.66 -10.04
C ASP B 345 20.17 35.05 -10.69
N VAL B 346 20.57 36.30 -10.47
CA VAL B 346 21.84 36.83 -10.95
C VAL B 346 22.52 37.57 -9.81
N GLY B 347 23.81 37.83 -10.00
CA GLY B 347 24.66 38.45 -9.00
C GLY B 347 24.93 39.92 -9.28
N LYS B 348 26.04 40.40 -8.71
CA LYS B 348 26.38 41.82 -8.84
C LYS B 348 26.67 42.20 -10.29
N GLY B 349 27.49 41.41 -10.97
CA GLY B 349 27.84 41.69 -12.35
C GLY B 349 29.03 40.87 -12.81
N PRO B 350 29.30 40.84 -14.11
CA PRO B 350 28.58 41.54 -15.19
C PRO B 350 27.24 40.87 -15.52
N THR B 351 26.15 41.64 -15.45
CA THR B 351 24.82 41.05 -15.61
C THR B 351 24.62 40.46 -17.00
N VAL B 352 25.28 41.03 -18.02
CA VAL B 352 25.13 40.49 -19.38
C VAL B 352 25.70 39.09 -19.45
N GLU B 353 26.89 38.88 -18.87
CA GLU B 353 27.49 37.55 -18.90
C GLU B 353 26.72 36.57 -18.02
N LEU B 354 26.21 37.04 -16.88
CA LEU B 354 25.45 36.17 -16.00
C LEU B 354 24.14 35.72 -16.65
N ARG B 355 23.47 36.62 -17.36
CA ARG B 355 22.19 36.27 -17.96
C ARG B 355 22.34 35.23 -19.07
N GLN B 356 23.48 35.22 -19.74
CA GLN B 356 23.74 34.16 -20.72
C GLN B 356 23.80 32.80 -20.03
N VAL B 357 24.42 32.73 -18.85
CA VAL B 357 24.47 31.49 -18.10
C VAL B 357 23.08 31.09 -17.62
N CYS B 358 22.34 32.04 -17.05
CA CYS B 358 21.02 31.74 -16.51
C CYS B 358 20.06 31.29 -17.62
N GLN B 359 20.11 31.98 -18.78
CA GLN B 359 19.23 31.61 -19.88
C GLN B 359 19.54 30.21 -20.38
N GLY B 360 20.82 29.86 -20.48
CA GLY B 360 21.18 28.49 -20.80
C GLY B 360 20.78 27.52 -19.71
N LEU B 361 20.88 27.96 -18.45
CA LEU B 361 20.43 27.13 -17.35
C LEU B 361 18.91 26.96 -17.36
N LEU B 362 18.18 28.03 -17.70
CA LEU B 362 16.73 27.97 -17.71
C LEU B 362 16.22 26.92 -18.68
N ASN B 363 16.76 26.89 -19.90
CA ASN B 363 16.34 25.92 -20.88
C ASN B 363 16.75 24.50 -20.48
N GLU B 364 17.82 24.36 -19.71
CA GLU B 364 18.22 23.05 -19.24
C GLU B 364 17.17 22.45 -18.31
N LEU B 365 16.66 23.27 -17.38
CA LEU B 365 15.65 22.79 -16.44
C LEU B 365 14.28 22.63 -17.09
N LEU B 366 13.89 23.60 -17.93
CA LEU B 366 12.57 23.54 -18.56
C LEU B 366 12.45 22.32 -19.45
N GLU B 367 13.50 21.99 -20.20
CA GLU B 367 13.48 20.79 -21.02
C GLU B 367 13.47 19.52 -20.17
N ASN B 368 13.76 19.62 -18.88
CA ASN B 368 13.74 18.48 -17.98
C ASN B 368 12.52 18.46 -17.07
N GLY B 369 11.46 19.18 -17.44
CA GLY B 369 10.20 19.06 -16.74
C GLY B 369 10.13 19.68 -15.36
N ILE B 370 11.02 20.63 -15.05
CA ILE B 370 11.06 21.27 -13.75
C ILE B 370 10.62 22.71 -13.91
N SER B 371 9.60 23.11 -13.16
CA SER B 371 9.11 24.48 -13.23
C SER B 371 10.12 25.43 -12.61
N VAL B 372 10.45 26.50 -13.35
CA VAL B 372 11.47 27.46 -12.94
C VAL B 372 10.84 28.84 -12.86
N TRP B 373 11.26 29.61 -11.85
CA TRP B 373 10.85 31.00 -11.74
C TRP B 373 12.02 31.88 -12.14
N PRO B 374 11.99 32.52 -13.31
CA PRO B 374 13.13 33.33 -13.76
C PRO B 374 13.26 34.64 -12.97
N GLY B 375 13.87 34.53 -11.80
CA GLY B 375 14.04 35.69 -10.94
C GLY B 375 15.17 36.61 -11.34
N TYR B 376 15.91 36.27 -12.40
CA TYR B 376 16.96 37.14 -12.89
C TYR B 376 16.43 38.22 -13.82
N SER B 377 15.17 38.12 -14.24
CA SER B 377 14.55 39.12 -15.11
C SER B 377 13.79 40.19 -14.33
N GLU B 378 13.78 40.11 -13.00
CA GLU B 378 13.09 41.12 -12.21
C GLU B 378 13.75 42.48 -12.39
N THR B 379 12.92 43.52 -12.55
CA THR B 379 13.40 44.86 -12.84
C THR B 379 13.74 45.67 -11.59
N VAL B 380 13.42 45.17 -10.41
CA VAL B 380 13.71 45.85 -9.15
C VAL B 380 14.60 44.95 -8.31
N HIS B 381 15.73 45.48 -7.84
CA HIS B 381 16.65 44.71 -7.03
C HIS B 381 16.00 44.31 -5.71
N SER B 382 16.17 43.06 -5.33
CA SER B 382 15.58 42.50 -4.12
C SER B 382 16.68 41.93 -3.23
N SER B 383 16.66 42.30 -1.96
CA SER B 383 17.64 41.79 -1.01
C SER B 383 17.43 40.29 -0.78
N LEU B 384 18.49 39.64 -0.29
CA LEU B 384 18.41 38.20 -0.04
C LEU B 384 17.36 37.87 1.02
N GLU B 385 17.31 38.67 2.10
CA GLU B 385 16.38 38.39 3.17
C GLU B 385 14.93 38.49 2.69
N GLN B 386 14.63 39.48 1.86
CA GLN B 386 13.30 39.59 1.29
C GLN B 386 13.07 38.56 0.19
N LEU B 387 14.08 38.30 -0.63
CA LEU B 387 13.94 37.33 -1.71
C LEU B 387 13.71 35.94 -1.17
N HIS B 388 14.30 35.62 -0.01
CA HIS B 388 14.13 34.30 0.57
C HIS B 388 12.72 34.09 1.12
N SER B 389 12.20 35.08 1.85
CA SER B 389 10.84 34.97 2.35
C SER B 389 9.82 35.00 1.21
N LYS B 390 10.11 35.72 0.13
CA LYS B 390 9.24 35.72 -1.03
C LYS B 390 9.16 34.33 -1.65
N TYR B 391 10.30 33.66 -1.78
CA TYR B 391 10.30 32.30 -2.33
C TYR B 391 9.69 31.30 -1.36
N ASP B 392 9.85 31.53 -0.05
CA ASP B 392 9.27 30.62 0.93
C ASP B 392 7.75 30.64 0.88
N GLU B 393 7.15 31.84 0.93
CA GLU B 393 5.70 31.96 0.87
C GLU B 393 5.13 31.45 -0.45
N MET B 394 5.90 31.50 -1.52
CA MET B 394 5.51 30.96 -2.81
C MET B 394 5.80 29.46 -2.92
N SER B 395 6.32 28.86 -1.86
CA SER B 395 6.65 27.43 -1.83
C SER B 395 7.64 27.06 -2.92
N VAL B 396 8.73 27.83 -3.03
CA VAL B 396 9.81 27.50 -3.94
C VAL B 396 10.75 26.53 -3.26
N LEU B 397 11.01 25.39 -3.90
CA LEU B 397 11.86 24.37 -3.28
C LEU B 397 13.30 24.85 -3.15
N PHE B 398 13.86 25.41 -4.22
CA PHE B 398 15.28 25.73 -4.28
C PHE B 398 15.50 27.13 -4.83
N SER B 399 16.42 27.89 -4.22
CA SER B 399 16.74 29.25 -4.65
C SER B 399 18.15 29.27 -5.24
N VAL B 400 18.24 28.99 -6.55
CA VAL B 400 19.52 29.03 -7.23
C VAL B 400 19.97 30.47 -7.42
N LEU B 401 21.27 30.70 -7.27
CA LEU B 401 21.87 32.02 -7.44
C LEU B 401 23.14 31.89 -8.27
N VAL B 402 23.24 32.71 -9.31
CA VAL B 402 24.39 32.71 -10.22
C VAL B 402 25.10 34.05 -10.08
N THR B 403 26.39 34.00 -9.76
CA THR B 403 27.20 35.19 -9.55
C THR B 403 28.37 35.20 -10.53
N GLU B 404 29.25 36.18 -10.36
CA GLU B 404 30.42 36.30 -11.25
C GLU B 404 31.37 35.13 -11.09
N THR B 405 31.47 34.56 -9.88
CA THR B 405 32.35 33.42 -9.66
C THR B 405 31.94 32.23 -10.51
N THR B 406 30.66 32.15 -10.88
CA THR B 406 30.17 31.03 -11.68
C THR B 406 30.86 30.96 -13.03
N LEU B 407 31.33 32.09 -13.55
CA LEU B 407 31.96 32.11 -14.86
C LEU B 407 33.29 31.36 -14.90
N GLU B 408 33.97 31.23 -13.76
CA GLU B 408 35.28 30.59 -13.72
C GLU B 408 35.23 29.14 -13.27
N ASN B 409 34.64 28.84 -12.12
CA ASN B 409 34.57 27.48 -11.61
C ASN B 409 33.25 26.79 -11.91
N GLY B 410 32.16 27.53 -12.06
CA GLY B 410 30.87 26.95 -12.35
C GLY B 410 30.06 26.56 -11.13
N LEU B 411 30.42 27.02 -9.95
CA LEU B 411 29.71 26.66 -8.73
C LEU B 411 28.61 27.68 -8.46
N ILE B 412 27.40 27.16 -8.21
CA ILE B 412 26.23 27.98 -7.92
C ILE B 412 25.70 27.61 -6.54
N GLN B 413 25.25 28.62 -5.81
CA GLN B 413 24.61 28.40 -4.52
C GLN B 413 23.25 27.75 -4.72
N LEU B 414 22.85 26.90 -3.77
CA LEU B 414 21.60 26.15 -3.85
C LEU B 414 20.99 26.08 -2.46
N ARG B 415 20.01 26.94 -2.19
CA ARG B 415 19.32 26.95 -0.90
C ARG B 415 18.12 26.01 -0.94
N SER B 416 17.72 25.54 0.24
CA SER B 416 16.59 24.63 0.40
C SER B 416 15.50 25.28 1.22
N ARG B 417 14.25 25.11 0.78
CA ARG B 417 13.11 25.62 1.54
C ARG B 417 12.99 24.91 2.88
N ASP B 418 13.21 23.58 2.90
CA ASP B 418 13.02 22.80 4.11
C ASP B 418 14.03 23.19 5.19
N THR B 419 15.30 23.33 4.82
CA THR B 419 16.37 23.50 5.79
C THR B 419 16.89 24.93 5.90
N THR B 420 16.66 25.77 4.89
CA THR B 420 17.19 27.13 4.85
C THR B 420 18.71 27.13 5.03
N MET B 421 19.39 26.22 4.33
CA MET B 421 20.84 26.14 4.36
C MET B 421 21.38 26.17 2.94
N LYS B 422 22.44 26.94 2.75
CA LYS B 422 22.99 27.21 1.43
C LYS B 422 24.15 26.26 1.14
N GLU B 423 24.03 25.50 0.06
CA GLU B 423 25.06 24.57 -0.37
C GLU B 423 25.42 24.87 -1.82
N MET B 424 26.72 24.87 -2.12
CA MET B 424 27.20 25.17 -3.46
C MET B 424 27.27 23.90 -4.30
N MET B 425 27.04 24.06 -5.60
CA MET B 425 27.04 22.94 -6.53
C MET B 425 27.47 23.44 -7.90
N HIS B 426 28.12 22.56 -8.66
CA HIS B 426 28.48 22.89 -10.02
C HIS B 426 27.23 22.88 -10.92
N ILE B 427 27.30 23.67 -11.99
CA ILE B 427 26.15 23.79 -12.89
C ILE B 427 25.85 22.47 -13.57
N SER B 428 26.88 21.75 -13.99
CA SER B 428 26.68 20.52 -14.74
C SER B 428 25.89 19.48 -13.94
N LYS B 429 25.96 19.52 -12.62
CA LYS B 429 25.27 18.57 -11.76
C LYS B 429 23.98 19.12 -11.18
N LEU B 430 23.60 20.34 -11.53
CA LEU B 430 22.37 20.92 -10.98
C LEU B 430 21.14 20.15 -11.44
N ARG B 431 21.08 19.80 -12.73
CA ARG B 431 19.91 19.09 -13.24
C ARG B 431 19.77 17.71 -12.59
N ASP B 432 20.90 17.03 -12.36
CA ASP B 432 20.84 15.68 -11.79
C ASP B 432 20.23 15.71 -10.40
N PHE B 433 20.62 16.68 -9.56
CA PHE B 433 20.08 16.76 -8.21
C PHE B 433 18.59 17.10 -8.22
N LEU B 434 18.18 18.03 -9.09
CA LEU B 434 16.79 18.46 -9.10
C LEU B 434 15.87 17.34 -9.55
N VAL B 435 16.27 16.58 -10.57
CA VAL B 435 15.46 15.42 -10.98
C VAL B 435 15.42 14.39 -9.87
N LYS B 436 16.56 14.15 -9.22
CA LYS B 436 16.63 13.14 -8.17
C LYS B 436 15.75 13.51 -6.98
N TYR B 437 15.80 14.78 -6.57
CA TYR B 437 14.99 15.21 -5.43
C TYR B 437 13.50 15.07 -5.71
N LEU B 438 13.08 15.42 -6.92
CA LEU B 438 11.66 15.35 -7.26
C LEU B 438 11.20 13.91 -7.47
N ALA B 439 12.05 13.07 -8.07
CA ALA B 439 11.68 11.68 -8.28
C ALA B 439 11.53 10.92 -6.98
N SER B 440 12.35 11.29 -5.99
CA SER B 440 12.30 10.62 -4.69
C SER B 440 11.18 11.13 -3.82
N ALA B 441 10.65 12.29 -4.16
CA ALA B 441 9.51 12.82 -3.42
C ALA B 441 8.20 12.15 -3.84
N SER B 442 8.18 11.48 -4.98
CA SER B 442 6.98 10.80 -5.46
C SER B 442 6.86 9.41 -4.85
N ALA C 27 -13.99 5.46 -43.53
CA ALA C 27 -13.75 6.87 -43.31
C ALA C 27 -13.16 7.11 -41.93
N LEU C 28 -12.51 8.26 -41.75
CA LEU C 28 -11.91 8.58 -40.45
C LEU C 28 -12.96 8.74 -39.37
N VAL C 29 -14.12 9.32 -39.72
CA VAL C 29 -15.18 9.53 -38.73
C VAL C 29 -15.64 8.20 -38.16
N ASP C 30 -15.80 7.20 -39.02
CA ASP C 30 -16.16 5.86 -38.53
C ASP C 30 -14.95 5.17 -37.89
N LEU C 31 -13.77 5.36 -38.47
CA LEU C 31 -12.57 4.71 -37.93
C LEU C 31 -12.27 5.19 -36.51
N CYS C 32 -12.41 6.49 -36.26
CA CYS C 32 -12.20 7.00 -34.91
C CYS C 32 -13.33 6.57 -33.98
N ARG C 33 -14.49 6.17 -34.53
CA ARG C 33 -15.56 5.67 -33.69
C ARG C 33 -15.26 4.26 -33.19
N ARG C 34 -14.75 3.40 -34.07
CA ARG C 34 -14.44 2.02 -33.67
C ARG C 34 -13.35 2.00 -32.60
N ARG C 35 -12.32 2.84 -32.76
CA ARG C 35 -11.20 2.89 -31.84
C ARG C 35 -11.42 3.87 -30.69
N HIS C 36 -12.66 4.28 -30.47
CA HIS C 36 -13.05 5.07 -29.30
C HIS C 36 -12.31 6.41 -29.23
N PHE C 37 -11.89 6.93 -30.38
CA PHE C 37 -11.52 8.33 -30.45
C PHE C 37 -12.76 9.21 -30.51
N PHE C 38 -13.81 8.72 -31.15
CA PHE C 38 -15.07 9.44 -31.27
C PHE C 38 -16.13 8.84 -30.36
N SER C 39 -17.18 9.61 -30.13
CA SER C 39 -18.29 9.18 -29.30
C SER C 39 -19.58 9.79 -29.83
N GLY C 40 -20.69 9.14 -29.53
CA GLY C 40 -22.00 9.61 -29.94
C GLY C 40 -22.68 8.66 -30.90
N THR C 41 -23.94 8.95 -31.16
CA THR C 41 -24.78 8.17 -32.05
C THR C 41 -24.38 8.40 -33.51
N PRO C 42 -24.77 7.51 -34.42
CA PRO C 42 -24.41 7.71 -35.82
C PRO C 42 -24.87 9.04 -36.39
N GLN C 43 -25.98 9.58 -35.90
CA GLN C 43 -26.43 10.89 -36.36
C GLN C 43 -25.55 12.02 -35.84
N GLN C 44 -24.80 11.78 -34.76
CA GLN C 44 -23.96 12.80 -34.16
C GLN C 44 -22.54 12.82 -34.72
N LEU C 45 -22.17 11.83 -35.51
CA LEU C 45 -20.83 11.79 -36.11
C LEU C 45 -20.87 12.38 -37.52
N SER C 46 -21.32 13.62 -37.60
CA SER C 46 -21.48 14.30 -38.88
C SER C 46 -20.66 15.59 -38.87
N THR C 47 -20.30 16.04 -40.08
CA THR C 47 -19.48 17.23 -40.21
C THR C 47 -20.10 18.42 -39.50
N ALA C 48 -21.41 18.64 -39.70
CA ALA C 48 -22.09 19.72 -39.00
C ALA C 48 -22.18 19.46 -37.50
N ALA C 49 -22.37 18.21 -37.10
CA ALA C 49 -22.49 17.88 -35.68
C ALA C 49 -21.14 17.88 -34.97
N LEU C 50 -20.09 17.41 -35.64
CA LEU C 50 -18.76 17.42 -35.04
C LEU C 50 -18.27 18.84 -34.80
N LEU C 51 -18.49 19.74 -35.76
CA LEU C 51 -18.09 21.13 -35.57
C LEU C 51 -19.01 21.86 -34.62
N SER C 52 -20.19 21.30 -34.34
CA SER C 52 -21.16 21.99 -33.49
C SER C 52 -20.70 22.00 -32.04
N GLY C 53 -20.24 20.86 -31.52
CA GLY C 53 -19.90 20.76 -30.12
C GLY C 53 -21.08 20.55 -29.21
N CYS C 54 -22.22 20.09 -29.74
CA CYS C 54 -23.40 19.82 -28.94
C CYS C 54 -23.40 18.43 -28.31
N HIS C 55 -22.37 17.62 -28.58
CA HIS C 55 -22.27 16.29 -28.02
C HIS C 55 -20.82 16.01 -27.68
N ALA C 56 -20.61 15.05 -26.78
CA ALA C 56 -19.27 14.61 -26.43
C ALA C 56 -18.70 13.83 -27.61
N ARG C 57 -17.84 14.48 -28.39
CA ARG C 57 -17.35 13.91 -29.64
C ARG C 57 -16.06 13.12 -29.45
N PHE C 58 -15.57 12.98 -28.23
CA PHE C 58 -14.35 12.25 -27.97
C PHE C 58 -14.61 11.16 -26.93
N GLY C 59 -14.09 9.96 -27.19
CA GLY C 59 -14.23 8.85 -26.29
C GLY C 59 -13.11 8.80 -25.27
N PRO C 60 -12.77 7.60 -24.81
CA PRO C 60 -11.64 7.48 -23.87
C PRO C 60 -10.30 7.78 -24.51
N LEU C 61 -10.07 7.32 -25.74
CA LEU C 61 -8.81 7.60 -26.43
C LEU C 61 -8.74 9.02 -26.95
N GLY C 62 -9.85 9.57 -27.44
CA GLY C 62 -9.84 10.92 -27.96
C GLY C 62 -9.53 11.98 -26.92
N VAL C 63 -9.95 11.74 -25.68
CA VAL C 63 -9.66 12.69 -24.60
C VAL C 63 -8.15 12.76 -24.35
N GLU C 64 -7.49 11.61 -24.29
CA GLU C 64 -6.06 11.60 -24.01
C GLU C 64 -5.26 12.25 -25.13
N LEU C 65 -5.65 12.01 -26.40
CA LEU C 65 -5.02 12.73 -27.50
C LEU C 65 -5.28 14.23 -27.38
N ARG C 66 -6.51 14.62 -27.04
CA ARG C 66 -6.80 16.02 -26.80
C ARG C 66 -6.12 16.52 -25.53
N LYS C 67 -5.84 15.61 -24.59
CA LYS C 67 -5.08 15.99 -23.40
C LYS C 67 -3.62 16.25 -23.76
N ASN C 68 -3.12 15.63 -24.82
CA ASN C 68 -1.75 15.89 -25.26
C ASN C 68 -1.63 17.25 -25.93
N LEU C 69 -2.62 17.63 -26.74
CA LEU C 69 -2.62 18.96 -27.33
C LEU C 69 -2.65 20.04 -26.26
N ALA C 70 -3.41 19.81 -25.19
CA ALA C 70 -3.47 20.77 -24.10
C ALA C 70 -2.11 20.94 -23.43
N SER C 71 -1.37 19.84 -23.26
CA SER C 71 -0.04 19.92 -22.67
C SER C 71 0.97 20.52 -23.62
N GLN C 72 0.95 20.11 -24.90
CA GLN C 72 1.87 20.66 -25.87
C GLN C 72 1.64 22.15 -26.08
N TRP C 73 0.37 22.58 -26.13
CA TRP C 73 0.07 24.00 -26.20
C TRP C 73 0.54 24.71 -24.94
N TRP C 74 0.33 24.09 -23.78
CA TRP C 74 0.70 24.74 -22.52
C TRP C 74 2.21 24.89 -22.38
N SER C 75 2.97 23.85 -22.76
CA SER C 75 4.41 23.91 -22.61
C SER C 75 5.04 24.93 -23.55
N SER C 76 4.60 24.94 -24.81
CA SER C 76 5.20 25.83 -25.80
C SER C 76 4.67 27.26 -25.73
N MET C 77 3.62 27.52 -24.96
CA MET C 77 3.05 28.85 -24.87
C MET C 77 3.07 29.44 -23.47
N VAL C 78 3.38 28.64 -22.45
CA VAL C 78 3.45 29.12 -21.08
C VAL C 78 4.80 28.79 -20.44
N VAL C 79 5.22 27.53 -20.50
CA VAL C 79 6.44 27.12 -19.82
C VAL C 79 7.66 27.71 -20.49
N PHE C 80 7.79 27.55 -21.81
CA PHE C 80 8.96 28.04 -22.51
C PHE C 80 8.88 29.53 -22.83
N ARG C 81 7.70 30.14 -22.70
CA ARG C 81 7.53 31.53 -23.05
C ARG C 81 7.77 32.44 -21.85
N GLU C 82 8.32 33.62 -22.13
CA GLU C 82 8.64 34.57 -21.08
C GLU C 82 7.42 35.39 -20.70
N GLN C 83 7.18 35.48 -19.39
CA GLN C 83 6.11 36.31 -18.84
C GLN C 83 4.73 35.88 -19.35
N VAL C 84 4.44 34.58 -19.23
CA VAL C 84 3.13 34.02 -19.50
C VAL C 84 2.68 33.26 -18.25
N PHE C 85 1.41 33.42 -17.89
CA PHE C 85 0.91 32.88 -16.64
C PHE C 85 -0.44 32.20 -16.85
N ALA C 86 -0.79 31.35 -15.89
CA ALA C 86 -2.02 30.57 -15.96
C ALA C 86 -3.22 31.37 -15.48
N VAL C 87 -4.36 31.11 -16.11
CA VAL C 87 -5.63 31.75 -15.75
C VAL C 87 -6.72 30.69 -15.74
N ASP C 88 -7.56 30.72 -14.70
CA ASP C 88 -8.75 29.90 -14.64
C ASP C 88 -9.94 30.80 -14.38
N SER C 89 -11.01 30.61 -15.16
CA SER C 89 -12.15 31.51 -15.13
C SER C 89 -13.45 30.71 -15.11
N LEU C 90 -14.50 31.35 -14.60
CA LEU C 90 -15.80 30.71 -14.52
C LEU C 90 -16.37 30.45 -15.92
N HIS C 91 -17.22 29.44 -16.01
CA HIS C 91 -17.93 29.16 -17.25
C HIS C 91 -19.08 30.14 -17.47
N GLN C 92 -19.65 30.68 -16.40
CA GLN C 92 -20.72 31.66 -16.51
C GLN C 92 -20.17 33.07 -16.46
N GLU C 93 -20.99 34.02 -16.90
CA GLU C 93 -20.64 35.43 -16.95
C GLU C 93 -21.74 36.22 -16.26
N PRO C 94 -21.43 37.44 -15.81
CA PRO C 94 -22.42 38.19 -15.01
C PRO C 94 -23.73 38.44 -15.72
N GLY C 95 -23.72 38.63 -17.04
CA GLY C 95 -24.94 38.87 -17.78
C GLY C 95 -25.29 40.34 -17.89
N SER C 96 -25.95 40.68 -18.99
CA SER C 96 -26.34 42.05 -19.26
C SER C 96 -27.67 42.05 -20.02
N SER C 97 -28.36 43.18 -19.94
CA SER C 97 -29.65 43.34 -20.62
C SER C 97 -29.52 43.88 -22.04
N GLN C 98 -28.30 44.13 -22.50
CA GLN C 98 -28.12 44.64 -23.86
C GLN C 98 -28.51 43.59 -24.89
N PRO C 99 -29.08 44.01 -26.01
CA PRO C 99 -29.43 43.08 -27.09
C PRO C 99 -28.19 42.70 -27.90
N ARG C 100 -28.43 41.97 -28.99
CA ARG C 100 -27.44 41.51 -29.96
C ARG C 100 -26.53 40.42 -29.42
N ASP C 101 -26.68 40.01 -28.16
CA ASP C 101 -25.94 38.89 -27.59
C ASP C 101 -26.86 37.68 -27.49
N SER C 102 -26.33 36.52 -27.86
CA SER C 102 -27.12 35.29 -27.91
C SER C 102 -26.66 34.24 -26.90
N ALA C 103 -25.91 34.62 -25.87
CA ALA C 103 -25.46 33.65 -24.88
C ALA C 103 -26.65 33.06 -24.13
N PHE C 104 -26.67 31.74 -24.03
CA PHE C 104 -27.76 31.06 -23.33
C PHE C 104 -27.72 31.39 -21.84
N ARG C 105 -28.88 31.77 -21.31
CA ARG C 105 -28.99 32.17 -19.92
C ARG C 105 -29.21 30.97 -19.02
N LEU C 106 -29.05 31.19 -17.73
CA LEU C 106 -29.28 30.17 -16.71
C LEU C 106 -30.43 30.61 -15.82
N VAL C 107 -31.46 29.78 -15.76
CA VAL C 107 -32.69 30.08 -15.02
C VAL C 107 -32.90 29.01 -13.97
N SER C 108 -33.30 29.44 -12.76
CA SER C 108 -33.56 28.51 -11.67
C SER C 108 -34.93 27.87 -11.88
N PRO C 109 -35.02 26.54 -11.99
CA PRO C 109 -36.33 25.90 -12.15
C PRO C 109 -37.26 26.13 -10.97
N GLU C 110 -36.70 26.23 -9.75
CA GLU C 110 -37.54 26.45 -8.58
C GLU C 110 -38.24 27.80 -8.65
N SER C 111 -37.55 28.84 -9.10
CA SER C 111 -38.18 30.14 -9.27
C SER C 111 -39.25 30.09 -10.36
N ILE C 112 -39.00 29.35 -11.43
CA ILE C 112 -40.01 29.18 -12.47
C ILE C 112 -41.24 28.47 -11.91
N ARG C 113 -41.03 27.40 -11.14
CA ARG C 113 -42.15 26.70 -10.52
C ARG C 113 -42.79 27.55 -9.43
N GLU C 114 -42.03 28.45 -8.80
CA GLU C 114 -42.59 29.31 -7.77
C GLU C 114 -43.65 30.23 -8.34
N ILE C 115 -43.41 30.81 -9.51
CA ILE C 115 -44.37 31.73 -10.11
C ILE C 115 -45.63 30.98 -10.54
N LEU C 116 -45.48 29.82 -11.17
CA LEU C 116 -46.61 29.14 -11.78
C LEU C 116 -47.53 28.50 -10.73
N GLN C 117 -46.96 28.08 -9.60
CA GLN C 117 -47.70 27.26 -8.66
C GLN C 117 -48.18 28.00 -7.41
N ASP C 118 -47.56 29.12 -7.06
CA ASP C 118 -47.82 29.71 -5.75
C ASP C 118 -49.10 30.54 -5.74
N ARG C 119 -49.16 31.61 -6.54
CA ARG C 119 -50.21 32.60 -6.37
C ARG C 119 -50.87 33.06 -7.66
N GLU C 120 -50.58 32.43 -8.80
CA GLU C 120 -51.16 32.81 -10.08
C GLU C 120 -50.96 34.30 -10.36
N PRO C 121 -49.75 34.74 -10.66
CA PRO C 121 -49.52 36.17 -10.88
C PRO C 121 -50.23 36.67 -12.13
N SER C 122 -50.42 37.98 -12.18
CA SER C 122 -51.18 38.61 -13.25
C SER C 122 -50.39 38.62 -14.56
N LYS C 123 -51.00 39.21 -15.59
CA LYS C 123 -50.36 39.30 -16.90
C LYS C 123 -49.09 40.15 -16.84
N GLU C 124 -49.14 41.25 -16.07
CA GLU C 124 -47.98 42.13 -15.98
C GLU C 124 -46.78 41.43 -15.37
N GLN C 125 -47.02 40.58 -14.37
CA GLN C 125 -45.91 39.89 -13.70
C GLN C 125 -45.20 38.92 -14.64
N LEU C 126 -45.96 38.19 -15.45
CA LEU C 126 -45.35 37.24 -16.37
C LEU C 126 -44.46 37.95 -17.40
N VAL C 127 -44.91 39.10 -17.90
CA VAL C 127 -44.07 39.88 -18.80
C VAL C 127 -42.81 40.34 -18.09
N ALA C 128 -42.94 40.78 -16.83
CA ALA C 128 -41.78 41.19 -16.06
C ALA C 128 -40.83 40.03 -15.80
N PHE C 129 -41.39 38.83 -15.58
CA PHE C 129 -40.55 37.67 -15.30
C PHE C 129 -39.64 37.34 -16.48
N LEU C 130 -40.19 37.34 -17.70
CA LEU C 130 -39.37 37.07 -18.87
C LEU C 130 -38.32 38.16 -19.09
N GLU C 131 -38.67 39.42 -18.80
CA GLU C 131 -37.67 40.48 -18.84
C GLU C 131 -36.60 40.25 -17.78
N ASN C 132 -37.00 39.78 -16.60
CA ASN C 132 -36.03 39.49 -15.54
C ASN C 132 -35.08 38.36 -15.93
N LEU C 133 -35.54 37.43 -16.78
CA LEU C 133 -34.67 36.36 -17.24
C LEU C 133 -33.58 36.85 -18.18
N LEU C 134 -33.66 38.09 -18.66
CA LEU C 134 -32.62 38.68 -19.47
C LEU C 134 -31.91 39.85 -18.80
N LYS C 135 -32.56 40.50 -17.84
CA LYS C 135 -31.98 41.67 -17.18
C LYS C 135 -30.92 41.27 -16.16
N THR C 136 -31.14 40.20 -15.40
CA THR C 136 -30.28 39.84 -14.30
C THR C 136 -29.74 38.42 -14.33
N SER C 137 -30.31 37.52 -15.13
CA SER C 137 -29.86 36.14 -15.13
C SER C 137 -28.48 36.02 -15.79
N GLY C 138 -27.65 35.13 -15.25
CA GLY C 138 -26.33 34.95 -15.79
C GLY C 138 -26.35 34.25 -17.14
N LYS C 139 -25.20 34.26 -17.81
CA LYS C 139 -25.08 33.67 -19.13
C LYS C 139 -23.79 32.87 -19.23
N LEU C 140 -23.81 31.87 -20.10
CA LEU C 140 -22.60 31.08 -20.34
C LEU C 140 -21.61 31.88 -21.18
N ARG C 141 -20.33 31.62 -20.94
CA ARG C 141 -19.27 32.33 -21.64
C ARG C 141 -19.15 31.83 -23.08
N ALA C 142 -18.73 32.74 -23.96
CA ALA C 142 -18.49 32.40 -25.37
C ALA C 142 -17.02 32.41 -25.74
N THR C 143 -16.20 33.22 -25.06
CA THR C 143 -14.76 33.24 -25.26
C THR C 143 -14.08 33.42 -23.91
N LEU C 144 -12.80 33.06 -23.88
CA LEU C 144 -11.99 33.16 -22.67
C LEU C 144 -11.32 34.51 -22.51
N LEU C 145 -11.54 35.44 -23.46
CA LEU C 145 -10.92 36.76 -23.37
C LEU C 145 -11.40 37.51 -22.14
N HIS C 146 -12.69 37.44 -21.84
N HIS C 146 -12.70 37.44 -21.84
CA HIS C 146 -13.22 38.17 -20.70
CA HIS C 146 -13.24 38.15 -20.70
C HIS C 146 -12.79 37.54 -19.37
C HIS C 146 -12.74 37.56 -19.38
N GLY C 147 -12.45 36.26 -19.39
CA GLY C 147 -11.91 35.64 -18.18
C GLY C 147 -10.55 36.17 -17.82
N ALA C 148 -9.70 36.38 -18.84
CA ALA C 148 -8.36 36.92 -18.60
C ALA C 148 -8.42 38.39 -18.21
N LEU C 149 -9.32 39.16 -18.81
CA LEU C 149 -9.35 40.60 -18.53
C LEU C 149 -9.67 40.91 -17.08
N GLU C 150 -10.55 40.14 -16.46
CA GLU C 150 -10.79 40.36 -15.03
C GLU C 150 -9.59 39.95 -14.18
N HIS C 151 -8.67 39.16 -14.74
CA HIS C 151 -7.45 38.78 -14.05
C HIS C 151 -6.23 39.56 -14.52
N TYR C 152 -6.43 40.58 -15.36
CA TYR C 152 -5.32 41.40 -15.81
C TYR C 152 -4.72 42.20 -14.66
N VAL C 153 -5.58 42.73 -13.78
CA VAL C 153 -5.10 43.58 -12.70
C VAL C 153 -4.22 42.79 -11.73
N ASN C 154 -4.66 41.59 -11.36
CA ASN C 154 -3.90 40.80 -10.40
C ASN C 154 -2.63 40.23 -11.03
N CYS C 155 -2.70 39.81 -12.29
CA CYS C 155 -1.51 39.31 -12.97
C CYS C 155 -0.60 40.42 -13.46
N LEU C 156 -1.07 41.66 -13.49
CA LEU C 156 -0.17 42.80 -13.66
C LEU C 156 0.73 42.97 -12.46
N ASP C 157 0.18 42.75 -11.25
CA ASP C 157 0.98 42.78 -10.04
C ASP C 157 2.02 41.68 -10.02
N LEU C 158 1.78 40.58 -10.75
CA LEU C 158 2.70 39.46 -10.74
C LEU C 158 4.03 39.82 -11.39
N VAL C 159 4.01 40.65 -12.43
CA VAL C 159 5.22 41.04 -13.15
C VAL C 159 5.72 42.37 -12.64
N ASN C 160 5.22 42.81 -11.48
CA ASN C 160 5.52 44.12 -10.94
C ASN C 160 5.18 45.22 -11.95
N ARG C 161 4.04 45.06 -12.62
CA ARG C 161 3.51 46.00 -13.59
C ARG C 161 4.44 46.17 -14.80
N LYS C 162 5.17 45.13 -15.18
CA LYS C 162 6.04 45.20 -16.34
C LYS C 162 5.33 44.67 -17.58
N LEU C 163 5.61 45.29 -18.72
CA LEU C 163 5.09 44.87 -20.00
C LEU C 163 6.24 44.49 -20.92
N PRO C 164 6.02 43.56 -21.87
CA PRO C 164 4.79 42.80 -22.13
C PRO C 164 4.61 41.56 -21.25
N PHE C 165 3.40 41.01 -21.22
CA PHE C 165 3.16 39.71 -20.62
C PHE C 165 1.85 39.18 -21.17
N GLY C 166 1.54 37.92 -20.85
CA GLY C 166 0.36 37.28 -21.38
C GLY C 166 -0.37 36.48 -20.31
N LEU C 167 -1.59 36.09 -20.65
CA LEU C 167 -2.42 35.23 -19.82
C LEU C 167 -3.00 34.13 -20.69
N ALA C 168 -2.76 32.88 -20.31
CA ALA C 168 -3.15 31.73 -21.11
C ALA C 168 -4.11 30.86 -20.33
N GLN C 169 -4.96 30.13 -21.06
CA GLN C 169 -6.00 29.32 -20.46
C GLN C 169 -6.56 28.36 -21.49
N ILE C 170 -6.91 27.16 -21.03
CA ILE C 170 -7.65 26.20 -21.83
C ILE C 170 -8.96 25.90 -21.09
N GLY C 171 -10.08 26.08 -21.78
CA GLY C 171 -11.37 25.90 -21.15
C GLY C 171 -12.44 25.74 -22.20
N VAL C 172 -13.64 25.37 -21.73
CA VAL C 172 -14.77 25.10 -22.62
C VAL C 172 -15.58 26.37 -22.77
N CYS C 173 -15.87 26.74 -24.01
CA CYS C 173 -16.69 27.90 -24.34
C CYS C 173 -17.93 27.43 -25.08
N PHE C 174 -19.02 28.17 -24.90
CA PHE C 174 -20.33 27.79 -25.40
C PHE C 174 -20.74 28.74 -26.51
N HIS C 175 -21.05 28.19 -27.68
CA HIS C 175 -21.53 28.98 -28.80
C HIS C 175 -22.88 28.44 -29.28
N PRO C 176 -23.88 29.30 -29.42
CA PRO C 176 -25.20 28.81 -29.84
C PRO C 176 -25.20 28.29 -31.26
N VAL C 177 -26.12 27.36 -31.53
CA VAL C 177 -26.29 26.81 -32.87
C VAL C 177 -27.76 26.56 -33.14
N ARG C 189 -29.88 25.03 -29.90
CA ARG C 189 -29.12 24.20 -28.97
C ARG C 189 -27.88 24.96 -28.48
N VAL C 190 -27.04 24.27 -27.71
CA VAL C 190 -25.80 24.83 -27.18
C VAL C 190 -24.66 23.91 -27.57
N GLY C 191 -23.62 24.49 -28.18
CA GLY C 191 -22.42 23.76 -28.50
C GLY C 191 -21.31 24.08 -27.51
N GLU C 192 -20.46 23.08 -27.25
CA GLU C 192 -19.33 23.23 -26.34
C GLU C 192 -18.03 23.14 -27.13
N LYS C 193 -17.18 24.14 -26.99
CA LYS C 193 -15.90 24.19 -27.66
C LYS C 193 -14.81 24.48 -26.65
N THR C 194 -13.77 23.64 -26.63
CA THR C 194 -12.64 23.84 -25.75
C THR C 194 -11.63 24.73 -26.47
N GLU C 195 -11.51 25.97 -26.00
CA GLU C 195 -10.64 26.96 -26.60
C GLU C 195 -9.36 27.08 -25.80
N ALA C 196 -8.23 27.18 -26.51
CA ALA C 196 -6.93 27.47 -25.92
C ALA C 196 -6.59 28.91 -26.29
N SER C 197 -6.71 29.82 -25.33
CA SER C 197 -6.61 31.23 -25.61
C SER C 197 -5.49 31.86 -24.80
N LEU C 198 -4.63 32.61 -25.49
CA LEU C 198 -3.61 33.43 -24.85
C LEU C 198 -3.93 34.89 -25.12
N VAL C 199 -4.03 35.68 -24.06
CA VAL C 199 -4.28 37.11 -24.16
C VAL C 199 -2.96 37.82 -23.88
N TRP C 200 -2.31 38.28 -24.94
CA TRP C 200 -0.97 38.87 -24.85
C TRP C 200 -1.10 40.38 -24.70
N PHE C 201 -0.59 40.92 -23.60
CA PHE C 201 -0.60 42.35 -23.34
C PHE C 201 0.73 42.94 -23.77
N THR C 202 0.71 43.78 -24.80
CA THR C 202 1.91 44.36 -25.38
C THR C 202 1.70 45.86 -25.52
N PRO C 203 2.78 46.64 -25.48
CA PRO C 203 2.64 48.08 -25.69
C PRO C 203 2.15 48.40 -27.09
N THR C 204 1.63 49.63 -27.24
CA THR C 204 1.07 50.04 -28.53
C THR C 204 2.14 50.00 -29.63
N ARG C 205 3.35 50.42 -29.31
CA ARG C 205 4.47 50.25 -30.23
C ARG C 205 4.83 48.77 -30.34
N THR C 206 5.19 48.35 -31.56
CA THR C 206 5.58 46.97 -31.88
C THR C 206 4.45 45.98 -31.64
N SER C 207 3.20 46.46 -31.61
CA SER C 207 2.07 45.53 -31.50
C SER C 207 1.92 44.71 -32.77
N SER C 208 2.12 45.34 -33.93
CA SER C 208 2.07 44.61 -35.20
C SER C 208 3.20 43.59 -35.29
N GLN C 209 4.38 43.95 -34.81
CA GLN C 209 5.51 43.01 -34.81
C GLN C 209 5.24 41.83 -33.89
N TRP C 210 4.69 42.09 -32.70
CA TRP C 210 4.35 41.00 -31.78
C TRP C 210 3.27 40.12 -32.36
N LEU C 211 2.30 40.70 -33.06
CA LEU C 211 1.28 39.89 -33.72
C LEU C 211 1.90 38.98 -34.78
N ASP C 212 2.87 39.50 -35.53
CA ASP C 212 3.59 38.65 -36.48
C ASP C 212 4.45 37.61 -35.75
N PHE C 213 4.95 37.96 -34.57
CA PHE C 213 5.72 37.01 -33.77
C PHE C 213 4.86 35.83 -33.36
N TRP C 214 3.68 36.09 -32.80
CA TRP C 214 2.76 35.02 -32.46
C TRP C 214 2.27 34.31 -33.72
N LEU C 215 1.98 35.07 -34.78
CA LEU C 215 1.51 34.46 -36.02
C LEU C 215 2.52 33.45 -36.55
N ARG C 216 3.82 33.76 -36.45
CA ARG C 216 4.83 32.80 -36.90
C ARG C 216 4.97 31.65 -35.93
N HIS C 217 4.99 31.93 -34.62
CA HIS C 217 5.13 30.86 -33.64
C HIS C 217 3.93 29.92 -33.65
N ARG C 218 2.72 30.49 -33.70
CA ARG C 218 1.52 29.65 -33.76
C ARG C 218 1.51 28.81 -35.03
N LEU C 219 1.86 29.41 -36.16
CA LEU C 219 1.93 28.64 -37.40
C LEU C 219 3.01 27.57 -37.31
N LEU C 220 4.14 27.89 -36.66
CA LEU C 220 5.18 26.88 -36.47
C LEU C 220 4.77 25.83 -35.44
N TRP C 221 4.07 26.24 -34.38
CA TRP C 221 3.61 25.27 -33.38
C TRP C 221 2.62 24.28 -33.98
N TRP C 222 1.66 24.78 -34.75
CA TRP C 222 0.69 23.87 -35.38
C TRP C 222 1.36 23.01 -36.43
N ARG C 223 2.33 23.56 -37.16
CA ARG C 223 3.07 22.79 -38.15
C ARG C 223 4.14 21.90 -37.53
N LYS C 224 4.44 22.08 -36.25
CA LYS C 224 5.47 21.26 -35.61
C LYS C 224 5.05 19.80 -35.56
N PHE C 225 3.82 19.51 -35.17
CA PHE C 225 3.30 18.16 -35.10
C PHE C 225 2.72 17.66 -36.42
N ALA C 226 2.50 18.55 -37.38
CA ALA C 226 1.77 18.20 -38.57
C ALA C 226 2.60 17.34 -39.51
N MET C 227 1.98 16.29 -40.05
CA MET C 227 2.58 15.56 -41.15
C MET C 227 2.43 16.28 -42.48
N SER C 228 1.47 17.21 -42.56
CA SER C 228 1.25 18.02 -43.76
C SER C 228 1.21 19.47 -43.31
N PRO C 229 2.37 20.07 -43.07
CA PRO C 229 2.41 21.46 -42.57
C PRO C 229 1.83 22.47 -43.55
N SER C 230 1.70 22.12 -44.83
CA SER C 230 1.11 23.04 -45.80
C SER C 230 -0.39 23.16 -45.63
N ASN C 231 -1.02 22.27 -44.84
CA ASN C 231 -2.45 22.39 -44.57
C ASN C 231 -2.78 23.51 -43.61
N PHE C 232 -1.84 23.91 -42.76
CA PHE C 232 -2.03 25.02 -41.84
C PHE C 232 -1.63 26.30 -42.55
N SER C 233 -2.53 27.27 -42.56
CA SER C 233 -2.36 28.48 -43.35
C SER C 233 -2.67 29.69 -42.51
N SER C 234 -2.08 30.83 -42.88
CA SER C 234 -2.38 32.11 -42.26
C SER C 234 -2.91 33.08 -43.31
N ALA C 235 -3.97 33.80 -42.94
CA ALA C 235 -4.61 34.74 -43.85
C ALA C 235 -4.93 36.02 -43.10
N ASP C 236 -4.75 37.15 -43.78
CA ASP C 236 -5.03 38.45 -43.17
C ASP C 236 -6.54 38.70 -43.14
N CYS C 237 -7.04 39.09 -41.98
CA CYS C 237 -8.46 39.39 -41.80
C CYS C 237 -8.59 40.64 -40.95
N GLN C 238 -9.75 41.28 -41.05
CA GLN C 238 -10.01 42.53 -40.34
C GLN C 238 -11.28 42.39 -39.51
N ASP C 239 -11.25 43.02 -38.33
CA ASP C 239 -12.41 43.02 -37.44
C ASP C 239 -13.49 43.94 -37.99
N GLU C 240 -14.71 43.77 -37.47
CA GLU C 240 -15.82 44.62 -37.88
C GLU C 240 -15.55 46.09 -37.50
N LEU C 241 -14.86 46.30 -36.38
CA LEU C 241 -14.46 47.65 -35.97
C LEU C 241 -13.20 48.13 -36.70
N GLY C 242 -12.75 47.40 -37.72
CA GLY C 242 -11.59 47.79 -38.49
C GLY C 242 -10.25 47.39 -37.89
N ARG C 243 -10.26 46.73 -36.73
CA ARG C 243 -9.00 46.33 -36.09
C ARG C 243 -8.33 45.22 -36.88
N LYS C 244 -7.01 45.31 -36.99
CA LYS C 244 -6.25 44.33 -37.74
C LYS C 244 -6.20 42.99 -37.01
N GLY C 245 -5.94 41.93 -37.76
CA GLY C 245 -5.88 40.60 -37.18
C GLY C 245 -5.47 39.58 -38.21
N SER C 246 -5.45 38.32 -37.77
CA SER C 246 -5.07 37.21 -38.63
C SER C 246 -5.82 35.97 -38.19
N LYS C 247 -5.91 34.99 -39.09
CA LYS C 247 -6.55 33.72 -38.81
C LYS C 247 -5.63 32.59 -39.23
N LEU C 248 -5.73 31.47 -38.50
CA LEU C 248 -5.06 30.22 -38.87
C LEU C 248 -6.13 29.22 -39.26
N TYR C 249 -6.01 28.67 -40.46
CA TYR C 249 -6.95 27.68 -40.96
C TYR C 249 -6.33 26.29 -40.92
N TYR C 250 -7.18 25.29 -41.12
CA TYR C 250 -6.72 23.94 -41.40
C TYR C 250 -7.58 23.40 -42.55
N SER C 251 -6.92 22.89 -43.58
CA SER C 251 -7.62 22.45 -44.79
C SER C 251 -8.27 21.09 -44.52
N PHE C 252 -9.41 21.15 -43.82
CA PHE C 252 -10.24 19.98 -43.67
C PHE C 252 -10.73 19.51 -45.04
N PRO C 253 -11.08 18.24 -45.19
CA PRO C 253 -11.50 17.75 -46.51
C PRO C 253 -12.73 18.47 -47.07
N TRP C 254 -13.53 19.12 -46.23
CA TRP C 254 -14.64 19.93 -46.72
C TRP C 254 -14.27 21.39 -46.92
N GLY C 255 -13.21 21.87 -46.29
CA GLY C 255 -12.82 23.25 -46.44
C GLY C 255 -11.99 23.71 -45.25
N LYS C 256 -11.36 24.86 -45.43
CA LYS C 256 -10.50 25.42 -44.39
C LYS C 256 -11.34 26.05 -43.28
N GLU C 257 -11.11 25.61 -42.05
CA GLU C 257 -11.82 26.08 -40.88
C GLU C 257 -10.87 26.82 -39.95
N PRO C 258 -11.31 27.95 -39.37
CA PRO C 258 -10.39 28.76 -38.55
C PRO C 258 -10.10 28.14 -37.19
N ILE C 259 -9.13 27.22 -37.15
CA ILE C 259 -8.74 26.58 -35.90
C ILE C 259 -8.10 27.56 -34.94
N GLU C 260 -7.63 28.71 -35.44
CA GLU C 260 -6.97 29.69 -34.58
C GLU C 260 -7.12 31.07 -35.20
N THR C 261 -7.37 32.07 -34.36
CA THR C 261 -7.62 33.42 -34.82
C THR C 261 -6.94 34.42 -33.89
N LEU C 262 -6.17 35.33 -34.46
CA LEU C 262 -5.47 36.37 -33.70
C LEU C 262 -6.08 37.72 -34.05
N TRP C 263 -6.51 38.45 -33.03
CA TRP C 263 -7.08 39.78 -33.21
C TRP C 263 -6.28 40.79 -32.40
N ASN C 264 -5.90 41.90 -33.05
CA ASN C 264 -5.25 43.01 -32.37
C ASN C 264 -6.34 43.89 -31.79
N LEU C 265 -6.74 43.57 -30.56
CA LEU C 265 -7.91 44.21 -29.95
C LEU C 265 -7.66 45.66 -29.57
N GLY C 266 -6.41 46.07 -29.40
CA GLY C 266 -6.16 47.38 -28.85
C GLY C 266 -6.55 47.43 -27.39
N ASP C 267 -6.91 48.62 -26.91
CA ASP C 267 -7.27 48.81 -25.52
C ASP C 267 -8.76 49.02 -25.30
N GLN C 268 -9.58 48.96 -26.36
CA GLN C 268 -11.00 49.16 -26.18
C GLN C 268 -11.63 48.05 -25.35
N GLU C 269 -11.22 46.81 -25.59
CA GLU C 269 -11.74 45.69 -24.80
C GLU C 269 -11.28 45.78 -23.35
N LEU C 270 -10.01 46.13 -23.12
CA LEU C 270 -9.50 46.24 -21.76
C LEU C 270 -10.13 47.42 -21.03
N LEU C 271 -10.33 48.54 -21.72
CA LEU C 271 -10.96 49.69 -21.08
C LEU C 271 -12.44 49.43 -20.81
N HIS C 272 -13.06 48.53 -21.57
CA HIS C 272 -14.46 48.20 -21.31
C HIS C 272 -14.63 47.55 -19.94
N THR C 273 -13.76 46.59 -19.61
CA THR C 273 -13.85 45.94 -18.30
C THR C 273 -13.32 46.84 -17.18
N TYR C 274 -12.49 47.82 -17.50
CA TYR C 274 -11.92 48.73 -16.51
C TYR C 274 -12.18 50.17 -16.94
N PRO C 275 -13.38 50.69 -16.67
CA PRO C 275 -13.67 52.09 -16.97
C PRO C 275 -13.23 53.02 -15.85
N GLY C 276 -13.16 54.30 -16.17
CA GLY C 276 -12.85 55.31 -15.18
C GLY C 276 -11.36 55.55 -14.97
N ASN C 277 -10.86 55.16 -13.79
CA ASN C 277 -9.47 55.38 -13.46
C ASN C 277 -8.57 54.60 -14.41
N VAL C 278 -7.44 55.19 -14.80
CA VAL C 278 -6.55 54.53 -15.74
C VAL C 278 -5.26 54.03 -15.08
N SER C 279 -4.95 54.55 -13.90
CA SER C 279 -3.69 54.18 -13.26
C SER C 279 -3.55 52.67 -13.09
N THR C 280 -4.64 52.00 -12.71
CA THR C 280 -4.61 50.56 -12.49
C THR C 280 -4.52 49.77 -13.80
N ILE C 281 -4.62 50.43 -14.96
CA ILE C 281 -4.62 49.73 -16.23
C ILE C 281 -3.28 49.94 -16.93
N GLN C 282 -2.60 51.04 -16.61
CA GLN C 282 -1.35 51.36 -17.28
C GLN C 282 -0.23 50.45 -16.82
N GLY C 283 0.48 49.87 -17.77
CA GLY C 283 1.67 49.10 -17.47
C GLY C 283 2.93 49.93 -17.58
N ARG C 284 3.95 49.53 -16.84
CA ARG C 284 5.21 50.27 -16.77
C ARG C 284 6.08 49.83 -17.94
N ASP C 285 6.07 50.61 -19.01
CA ASP C 285 6.97 50.38 -20.13
C ASP C 285 8.36 50.92 -19.79
N GLY C 286 9.29 50.75 -20.73
CA GLY C 286 10.67 51.12 -20.48
C GLY C 286 10.90 52.61 -20.32
N ARG C 287 9.96 53.45 -20.75
CA ARG C 287 10.11 54.89 -20.65
C ARG C 287 8.90 55.62 -20.09
N LYS C 288 7.71 55.02 -20.13
CA LYS C 288 6.50 55.69 -19.65
C LYS C 288 5.45 54.65 -19.35
N ASN C 289 4.40 55.08 -18.65
CA ASN C 289 3.25 54.21 -18.40
C ASN C 289 2.35 54.20 -19.62
N VAL C 290 2.18 53.03 -20.22
CA VAL C 290 1.40 52.86 -21.44
C VAL C 290 0.37 51.77 -21.24
N VAL C 291 -0.88 52.07 -21.56
CA VAL C 291 -1.94 51.05 -21.54
C VAL C 291 -1.62 50.03 -22.62
N PRO C 292 -1.54 48.75 -22.30
CA PRO C 292 -1.10 47.77 -23.29
C PRO C 292 -2.19 47.42 -24.29
N CYS C 293 -1.85 47.47 -25.57
CA CYS C 293 -2.73 46.92 -26.59
C CYS C 293 -2.82 45.41 -26.41
N VAL C 294 -4.04 44.89 -26.51
CA VAL C 294 -4.35 43.51 -26.17
C VAL C 294 -4.34 42.69 -27.44
N LEU C 295 -3.44 41.71 -27.52
CA LEU C 295 -3.43 40.73 -28.59
C LEU C 295 -4.16 39.48 -28.10
N SER C 296 -5.14 39.02 -28.88
CA SER C 296 -5.97 37.88 -28.50
C SER C 296 -5.60 36.71 -29.39
N VAL C 297 -4.67 35.89 -28.91
CA VAL C 297 -4.28 34.65 -29.59
C VAL C 297 -5.24 33.57 -29.09
N SER C 298 -6.15 33.15 -29.96
CA SER C 298 -7.22 32.22 -29.59
C SER C 298 -7.23 31.03 -30.54
N GLY C 299 -7.27 29.83 -29.98
CA GLY C 299 -7.28 28.62 -30.78
C GLY C 299 -8.16 27.57 -30.14
N ASP C 300 -8.66 26.66 -30.98
CA ASP C 300 -9.63 25.65 -30.59
C ASP C 300 -8.96 24.29 -30.58
N VAL C 301 -8.94 23.63 -29.42
CA VAL C 301 -8.31 22.32 -29.32
C VAL C 301 -9.29 21.20 -29.63
N ASP C 302 -10.59 21.41 -29.40
CA ASP C 302 -11.59 20.46 -29.88
C ASP C 302 -11.56 20.40 -31.40
N LEU C 303 -11.50 21.55 -32.06
CA LEU C 303 -11.35 21.59 -33.50
C LEU C 303 -9.92 21.28 -33.93
N GLY C 304 -8.94 21.60 -33.09
CA GLY C 304 -7.57 21.22 -33.38
C GLY C 304 -7.37 19.72 -33.37
N THR C 305 -7.98 19.03 -32.40
CA THR C 305 -7.85 17.58 -32.34
C THR C 305 -8.43 16.91 -33.57
N LEU C 306 -9.54 17.43 -34.09
CA LEU C 306 -10.07 16.95 -35.36
C LEU C 306 -9.06 17.14 -36.49
N ALA C 307 -8.33 18.27 -36.46
CA ALA C 307 -7.32 18.51 -37.48
C ALA C 307 -6.22 17.45 -37.42
N TYR C 308 -5.71 17.17 -36.22
CA TYR C 308 -4.63 16.20 -36.09
C TYR C 308 -5.13 14.77 -36.27
N LEU C 309 -6.44 14.54 -36.08
CA LEU C 309 -7.02 13.26 -36.46
C LEU C 309 -7.12 13.13 -37.98
N TYR C 310 -7.53 14.21 -38.65
CA TYR C 310 -7.54 14.20 -40.12
C TYR C 310 -6.13 14.23 -40.68
N ASP C 311 -5.23 14.97 -40.02
CA ASP C 311 -3.86 15.09 -40.51
C ASP C 311 -3.12 13.75 -40.45
N SER C 312 -3.33 12.98 -39.39
CA SER C 312 -2.68 11.69 -39.24
C SER C 312 -3.16 10.66 -40.26
N PHE C 313 -4.44 10.66 -40.58
CA PHE C 313 -4.99 9.68 -41.50
C PHE C 313 -4.80 10.11 -42.95
N LYS C 329 -4.31 2.11 -42.53
CA LYS C 329 -5.13 1.90 -41.35
C LYS C 329 -4.38 2.34 -40.09
N VAL C 330 -3.51 3.32 -40.26
CA VAL C 330 -2.69 3.80 -39.14
C VAL C 330 -2.75 5.30 -38.95
N LEU C 331 -3.10 5.71 -37.75
CA LEU C 331 -3.14 7.11 -37.39
C LEU C 331 -1.73 7.51 -36.96
N LYS C 332 -1.00 8.18 -37.85
CA LYS C 332 0.37 8.61 -37.56
C LYS C 332 0.39 9.92 -36.78
N LEU C 333 -0.17 9.87 -35.59
CA LEU C 333 -0.09 11.00 -34.68
C LEU C 333 1.37 11.23 -34.27
N HIS C 334 1.70 12.50 -34.02
CA HIS C 334 3.04 12.85 -33.59
C HIS C 334 3.37 12.15 -32.27
N PRO C 335 4.61 11.71 -32.09
CA PRO C 335 4.97 11.00 -30.85
C PRO C 335 4.61 11.75 -29.58
N CYS C 336 4.53 13.07 -29.63
CA CYS C 336 4.10 13.84 -28.48
C CYS C 336 2.58 13.93 -28.36
N LEU C 337 1.84 13.40 -29.32
CA LEU C 337 0.39 13.50 -29.32
C LEU C 337 -0.33 12.16 -29.27
N ALA C 338 0.32 11.06 -29.65
CA ALA C 338 -0.32 9.76 -29.61
C ALA C 338 -0.71 9.43 -28.18
N PRO C 339 -1.97 9.09 -27.91
CA PRO C 339 -2.39 8.88 -26.51
C PRO C 339 -1.81 7.62 -25.89
N ILE C 340 -1.52 6.61 -26.70
CA ILE C 340 -1.00 5.33 -26.22
C ILE C 340 0.39 5.16 -26.81
N LYS C 341 1.38 5.00 -25.95
CA LYS C 341 2.77 4.85 -26.38
C LYS C 341 3.17 3.39 -26.52
N VAL C 342 2.84 2.57 -25.53
CA VAL C 342 3.32 1.19 -25.45
C VAL C 342 2.12 0.25 -25.34
N ALA C 343 2.17 -0.83 -26.09
CA ALA C 343 1.18 -1.90 -26.02
C ALA C 343 1.87 -3.16 -25.52
N LEU C 344 1.48 -3.60 -24.32
CA LEU C 344 2.06 -4.78 -23.69
C LEU C 344 1.11 -5.96 -23.84
N ASP C 345 1.68 -7.12 -24.15
CA ASP C 345 0.90 -8.34 -24.34
C ASP C 345 1.73 -9.53 -23.89
N VAL C 346 1.07 -10.68 -23.77
CA VAL C 346 1.73 -11.95 -23.50
C VAL C 346 1.63 -12.81 -24.75
N GLY C 347 2.76 -13.35 -25.19
CA GLY C 347 2.79 -14.12 -26.41
C GLY C 347 2.16 -15.49 -26.29
N LYS C 348 2.57 -16.26 -25.29
CA LYS C 348 2.12 -17.63 -25.10
C LYS C 348 2.06 -17.91 -23.60
N GLY C 349 2.04 -19.19 -23.24
CA GLY C 349 2.27 -19.59 -21.87
C GLY C 349 3.76 -19.63 -21.56
N PRO C 350 4.08 -19.65 -20.25
CA PRO C 350 3.18 -19.64 -19.08
C PRO C 350 2.56 -18.27 -18.84
N THR C 351 1.22 -18.21 -18.79
CA THR C 351 0.53 -16.94 -18.59
C THR C 351 0.88 -16.33 -17.24
N VAL C 352 0.96 -17.15 -16.19
CA VAL C 352 1.27 -16.64 -14.86
C VAL C 352 2.67 -16.04 -14.82
N GLU C 353 3.64 -16.72 -15.44
CA GLU C 353 5.02 -16.21 -15.41
C GLU C 353 5.16 -14.97 -16.28
N LEU C 354 4.62 -14.98 -17.49
CA LEU C 354 4.75 -13.83 -18.38
C LEU C 354 4.03 -12.61 -17.83
N ARG C 355 2.85 -12.80 -17.25
CA ARG C 355 2.09 -11.67 -16.74
C ARG C 355 2.81 -10.96 -15.60
N GLN C 356 3.65 -11.69 -14.88
CA GLN C 356 4.42 -11.03 -13.82
C GLN C 356 5.49 -10.17 -14.46
N VAL C 357 6.09 -10.66 -15.53
CA VAL C 357 7.08 -9.85 -16.25
C VAL C 357 6.43 -8.59 -16.80
N CYS C 358 5.26 -8.72 -17.44
CA CYS C 358 4.57 -7.57 -17.99
C CYS C 358 4.16 -6.59 -16.89
N GLN C 359 3.62 -7.11 -15.78
CA GLN C 359 3.21 -6.22 -14.69
C GLN C 359 4.41 -5.51 -14.09
N GLY C 360 5.54 -6.19 -13.97
CA GLY C 360 6.77 -5.52 -13.57
C GLY C 360 7.25 -4.53 -14.62
N LEU C 361 7.17 -4.93 -15.90
CA LEU C 361 7.53 -4.02 -16.98
C LEU C 361 6.56 -2.84 -17.04
N LEU C 362 5.26 -3.11 -16.88
CA LEU C 362 4.27 -2.04 -16.92
C LEU C 362 4.51 -1.03 -15.81
N ASN C 363 4.80 -1.51 -14.60
CA ASN C 363 5.01 -0.59 -13.48
C ASN C 363 6.23 0.30 -13.71
N GLU C 364 7.24 -0.22 -14.41
CA GLU C 364 8.42 0.59 -14.70
C GLU C 364 8.09 1.71 -15.69
N LEU C 365 7.39 1.38 -16.78
CA LEU C 365 7.05 2.39 -17.77
C LEU C 365 6.11 3.44 -17.21
N LEU C 366 5.13 3.01 -16.41
CA LEU C 366 4.18 3.97 -15.84
C LEU C 366 4.87 4.94 -14.89
N GLU C 367 5.85 4.47 -14.13
CA GLU C 367 6.60 5.37 -13.25
C GLU C 367 7.48 6.34 -14.03
N ASN C 368 7.77 6.03 -15.29
CA ASN C 368 8.58 6.90 -16.13
C ASN C 368 7.74 7.87 -16.96
N GLY C 369 6.43 7.92 -16.73
CA GLY C 369 5.57 8.84 -17.45
C GLY C 369 5.13 8.38 -18.83
N ILE C 370 5.37 7.13 -19.19
CA ILE C 370 5.01 6.61 -20.49
C ILE C 370 3.68 5.88 -20.38
N SER C 371 2.71 6.31 -21.18
CA SER C 371 1.39 5.69 -21.16
C SER C 371 1.45 4.34 -21.87
N VAL C 372 0.85 3.32 -21.23
CA VAL C 372 0.90 1.95 -21.71
C VAL C 372 -0.51 1.41 -21.83
N TRP C 373 -0.71 0.45 -22.73
CA TRP C 373 -1.99 -0.21 -22.88
C TRP C 373 -1.85 -1.67 -22.45
N PRO C 374 -2.29 -2.04 -21.25
CA PRO C 374 -2.10 -3.42 -20.77
C PRO C 374 -3.00 -4.42 -21.48
N GLY C 375 -2.58 -4.80 -22.69
CA GLY C 375 -3.37 -5.72 -23.49
C GLY C 375 -3.29 -7.16 -23.03
N TYR C 376 -2.33 -7.49 -22.18
CA TYR C 376 -2.20 -8.87 -21.70
C TYR C 376 -3.36 -9.27 -20.79
N SER C 377 -4.09 -8.30 -20.24
CA SER C 377 -5.19 -8.60 -19.33
C SER C 377 -6.40 -9.20 -20.03
N GLU C 378 -6.45 -9.18 -21.36
CA GLU C 378 -7.59 -9.71 -22.09
C GLU C 378 -7.53 -11.22 -22.13
N THR C 379 -8.69 -11.87 -22.01
CA THR C 379 -8.77 -13.31 -22.09
C THR C 379 -8.97 -13.82 -23.51
N VAL C 380 -9.30 -12.94 -24.45
CA VAL C 380 -9.49 -13.31 -25.84
C VAL C 380 -8.14 -13.27 -26.56
N HIS C 381 -8.04 -13.99 -27.67
CA HIS C 381 -6.81 -14.06 -28.45
C HIS C 381 -7.10 -13.78 -29.91
N SER C 382 -6.10 -13.22 -30.59
CA SER C 382 -6.18 -12.94 -32.01
C SER C 382 -4.78 -13.07 -32.61
N SER C 383 -4.73 -13.19 -33.93
CA SER C 383 -3.45 -13.34 -34.61
C SER C 383 -2.61 -12.08 -34.44
N LEU C 384 -1.29 -12.25 -34.59
CA LEU C 384 -0.38 -11.14 -34.38
C LEU C 384 -0.65 -9.98 -35.35
N GLU C 385 -1.00 -10.30 -36.59
CA GLU C 385 -1.32 -9.24 -37.55
C GLU C 385 -2.56 -8.46 -37.12
N GLN C 386 -3.58 -9.16 -36.60
CA GLN C 386 -4.78 -8.48 -36.13
C GLN C 386 -4.45 -7.55 -34.97
N LEU C 387 -3.47 -7.91 -34.14
CA LEU C 387 -3.00 -6.99 -33.10
C LEU C 387 -2.31 -5.78 -33.72
N HIS C 388 -1.51 -6.00 -34.77
CA HIS C 388 -0.78 -4.89 -35.39
C HIS C 388 -1.74 -3.88 -36.02
N SER C 389 -2.73 -4.36 -36.77
CA SER C 389 -3.71 -3.46 -37.37
C SER C 389 -4.56 -2.79 -36.30
N LYS C 390 -4.87 -3.51 -35.22
CA LYS C 390 -5.63 -2.91 -34.13
C LYS C 390 -4.86 -1.77 -33.48
N TYR C 391 -3.56 -1.97 -33.27
CA TYR C 391 -2.77 -0.97 -32.56
C TYR C 391 -2.46 0.24 -33.44
N ASP C 392 -2.21 0.03 -34.74
CA ASP C 392 -1.89 1.14 -35.62
C ASP C 392 -3.03 2.15 -35.67
N GLU C 393 -4.26 1.69 -35.92
CA GLU C 393 -5.39 2.60 -35.94
C GLU C 393 -5.72 3.15 -34.57
N MET C 394 -5.13 2.60 -33.51
CA MET C 394 -5.18 3.20 -32.19
C MET C 394 -4.04 4.17 -31.94
N SER C 395 -3.18 4.38 -32.94
CA SER C 395 -2.02 5.28 -32.82
C SER C 395 -1.09 4.87 -31.69
N VAL C 396 -0.84 3.56 -31.55
CA VAL C 396 0.10 3.08 -30.56
C VAL C 396 1.51 3.18 -31.12
N LEU C 397 2.38 3.88 -30.41
CA LEU C 397 3.73 4.13 -30.92
C LEU C 397 4.54 2.84 -31.03
N PHE C 398 4.57 2.04 -29.97
CA PHE C 398 5.36 0.82 -29.96
C PHE C 398 4.55 -0.33 -29.38
N SER C 399 4.71 -1.51 -29.98
CA SER C 399 4.07 -2.73 -29.51
C SER C 399 5.13 -3.68 -28.95
N VAL C 400 4.96 -4.07 -27.69
CA VAL C 400 5.91 -4.91 -26.97
C VAL C 400 5.27 -6.26 -26.70
N LEU C 401 6.00 -7.33 -26.95
CA LEU C 401 5.52 -8.69 -26.78
C LEU C 401 6.46 -9.44 -25.84
N VAL C 402 5.90 -9.99 -24.76
CA VAL C 402 6.66 -10.75 -23.77
C VAL C 402 6.38 -12.22 -24.02
N THR C 403 7.36 -12.92 -24.59
CA THR C 403 7.25 -14.35 -24.90
C THR C 403 8.04 -15.16 -23.88
N GLU C 404 8.18 -16.47 -24.15
CA GLU C 404 9.00 -17.33 -23.31
C GLU C 404 10.46 -16.89 -23.34
N THR C 405 10.95 -16.45 -24.49
CA THR C 405 12.33 -15.99 -24.62
C THR C 405 12.64 -14.84 -23.68
N THR C 406 11.63 -14.05 -23.28
CA THR C 406 11.84 -13.01 -22.28
C THR C 406 12.31 -13.61 -20.96
N LEU C 407 11.81 -14.80 -20.63
CA LEU C 407 12.21 -15.46 -19.39
C LEU C 407 13.60 -16.07 -19.49
N GLU C 408 14.11 -16.30 -20.70
CA GLU C 408 15.39 -16.96 -20.88
C GLU C 408 16.56 -15.98 -20.94
N ASN C 409 16.47 -14.96 -21.80
CA ASN C 409 17.53 -13.98 -21.92
C ASN C 409 17.04 -12.54 -21.86
N GLY C 410 15.73 -12.31 -21.75
CA GLY C 410 15.20 -10.97 -21.61
C GLY C 410 14.93 -10.22 -22.88
N LEU C 411 15.20 -10.82 -24.04
CA LEU C 411 14.93 -10.14 -25.31
C LEU C 411 13.44 -10.14 -25.60
N ILE C 412 12.91 -8.98 -25.96
CA ILE C 412 11.50 -8.81 -26.30
C ILE C 412 11.39 -8.24 -27.70
N GLN C 413 10.19 -8.32 -28.26
CA GLN C 413 9.94 -7.81 -29.60
C GLN C 413 9.34 -6.42 -29.53
N LEU C 414 9.98 -5.46 -30.20
CA LEU C 414 9.57 -4.06 -30.16
C LEU C 414 9.21 -3.63 -31.58
N ARG C 415 7.92 -3.44 -31.84
CA ARG C 415 7.44 -3.01 -33.14
C ARG C 415 7.22 -1.51 -33.15
N SER C 416 7.65 -0.87 -34.22
CA SER C 416 7.51 0.57 -34.33
C SER C 416 6.35 0.89 -35.23
N ARG C 417 5.52 1.83 -34.82
CA ARG C 417 4.33 2.18 -35.59
C ARG C 417 4.70 2.80 -36.93
N ASP C 418 5.70 3.68 -36.94
CA ASP C 418 6.02 4.41 -38.16
C ASP C 418 6.76 3.57 -39.20
N THR C 419 7.57 2.62 -38.75
CA THR C 419 8.39 1.86 -39.69
C THR C 419 7.99 0.39 -39.88
N THR C 420 7.13 -0.12 -39.02
CA THR C 420 6.68 -1.51 -39.14
C THR C 420 7.81 -2.54 -38.93
N MET C 421 8.94 -2.11 -38.38
CA MET C 421 10.01 -3.04 -38.10
C MET C 421 9.99 -3.48 -36.64
N LYS C 422 10.28 -4.75 -36.41
CA LYS C 422 10.33 -5.33 -35.07
C LYS C 422 11.78 -5.40 -34.63
N GLU C 423 12.10 -4.73 -33.53
CA GLU C 423 13.45 -4.72 -32.99
C GLU C 423 13.52 -5.59 -31.74
N MET C 424 14.55 -6.41 -31.66
CA MET C 424 14.76 -7.29 -30.51
C MET C 424 15.60 -6.54 -29.48
N MET C 425 15.01 -6.29 -28.31
CA MET C 425 15.63 -5.44 -27.31
C MET C 425 15.52 -6.07 -25.94
N HIS C 426 16.55 -5.89 -25.13
CA HIS C 426 16.54 -6.40 -23.77
C HIS C 426 15.50 -5.67 -22.94
N ILE C 427 15.02 -6.33 -21.89
CA ILE C 427 13.99 -5.76 -21.02
C ILE C 427 14.50 -4.47 -20.37
N SER C 428 15.73 -4.50 -19.85
CA SER C 428 16.28 -3.33 -19.17
C SER C 428 16.49 -2.17 -20.13
N LYS C 429 16.80 -2.45 -21.39
CA LYS C 429 17.03 -1.41 -22.38
C LYS C 429 15.75 -0.88 -22.99
N LEU C 430 14.59 -1.46 -22.66
CA LEU C 430 13.34 -1.00 -23.26
C LEU C 430 13.00 0.42 -22.80
N ARG C 431 13.04 0.67 -21.50
CA ARG C 431 12.65 1.98 -20.99
C ARG C 431 13.61 3.08 -21.46
N ASP C 432 14.90 2.75 -21.56
CA ASP C 432 15.86 3.73 -22.05
C ASP C 432 15.57 4.13 -23.49
N PHE C 433 15.22 3.16 -24.34
CA PHE C 433 14.91 3.46 -25.73
C PHE C 433 13.65 4.30 -25.85
N LEU C 434 12.62 3.97 -25.07
CA LEU C 434 11.35 4.69 -25.16
C LEU C 434 11.50 6.15 -24.73
N VAL C 435 12.24 6.39 -23.64
CA VAL C 435 12.43 7.78 -23.19
C VAL C 435 13.26 8.56 -24.20
N LYS C 436 14.28 7.91 -24.78
CA LYS C 436 15.11 8.59 -25.77
C LYS C 436 14.30 8.99 -27.00
N TYR C 437 13.46 8.08 -27.49
CA TYR C 437 12.67 8.38 -28.69
C TYR C 437 11.70 9.51 -28.45
N LEU C 438 11.02 9.51 -27.29
CA LEU C 438 10.07 10.57 -26.99
C LEU C 438 10.76 11.90 -26.77
N ALA C 439 11.93 11.89 -26.12
CA ALA C 439 12.65 13.14 -25.88
C ALA C 439 13.12 13.77 -27.18
N SER C 440 13.63 12.96 -28.10
CA SER C 440 14.12 13.50 -29.38
C SER C 440 12.98 14.10 -30.20
N ALA C 441 11.81 13.45 -30.18
CA ALA C 441 10.68 13.95 -30.95
C ALA C 441 10.16 15.27 -30.38
N SER C 442 10.23 15.45 -29.06
CA SER C 442 9.76 16.70 -28.46
C SER C 442 10.61 17.87 -28.92
N ASN C 443 11.92 17.69 -29.01
CA ASN C 443 12.83 18.76 -29.41
C ASN C 443 12.80 18.96 -30.92
#